data_5W0K
#
_entry.id   5W0K
#
_cell.length_a   96.380
_cell.length_b   133.130
_cell.length_c   254.130
_cell.angle_alpha   90.000
_cell.angle_beta   90.000
_cell.angle_gamma   90.000
#
_symmetry.space_group_name_H-M   'P 21 21 21'
#
loop_
_entity.id
_entity.type
_entity.pdbx_description
1 polymer 'Envelope glycoprotein H'
2 polymer 'Envelope glycoprotein L'
3 polymer 'CL40 IgG heavy chain'
4 polymer 'CL40 IgG light chain'
5 polymer 'Glycoprotein 42'
#
loop_
_entity_poly.entity_id
_entity_poly.type
_entity_poly.pdbx_seq_one_letter_code
_entity_poly.pdbx_strand_id
1 'polypeptide(L)'
;LSEVKLHLDIEGHASHYTIPWTELMAKVPGLSPEALWREANVTEDLASMLNRYKLIYKTSGTLGIALAEPVDIPAVSEGS
MQVDASKVHPGVISGLNSPACMLSAPLEKQLFYYIGTMLPNTRPHSYVFYQLRCHLSYVALSINGDKFQYTGAMTSKFLM
GTYKRVTEKGDEHVLSLVFGKTKDLPDLRGPFSYPSLTSAQSGDYSLVIVTTFVHYANFHNYFVPNLKDMFSRAVTMTAA
SYARYVLQKLVLLEMKGGCREPELDTETLTTMFEVSVAFFKVGHAVGETGNGCVDLRWLAKSFFELTVLKDIIGICYGAT
VKGMQSYGLERLAAMLMATVKMEELGHLTTEKQEYALRLATVGYPKAGVYSGLIGGATSVLLSAYNRHPLFQPLHTVMRE
TLFIGSHVVLRELRLNVTTQGPNLALYQLLSTALCSALEIGEVLRGLALGTESGLFSPCYLSLRFDLTRDKLLSMAPQEA
TLDQAAVSNAVDGFLGRLSLEREDRDAWHLPAYKCVDRLDKVLMIIPLINVTFIISSDREVRGSALYEASTTYLSSSLFL
SPVIMNKCSQGAVAGEPRQIPKIQNFTRTQKSCIFCGFALLSYDEKEGLETTTYITSQEVQNSILSSNYFDFDNLHVHYL
LLTTNGTVMEIAGLYEERAH
;
A,C
2 'polypeptide(L)'
;WAYPCCHVTQLRAQHLLALENISDIYLVSNQTCDGFSLASLNSPKNGSNQLVISRCANGLNVVSFFISILKRSSSALTGH
LRELLTTLETLYGSFSVEDLFGANLNRYAWHRGG
;
B,D
3 'polypeptide(L)'
;EVKLQQSGAELVMPGASVKMSCKASGYTFTDYWMHWVKQRPGQGLEWIGAIDTSDSYTSYNQKFKGKATLTVDESSSTAY
MQLSSLTSEDSAVYYCARGLLPFDYWGQGTTLTVSSAKTTPPSVYPLAPGSAAQTNSMVTLGCLVKGYFPEPVTVTWNSG
SLSSGVHTFPAVLQSDLYTLSSSVTVPSSTWPSETVTCNVAHPASSTKVDKKIVPRD
;
H,E
4 'polypeptide(L)'
;DIVMTQSQKFMSTSVGDRVSVTCKASQNVGTNVAWYQQKPGQSPKALIYSASYRYSGVPDRFTGSGSGTDFTLTISNVQS
EDLAKYFCQQYNSYPYTFGGGTKLEIKRADAAPTVSIFPPSSEQLTSGGASVVCFLNNFYPKDINVKWKIDGSERQNGVL
NSWTDQDSKDSTYSMSSTLTLTKDEYERHNSYTCEATHKTSTSPIVKSFNRNE
;
L,F
5 'polypeptide(L)' KPNVEVWPVDPPPPVNFNKTAEQEYGDKEVKLPHW X,Y
#
# COMPACT_ATOMS: atom_id res chain seq x y z
N LEU A 1 -2.75 55.69 -48.00
CA LEU A 1 -3.52 56.62 -48.82
C LEU A 1 -3.66 57.97 -48.09
N SER A 2 -3.00 58.11 -46.95
CA SER A 2 -3.11 59.32 -46.13
C SER A 2 -2.01 59.27 -45.08
N GLU A 3 -2.08 60.18 -44.11
CA GLU A 3 -1.20 60.22 -42.96
C GLU A 3 -1.96 59.78 -41.71
N VAL A 4 -1.20 59.27 -40.73
CA VAL A 4 -1.76 58.89 -39.43
C VAL A 4 -0.77 59.28 -38.35
N LYS A 5 -1.29 59.88 -37.27
CA LYS A 5 -0.51 60.24 -36.10
C LYS A 5 -0.71 59.19 -35.02
N LEU A 6 0.38 58.80 -34.36
CA LEU A 6 0.37 57.71 -33.40
C LEU A 6 0.84 58.23 -32.04
N HIS A 7 -0.11 58.41 -31.12
CA HIS A 7 0.18 58.90 -29.77
C HIS A 7 0.30 57.72 -28.81
N LEU A 8 1.15 57.88 -27.80
CA LEU A 8 1.38 56.82 -26.82
C LEU A 8 2.05 57.40 -25.59
N ASP A 9 1.94 56.65 -24.48
CA ASP A 9 2.45 57.07 -23.19
C ASP A 9 3.79 56.39 -22.89
N ILE A 10 4.83 57.20 -22.68
CA ILE A 10 6.16 56.72 -22.31
C ILE A 10 6.48 57.30 -20.94
N GLU A 11 6.47 56.47 -19.90
CA GLU A 11 6.91 56.88 -18.57
C GLU A 11 6.18 58.14 -18.11
N GLY A 12 5.00 58.39 -18.64
CA GLY A 12 4.16 59.48 -18.19
C GLY A 12 4.16 60.72 -19.06
N HIS A 13 4.65 60.63 -20.31
CA HIS A 13 4.68 61.76 -21.22
C HIS A 13 3.87 61.41 -22.45
N ALA A 14 3.08 62.38 -22.92
CA ALA A 14 2.20 62.16 -24.07
C ALA A 14 3.00 62.38 -25.37
N SER A 15 3.79 61.37 -25.72
CA SER A 15 4.56 61.42 -26.95
C SER A 15 3.69 60.99 -28.12
N HIS A 16 4.02 61.52 -29.31
CA HIS A 16 3.29 61.19 -30.52
C HIS A 16 4.27 61.08 -31.67
N TYR A 17 3.95 60.20 -32.62
CA TYR A 17 4.76 60.01 -33.82
C TYR A 17 3.84 60.04 -35.04
N THR A 18 4.37 60.55 -36.14
CA THR A 18 3.63 60.66 -37.40
C THR A 18 4.26 59.71 -38.40
N ILE A 19 3.45 58.76 -38.89
CA ILE A 19 3.90 57.78 -39.87
C ILE A 19 3.28 58.18 -41.22
N PRO A 20 4.07 58.59 -42.21
CA PRO A 20 3.52 58.88 -43.53
C PRO A 20 3.50 57.65 -44.42
N TRP A 21 2.45 57.58 -45.25
CA TRP A 21 2.32 56.48 -46.20
C TRP A 21 2.52 56.89 -47.65
N THR A 22 2.19 58.14 -48.00
CA THR A 22 2.50 58.64 -49.34
C THR A 22 3.97 58.44 -49.67
N GLU A 23 4.86 58.76 -48.74
CA GLU A 23 6.29 58.56 -48.97
C GLU A 23 6.67 57.09 -48.79
N LEU A 24 6.32 56.50 -47.65
CA LEU A 24 6.74 55.13 -47.37
C LEU A 24 6.22 54.17 -48.43
N MET A 25 4.94 54.27 -48.79
CA MET A 25 4.39 53.32 -49.75
C MET A 25 5.03 53.48 -51.12
N ALA A 26 5.52 54.68 -51.42
CA ALA A 26 6.26 54.91 -52.67
C ALA A 26 7.66 54.31 -52.61
N LYS A 27 8.35 54.48 -51.47
CA LYS A 27 9.70 53.94 -51.31
C LYS A 27 9.75 52.42 -51.25
N VAL A 28 8.65 51.75 -50.91
CA VAL A 28 8.61 50.30 -50.90
C VAL A 28 7.36 49.81 -51.61
N PRO A 29 7.36 49.73 -52.94
CA PRO A 29 6.11 49.41 -53.66
C PRO A 29 5.48 48.09 -53.24
N GLY A 30 6.23 47.18 -52.61
CA GLY A 30 5.65 45.92 -52.19
C GLY A 30 4.81 46.01 -50.94
N LEU A 31 4.83 47.13 -50.24
CA LEU A 31 4.07 47.31 -49.02
C LEU A 31 2.61 47.60 -49.33
N SER A 32 1.72 47.04 -48.51
CA SER A 32 0.28 47.25 -48.64
C SER A 32 -0.29 47.40 -47.24
N PRO A 33 -0.19 48.60 -46.65
CA PRO A 33 -0.64 48.78 -45.26
C PRO A 33 -2.12 48.54 -45.05
N GLU A 34 -2.85 48.23 -46.12
CA GLU A 34 -4.28 47.95 -46.00
C GLU A 34 -4.54 46.46 -45.76
N ALA A 35 -3.84 45.58 -46.49
CA ALA A 35 -4.04 44.15 -46.29
C ALA A 35 -3.55 43.71 -44.91
N LEU A 36 -2.54 44.38 -44.36
CA LEU A 36 -2.09 44.04 -43.01
C LEU A 36 -3.06 44.55 -41.95
N TRP A 37 -3.53 45.79 -42.10
CA TRP A 37 -4.54 46.31 -41.19
C TRP A 37 -5.78 45.42 -41.18
N ARG A 38 -6.20 44.97 -42.36
CA ARG A 38 -7.33 44.05 -42.44
C ARG A 38 -6.97 42.67 -41.88
N GLU A 39 -5.70 42.26 -41.99
CA GLU A 39 -5.30 41.00 -41.39
C GLU A 39 -5.30 41.10 -39.88
N ALA A 40 -4.80 42.21 -39.33
CA ALA A 40 -4.81 42.42 -37.89
C ALA A 40 -6.25 42.65 -37.44
N ASN A 41 -6.78 41.73 -36.64
CA ASN A 41 -8.16 41.82 -36.20
C ASN A 41 -8.27 42.93 -35.14
N VAL A 42 -8.08 44.18 -35.57
CA VAL A 42 -7.96 45.29 -34.62
C VAL A 42 -9.20 45.46 -33.77
N THR A 43 -10.37 45.01 -34.25
CA THR A 43 -11.60 45.07 -33.48
C THR A 43 -11.92 43.73 -32.80
N GLU A 44 -10.90 42.99 -32.41
CA GLU A 44 -11.06 41.69 -31.79
C GLU A 44 -11.10 41.84 -30.27
N ASP A 45 -12.23 41.48 -29.67
CA ASP A 45 -12.34 41.49 -28.22
C ASP A 45 -11.27 40.59 -27.61
N LEU A 46 -10.88 40.90 -26.37
CA LEU A 46 -9.84 40.13 -25.71
C LEU A 46 -10.21 38.66 -25.58
N ALA A 47 -11.52 38.36 -25.50
CA ALA A 47 -11.94 36.97 -25.40
C ALA A 47 -11.47 36.17 -26.61
N SER A 48 -11.79 36.65 -27.82
CA SER A 48 -11.37 35.94 -29.02
C SER A 48 -9.86 35.92 -29.14
N MET A 49 -9.19 37.04 -28.83
CA MET A 49 -7.73 37.08 -28.91
C MET A 49 -7.11 36.07 -27.96
N LEU A 50 -7.49 36.12 -26.68
CA LEU A 50 -6.93 35.18 -25.71
C LEU A 50 -7.23 33.74 -26.13
N ASN A 51 -8.43 33.49 -26.64
CA ASN A 51 -8.76 32.15 -27.13
C ASN A 51 -7.81 31.72 -28.25
N ARG A 52 -7.47 32.64 -29.16
CA ARG A 52 -6.53 32.30 -30.22
C ARG A 52 -5.15 31.99 -29.66
N TYR A 53 -4.75 32.70 -28.60
CA TYR A 53 -3.42 32.52 -28.05
C TYR A 53 -3.27 31.16 -27.39
N LYS A 54 -4.30 30.69 -26.69
CA LYS A 54 -4.23 29.40 -26.01
C LYS A 54 -4.21 28.23 -27.00
N LEU A 55 -4.70 28.44 -28.22
CA LEU A 55 -4.69 27.35 -29.21
C LEU A 55 -3.27 26.96 -29.60
N ILE A 56 -2.38 27.93 -29.73
CA ILE A 56 -1.03 27.67 -30.25
C ILE A 56 -0.18 27.02 -29.16
N TYR A 57 0.61 26.03 -29.57
CA TYR A 57 1.46 25.30 -28.64
C TYR A 57 2.59 26.19 -28.14
N LYS A 58 2.80 26.15 -26.82
CA LYS A 58 3.89 26.89 -26.18
C LYS A 58 4.97 25.93 -25.74
N THR A 59 6.21 26.40 -25.77
CA THR A 59 7.37 25.56 -25.45
C THR A 59 7.66 25.69 -23.95
N SER A 60 7.18 24.71 -23.17
CA SER A 60 7.46 24.72 -21.74
C SER A 60 8.95 24.54 -21.47
N GLY A 61 9.60 23.63 -22.20
CA GLY A 61 11.03 23.46 -22.06
C GLY A 61 11.76 24.60 -22.73
N THR A 62 11.55 25.81 -22.23
CA THR A 62 12.07 27.01 -22.88
C THR A 62 13.51 27.22 -22.43
N LEU A 63 14.46 26.72 -23.22
CA LEU A 63 15.86 27.00 -22.98
C LEU A 63 16.65 26.56 -24.21
N GLY A 64 17.94 26.85 -24.20
CA GLY A 64 18.86 26.41 -25.22
C GLY A 64 20.28 26.54 -24.71
N ILE A 65 21.17 25.73 -25.26
CA ILE A 65 22.56 25.68 -24.81
C ILE A 65 23.40 26.57 -25.73
N ALA A 66 24.39 27.20 -25.13
CA ALA A 66 25.29 28.08 -25.89
C ALA A 66 26.10 27.30 -26.92
N LEU A 67 26.26 27.90 -28.08
CA LEU A 67 26.91 27.26 -29.22
C LEU A 67 27.80 28.29 -29.92
N ALA A 68 28.87 27.80 -30.55
CA ALA A 68 29.86 28.65 -31.21
C ALA A 68 29.71 28.50 -32.71
N GLU A 69 29.46 29.61 -33.39
CA GLU A 69 29.30 29.58 -34.84
C GLU A 69 30.67 29.41 -35.50
N PRO A 70 30.83 28.45 -36.41
CA PRO A 70 32.12 28.27 -37.07
C PRO A 70 32.32 29.32 -38.17
N VAL A 71 33.57 29.40 -38.63
CA VAL A 71 33.92 30.27 -39.74
C VAL A 71 33.71 29.49 -41.03
N ASP A 72 32.67 29.85 -41.79
CA ASP A 72 32.30 29.08 -42.96
C ASP A 72 32.95 29.65 -44.23
N ILE A 73 32.63 30.89 -44.57
CA ILE A 73 33.21 31.54 -45.74
C ILE A 73 34.51 32.22 -45.30
N PRO A 74 35.63 32.02 -45.99
CA PRO A 74 36.88 32.62 -45.55
C PRO A 74 37.07 34.03 -46.12
N ALA A 75 38.10 34.70 -45.61
CA ALA A 75 38.43 36.03 -46.07
C ALA A 75 38.94 35.98 -47.51
N VAL A 76 38.74 37.08 -48.24
CA VAL A 76 39.17 37.14 -49.63
C VAL A 76 40.67 36.88 -49.69
N SER A 77 41.08 35.99 -50.58
CA SER A 77 42.50 35.70 -50.75
C SER A 77 43.20 36.88 -51.44
N GLU A 78 44.52 36.91 -51.30
CA GLU A 78 45.32 38.03 -51.79
C GLU A 78 45.11 38.23 -53.29
N GLY A 79 44.70 39.43 -53.68
CA GLY A 79 44.52 39.76 -55.08
C GLY A 79 43.52 38.90 -55.83
N SER A 80 42.40 38.58 -55.18
CA SER A 80 41.33 37.85 -55.86
C SER A 80 40.72 38.71 -56.95
N MET A 81 40.24 38.05 -58.01
CA MET A 81 39.63 38.74 -59.14
C MET A 81 38.12 38.67 -58.95
N GLN A 82 37.55 39.76 -58.44
CA GLN A 82 36.14 39.80 -58.07
C GLN A 82 35.27 39.69 -59.31
N VAL A 83 34.54 38.58 -59.42
CA VAL A 83 33.63 38.36 -60.54
C VAL A 83 32.27 38.94 -60.16
N ASP A 84 31.46 39.22 -61.18
CA ASP A 84 30.08 39.66 -60.99
C ASP A 84 29.14 38.61 -61.59
N ALA A 85 28.29 38.02 -60.74
CA ALA A 85 27.39 36.97 -61.21
C ALA A 85 26.48 37.46 -62.34
N SER A 86 26.16 38.75 -62.38
CA SER A 86 25.36 39.27 -63.48
C SER A 86 26.21 39.57 -64.71
N LYS A 87 27.42 40.07 -64.50
CA LYS A 87 28.33 40.43 -65.59
C LYS A 87 29.43 39.39 -65.74
N VAL A 88 29.03 38.16 -66.00
CA VAL A 88 29.99 37.07 -66.11
C VAL A 88 30.64 37.12 -67.48
N HIS A 89 31.95 37.38 -67.52
CA HIS A 89 32.64 37.50 -68.79
C HIS A 89 33.80 36.52 -68.89
N PRO A 90 34.05 35.94 -70.07
CA PRO A 90 35.20 35.04 -70.24
C PRO A 90 36.55 35.71 -69.97
N GLY A 91 37.52 34.86 -69.66
CA GLY A 91 38.90 35.22 -69.40
C GLY A 91 39.20 36.13 -68.23
N VAL A 92 38.20 36.45 -67.41
CA VAL A 92 38.47 37.10 -66.13
C VAL A 92 39.37 36.20 -65.30
N ILE A 93 38.90 34.99 -65.03
CA ILE A 93 39.65 33.97 -64.32
C ILE A 93 40.40 33.13 -65.36
N SER A 94 41.67 32.87 -65.11
CA SER A 94 42.57 32.38 -66.15
C SER A 94 42.75 30.86 -66.08
N GLY A 95 43.24 30.35 -64.95
CA GLY A 95 43.25 28.93 -64.68
C GLY A 95 42.70 28.62 -63.31
N LEU A 96 42.68 27.31 -63.01
CA LEU A 96 42.23 26.84 -61.70
C LEU A 96 43.05 27.46 -60.58
N ASN A 97 44.33 27.75 -60.84
CA ASN A 97 45.23 28.25 -59.82
C ASN A 97 45.08 29.75 -59.59
N SER A 98 44.46 30.47 -60.49
CA SER A 98 44.28 31.90 -60.29
C SER A 98 43.28 32.13 -59.16
N PRO A 99 43.58 32.99 -58.19
CA PRO A 99 42.61 33.23 -57.12
C PRO A 99 41.37 33.91 -57.65
N ALA A 100 40.21 33.44 -57.20
CA ALA A 100 38.94 33.96 -57.66
C ALA A 100 37.94 34.01 -56.52
N CYS A 101 37.00 34.94 -56.62
CA CYS A 101 35.91 35.06 -55.65
C CYS A 101 34.74 35.73 -56.35
N MET A 102 33.52 35.30 -56.02
CA MET A 102 32.32 35.92 -56.55
C MET A 102 31.74 36.85 -55.49
N LEU A 103 31.39 38.06 -55.91
CA LEU A 103 30.74 39.01 -55.03
C LEU A 103 29.43 38.44 -54.51
N SER A 104 29.03 38.90 -53.32
CA SER A 104 27.88 38.30 -52.65
C SER A 104 26.54 38.92 -53.03
N ALA A 105 26.50 40.24 -53.24
CA ALA A 105 25.20 40.90 -53.40
C ALA A 105 24.44 40.41 -54.63
N PRO A 106 24.95 40.54 -55.86
CA PRO A 106 24.21 39.99 -57.00
C PRO A 106 24.21 38.48 -57.06
N LEU A 107 25.18 37.80 -56.43
CA LEU A 107 25.13 36.35 -56.36
C LEU A 107 23.87 35.91 -55.62
N GLU A 108 23.57 36.56 -54.50
CA GLU A 108 22.31 36.30 -53.79
C GLU A 108 21.12 36.63 -54.67
N LYS A 109 21.24 37.62 -55.56
CA LYS A 109 20.13 38.01 -56.40
C LYS A 109 19.73 36.90 -57.36
N GLN A 110 20.66 36.01 -57.70
CA GLN A 110 20.34 34.88 -58.56
C GLN A 110 19.81 33.69 -57.77
N LEU A 111 20.40 33.42 -56.60
CA LEU A 111 19.92 32.33 -55.76
C LEU A 111 18.45 32.52 -55.42
N PHE A 112 18.10 33.65 -54.82
CA PHE A 112 16.71 33.98 -54.50
C PHE A 112 16.11 34.85 -55.60
N TYR A 113 16.15 34.32 -56.83
CA TYR A 113 15.58 35.04 -57.96
C TYR A 113 14.06 35.03 -57.91
N TYR A 114 13.48 33.85 -57.66
CA TYR A 114 12.03 33.73 -57.64
C TYR A 114 11.46 34.45 -56.41
N ILE A 115 10.16 34.71 -56.47
CA ILE A 115 9.45 35.40 -55.40
C ILE A 115 8.06 34.79 -55.26
N GLY A 116 7.61 34.63 -54.02
CA GLY A 116 6.29 34.07 -53.79
C GLY A 116 5.85 34.30 -52.35
N THR A 117 4.71 33.70 -52.01
CA THR A 117 4.16 33.81 -50.67
C THR A 117 4.83 32.77 -49.77
N MET A 118 5.64 33.25 -48.83
CA MET A 118 6.34 32.34 -47.91
C MET A 118 5.36 31.66 -46.97
N LEU A 119 4.44 32.43 -46.40
CA LEU A 119 3.58 31.94 -45.32
C LEU A 119 2.16 31.75 -45.85
N PRO A 120 1.63 30.53 -45.92
CA PRO A 120 0.28 30.34 -46.47
C PRO A 120 -0.81 31.00 -45.64
N ASN A 121 -2.05 30.95 -46.13
CA ASN A 121 -3.21 31.41 -45.38
C ASN A 121 -3.88 30.28 -44.62
N THR A 122 -3.21 29.14 -44.46
CA THR A 122 -3.81 28.01 -43.78
C THR A 122 -4.14 28.38 -42.34
N ARG A 123 -5.00 27.56 -41.73
CA ARG A 123 -5.61 27.87 -40.44
C ARG A 123 -4.62 27.94 -39.28
N PRO A 124 -3.54 27.14 -39.25
CA PRO A 124 -2.60 27.24 -38.13
C PRO A 124 -1.69 28.46 -38.21
N HIS A 125 -1.32 28.85 -39.44
CA HIS A 125 -0.41 29.97 -39.61
C HIS A 125 -1.16 31.30 -39.61
N SER A 126 -2.43 31.31 -40.02
CA SER A 126 -3.20 32.55 -40.02
C SER A 126 -3.29 33.16 -38.63
N TYR A 127 -3.20 32.34 -37.59
CA TYR A 127 -3.31 32.85 -36.23
C TYR A 127 -2.05 33.57 -35.77
N VAL A 128 -0.89 33.16 -36.27
CA VAL A 128 0.39 33.54 -35.68
C VAL A 128 1.13 34.55 -36.54
N PHE A 129 1.05 34.44 -37.86
CA PHE A 129 1.90 35.23 -38.75
C PHE A 129 1.07 36.17 -39.61
N TYR A 130 1.69 37.29 -39.97
CA TYR A 130 1.20 38.14 -41.06
C TYR A 130 1.62 37.53 -42.40
N GLN A 131 0.72 37.60 -43.38
CA GLN A 131 1.04 37.09 -44.70
C GLN A 131 2.33 37.74 -45.20
N LEU A 132 3.20 36.92 -45.78
CA LEU A 132 4.53 37.37 -46.19
C LEU A 132 4.74 37.06 -47.66
N ARG A 133 5.40 37.99 -48.34
CA ARG A 133 5.73 37.85 -49.77
C ARG A 133 7.17 38.29 -49.95
N CYS A 134 8.07 37.32 -50.15
CA CYS A 134 9.50 37.60 -50.20
C CYS A 134 10.15 36.76 -51.29
N HIS A 135 11.30 37.23 -51.77
CA HIS A 135 12.15 36.40 -52.61
C HIS A 135 12.59 35.17 -51.83
N LEU A 136 12.46 34.00 -52.45
CA LEU A 136 12.56 32.76 -51.69
C LEU A 136 13.06 31.63 -52.58
N SER A 137 13.51 30.57 -51.92
CA SER A 137 13.74 29.27 -52.52
C SER A 137 13.08 28.24 -51.62
N TYR A 138 12.68 27.10 -52.20
CA TYR A 138 11.95 26.11 -51.43
C TYR A 138 12.33 24.70 -51.85
N VAL A 139 12.33 23.81 -50.88
CA VAL A 139 12.44 22.37 -51.10
C VAL A 139 11.10 21.76 -50.71
N ALA A 140 10.50 21.01 -51.63
CA ALA A 140 9.19 20.41 -51.42
C ALA A 140 9.27 18.92 -51.71
N LEU A 141 8.42 18.15 -51.02
CA LEU A 141 8.36 16.71 -51.24
C LEU A 141 7.05 16.18 -50.65
N SER A 142 6.68 14.99 -51.10
CA SER A 142 5.45 14.35 -50.63
C SER A 142 5.65 12.85 -50.64
N ILE A 143 5.01 12.17 -49.69
CA ILE A 143 5.09 10.72 -49.55
C ILE A 143 3.71 10.21 -49.12
N ASN A 144 3.57 8.89 -49.13
CA ASN A 144 2.31 8.25 -48.79
C ASN A 144 1.19 8.70 -49.73
N GLY A 145 1.49 8.73 -51.02
CA GLY A 145 0.51 9.13 -52.01
C GLY A 145 0.02 10.55 -51.81
N ASP A 146 0.95 11.48 -51.60
CA ASP A 146 0.64 12.90 -51.43
C ASP A 146 -0.19 13.17 -50.19
N LYS A 147 -0.25 12.22 -49.25
CA LYS A 147 -0.99 12.38 -48.01
C LYS A 147 -0.14 12.90 -46.87
N PHE A 148 1.18 12.94 -47.03
CA PHE A 148 2.08 13.61 -46.09
C PHE A 148 3.01 14.50 -46.89
N GLN A 149 3.03 15.79 -46.57
CA GLN A 149 3.73 16.79 -47.37
C GLN A 149 4.70 17.58 -46.50
N TYR A 150 5.77 18.06 -47.14
CA TYR A 150 6.74 18.91 -46.49
C TYR A 150 7.25 19.95 -47.48
N THR A 151 7.48 21.16 -47.00
CA THR A 151 8.00 22.25 -47.83
C THR A 151 8.97 23.07 -47.01
N GLY A 152 10.23 23.12 -47.44
CA GLY A 152 11.23 23.95 -46.80
C GLY A 152 11.39 25.32 -47.45
N ALA A 153 10.42 26.20 -47.28
CA ALA A 153 10.53 27.55 -47.82
C ALA A 153 11.56 28.34 -47.02
N MET A 154 12.44 29.06 -47.72
CA MET A 154 13.56 29.71 -47.06
C MET A 154 13.91 31.00 -47.78
N THR A 155 14.56 31.90 -47.05
CA THR A 155 15.16 33.11 -47.59
C THR A 155 16.64 33.11 -47.27
N SER A 156 17.31 34.23 -47.51
CA SER A 156 18.68 34.39 -47.09
C SER A 156 18.80 34.64 -45.59
N LYS A 157 17.68 34.75 -44.88
CA LYS A 157 17.67 35.13 -43.47
C LYS A 157 17.09 34.07 -42.56
N PHE A 158 16.08 33.32 -43.00
CA PHE A 158 15.45 32.33 -42.15
C PHE A 158 14.83 31.23 -43.00
N LEU A 159 14.73 30.05 -42.40
CA LEU A 159 14.13 28.88 -43.02
C LEU A 159 12.87 28.49 -42.26
N MET A 160 11.85 28.04 -43.00
CA MET A 160 10.60 27.56 -42.38
C MET A 160 10.19 26.26 -43.05
N GLY A 161 10.40 25.14 -42.35
CA GLY A 161 9.96 23.84 -42.81
C GLY A 161 8.62 23.47 -42.19
N THR A 162 7.66 23.15 -43.05
CA THR A 162 6.29 22.91 -42.63
C THR A 162 5.89 21.49 -42.99
N TYR A 163 5.50 20.71 -41.98
CA TYR A 163 4.93 19.38 -42.20
C TYR A 163 3.41 19.50 -42.28
N LYS A 164 2.81 18.66 -43.13
CA LYS A 164 1.35 18.59 -43.20
C LYS A 164 0.92 17.15 -43.47
N ARG A 165 0.04 16.63 -42.62
CA ARG A 165 -0.48 15.28 -42.74
C ARG A 165 -1.97 15.30 -43.05
N VAL A 166 -2.39 14.42 -43.95
CA VAL A 166 -3.81 14.19 -44.23
C VAL A 166 -4.17 12.83 -43.65
N THR A 167 -5.18 12.81 -42.77
CA THR A 167 -5.49 11.65 -41.93
C THR A 167 -6.52 10.71 -42.54
N GLU A 168 -6.63 10.68 -43.87
CA GLU A 168 -7.56 9.79 -44.58
C GLU A 168 -9.00 10.29 -44.43
N LYS A 169 -9.21 11.24 -43.53
CA LYS A 169 -10.38 12.10 -43.50
C LYS A 169 -9.94 13.49 -43.97
N GLY A 170 -10.82 14.48 -43.81
CA GLY A 170 -10.48 15.82 -44.24
C GLY A 170 -9.48 16.52 -43.35
N ASP A 171 -9.30 16.03 -42.12
CA ASP A 171 -8.46 16.72 -41.16
C ASP A 171 -7.03 16.86 -41.68
N GLU A 172 -6.40 17.98 -41.35
CA GLU A 172 -5.02 18.27 -41.76
C GLU A 172 -4.23 18.70 -40.53
N HIS A 173 -3.18 17.95 -40.20
CA HIS A 173 -2.29 18.28 -39.09
C HIS A 173 -1.08 19.02 -39.64
N VAL A 174 -0.73 20.13 -38.99
CA VAL A 174 0.34 21.01 -39.47
C VAL A 174 1.31 21.30 -38.34
N LEU A 175 2.60 21.28 -38.65
CA LEU A 175 3.64 21.61 -37.69
C LEU A 175 4.79 22.23 -38.47
N SER A 176 5.20 23.43 -38.08
CA SER A 176 6.22 24.19 -38.81
C SER A 176 7.37 24.54 -37.88
N LEU A 177 8.59 24.40 -38.39
CA LEU A 177 9.81 24.76 -37.69
C LEU A 177 10.46 25.94 -38.40
N VAL A 178 10.82 26.97 -37.64
CA VAL A 178 11.44 28.17 -38.18
C VAL A 178 12.85 28.26 -37.62
N PHE A 179 13.82 28.51 -38.50
CA PHE A 179 15.21 28.60 -38.10
C PHE A 179 15.84 29.82 -38.76
N GLY A 180 16.68 30.52 -38.02
CA GLY A 180 17.36 31.69 -38.53
C GLY A 180 17.77 32.60 -37.39
N LYS A 181 18.27 33.77 -37.76
CA LYS A 181 18.60 34.78 -36.78
C LYS A 181 17.33 35.31 -36.12
N THR A 182 17.38 35.47 -34.79
CA THR A 182 16.20 35.92 -34.05
C THR A 182 15.66 37.22 -34.61
N LYS A 183 16.52 38.22 -34.76
CA LYS A 183 16.08 39.54 -35.21
C LYS A 183 15.44 39.49 -36.59
N ASP A 184 15.92 38.59 -37.45
CA ASP A 184 15.44 38.51 -38.83
C ASP A 184 14.21 37.64 -38.99
N LEU A 185 13.70 37.05 -37.90
CA LEU A 185 12.52 36.21 -38.00
C LEU A 185 11.33 36.99 -38.55
N PRO A 186 10.35 36.30 -39.13
CA PRO A 186 9.18 37.00 -39.68
C PRO A 186 8.41 37.75 -38.60
N ASP A 187 7.41 38.50 -39.04
CA ASP A 187 6.62 39.35 -38.15
C ASP A 187 5.45 38.58 -37.59
N LEU A 188 5.33 38.56 -36.26
CA LEU A 188 4.22 37.89 -35.60
C LEU A 188 2.99 38.79 -35.57
N ARG A 189 1.83 38.15 -35.38
CA ARG A 189 0.56 38.82 -35.62
C ARG A 189 -0.04 39.44 -34.37
N GLY A 190 -0.37 38.61 -33.38
CA GLY A 190 -1.18 39.05 -32.27
C GLY A 190 -0.42 39.15 -30.97
N PRO A 191 -0.94 38.57 -29.89
CA PRO A 191 -0.24 38.64 -28.59
C PRO A 191 1.06 37.85 -28.55
N PHE A 192 1.38 37.10 -29.59
CA PHE A 192 2.47 36.14 -29.52
C PHE A 192 3.83 36.84 -29.39
N SER A 193 4.74 36.17 -28.68
CA SER A 193 6.14 36.55 -28.63
C SER A 193 6.97 35.28 -28.83
N TYR A 194 8.11 35.43 -29.49
CA TYR A 194 8.90 34.26 -29.87
C TYR A 194 9.39 33.44 -28.68
N PRO A 195 9.81 34.03 -27.56
CA PRO A 195 10.28 33.20 -26.44
C PRO A 195 9.30 32.10 -26.05
N SER A 196 7.99 32.37 -26.11
CA SER A 196 7.00 31.34 -25.82
C SER A 196 6.97 30.25 -26.88
N LEU A 197 7.52 30.51 -28.07
CA LEU A 197 7.53 29.56 -29.16
C LEU A 197 8.93 29.01 -29.45
N THR A 198 9.94 29.46 -28.71
CA THR A 198 11.31 29.02 -28.96
C THR A 198 11.57 27.68 -28.32
N SER A 199 12.17 26.76 -29.09
CA SER A 199 12.58 25.46 -28.59
C SER A 199 14.07 25.34 -28.38
N ALA A 200 14.87 26.23 -28.96
CA ALA A 200 16.31 26.23 -28.77
C ALA A 200 16.84 27.58 -29.23
N GLN A 201 17.70 28.19 -28.41
CA GLN A 201 18.22 29.52 -28.70
C GLN A 201 19.69 29.57 -28.32
N SER A 202 20.47 30.32 -29.11
CA SER A 202 21.89 30.50 -28.84
C SER A 202 22.37 31.73 -29.60
N GLY A 203 22.81 32.74 -28.88
CA GLY A 203 23.29 33.95 -29.52
C GLY A 203 22.21 34.55 -30.40
N ASP A 204 22.55 34.78 -31.67
CA ASP A 204 21.65 35.44 -32.60
C ASP A 204 20.65 34.49 -33.24
N TYR A 205 20.86 33.18 -33.16
CA TYR A 205 20.00 32.21 -33.82
C TYR A 205 19.01 31.59 -32.86
N SER A 206 17.91 31.09 -33.43
CA SER A 206 16.85 30.47 -32.66
C SER A 206 16.12 29.46 -33.54
N LEU A 207 15.53 28.46 -32.89
CA LEU A 207 14.68 27.47 -33.57
C LEU A 207 13.29 27.58 -32.95
N VAL A 208 12.33 28.01 -33.75
CA VAL A 208 10.96 28.25 -33.28
C VAL A 208 10.07 27.14 -33.81
N ILE A 209 9.10 26.74 -33.00
CA ILE A 209 8.08 25.77 -33.39
C ILE A 209 6.73 26.47 -33.37
N VAL A 210 5.91 26.17 -34.37
CA VAL A 210 4.59 26.77 -34.51
C VAL A 210 3.62 25.66 -34.87
N THR A 211 2.71 25.34 -33.96
CA THR A 211 1.71 24.30 -34.18
C THR A 211 0.65 24.42 -33.11
N THR A 212 -0.47 23.74 -33.34
CA THR A 212 -1.56 23.73 -32.39
C THR A 212 -1.29 22.68 -31.31
N PHE A 213 -1.78 22.97 -30.10
CA PHE A 213 -1.67 21.99 -29.02
C PHE A 213 -2.20 20.63 -29.46
N VAL A 214 -3.33 20.62 -30.17
CA VAL A 214 -3.89 19.38 -30.69
C VAL A 214 -2.92 18.75 -31.68
N HIS A 215 -2.47 19.54 -32.66
CA HIS A 215 -1.59 19.00 -33.69
C HIS A 215 -0.28 18.50 -33.11
N TYR A 216 0.26 19.22 -32.12
CA TYR A 216 1.49 18.75 -31.46
C TYR A 216 1.27 17.39 -30.83
N ALA A 217 0.08 17.14 -30.28
CA ALA A 217 -0.22 15.84 -29.70
C ALA A 217 -0.32 14.77 -30.78
N ASN A 218 -0.89 15.10 -31.94
CA ASN A 218 -1.00 14.13 -33.01
C ASN A 218 0.37 13.73 -33.54
N PHE A 219 1.23 14.72 -33.80
CA PHE A 219 2.57 14.43 -34.33
C PHE A 219 3.40 13.63 -33.33
N HIS A 220 3.22 13.87 -32.03
CA HIS A 220 4.02 13.20 -31.02
C HIS A 220 3.79 11.69 -31.00
N ASN A 221 2.74 11.20 -31.66
CA ASN A 221 2.51 9.75 -31.73
C ASN A 221 3.51 9.07 -32.64
N TYR A 222 4.14 9.81 -33.56
CA TYR A 222 5.11 9.23 -34.47
C TYR A 222 6.30 10.14 -34.76
N PHE A 223 6.40 11.29 -34.11
CA PHE A 223 7.41 12.28 -34.49
C PHE A 223 7.85 13.01 -33.21
N VAL A 224 8.98 12.57 -32.66
CA VAL A 224 9.55 13.18 -31.46
C VAL A 224 10.91 13.77 -31.80
N PRO A 225 10.96 14.96 -32.38
CA PRO A 225 12.25 15.51 -32.83
C PRO A 225 13.13 15.92 -31.67
N ASN A 226 14.43 15.88 -31.91
CA ASN A 226 15.41 16.36 -30.93
C ASN A 226 15.78 17.80 -31.30
N LEU A 227 14.82 18.70 -31.07
CA LEU A 227 14.99 20.09 -31.47
C LEU A 227 16.27 20.69 -30.93
N LYS A 228 16.72 20.21 -29.78
CA LYS A 228 17.99 20.70 -29.22
C LYS A 228 19.15 20.35 -30.15
N ASP A 229 19.30 19.07 -30.49
CA ASP A 229 20.43 18.63 -31.31
C ASP A 229 20.34 19.20 -32.72
N MET A 230 19.16 19.14 -33.34
CA MET A 230 19.01 19.69 -34.69
C MET A 230 19.49 21.13 -34.73
N PHE A 231 19.25 21.89 -33.66
CA PHE A 231 19.70 23.27 -33.60
C PHE A 231 21.23 23.34 -33.51
N SER A 232 21.83 22.49 -32.67
CA SER A 232 23.29 22.50 -32.54
C SER A 232 23.97 22.18 -33.86
N ARG A 233 23.49 21.14 -34.55
CA ARG A 233 24.07 20.77 -35.83
C ARG A 233 23.86 21.86 -36.88
N ALA A 234 22.73 22.56 -36.81
CA ALA A 234 22.45 23.61 -37.79
C ALA A 234 23.30 24.85 -37.57
N VAL A 235 23.94 24.99 -36.41
CA VAL A 235 24.76 26.15 -36.09
C VAL A 235 26.25 25.80 -36.12
N THR A 236 26.63 24.71 -35.44
CA THR A 236 28.04 24.40 -35.25
C THR A 236 28.70 23.88 -36.53
N MET A 237 27.92 23.42 -37.50
CA MET A 237 28.49 22.86 -38.72
C MET A 237 28.63 23.94 -39.79
N THR A 238 29.54 23.67 -40.73
CA THR A 238 29.70 24.51 -41.90
C THR A 238 28.74 24.06 -43.01
N ALA A 239 28.49 24.97 -43.95
CA ALA A 239 27.51 24.69 -45.00
C ALA A 239 27.85 23.40 -45.75
N ALA A 240 29.12 23.24 -46.12
CA ALA A 240 29.50 22.06 -46.89
C ALA A 240 29.42 20.79 -46.03
N SER A 241 29.95 20.84 -44.81
CA SER A 241 29.97 19.66 -43.97
C SER A 241 28.56 19.22 -43.58
N TYR A 242 27.67 20.18 -43.32
CA TYR A 242 26.30 19.84 -42.94
C TYR A 242 25.57 19.19 -44.11
N ALA A 243 25.77 19.71 -45.32
CA ALA A 243 25.11 19.14 -46.49
C ALA A 243 25.57 17.71 -46.75
N ARG A 244 26.86 17.43 -46.52
CA ARG A 244 27.35 16.07 -46.70
C ARG A 244 26.75 15.13 -45.66
N TYR A 245 26.62 15.60 -44.41
CA TYR A 245 25.99 14.80 -43.37
C TYR A 245 24.62 14.30 -43.83
N VAL A 246 23.79 15.22 -44.33
CA VAL A 246 22.48 14.84 -44.84
C VAL A 246 22.63 13.92 -46.06
N LEU A 247 23.66 14.16 -46.87
CA LEU A 247 23.86 13.37 -48.08
C LEU A 247 24.11 11.90 -47.73
N GLN A 248 24.98 11.64 -46.74
CA GLN A 248 25.27 10.27 -46.36
C GLN A 248 24.00 9.54 -45.94
N LYS A 249 23.21 10.16 -45.05
CA LYS A 249 22.00 9.51 -44.56
C LYS A 249 21.13 9.01 -45.70
N LEU A 250 20.81 9.89 -46.64
CA LEU A 250 19.93 9.52 -47.74
C LEU A 250 20.58 8.47 -48.64
N VAL A 251 21.87 8.64 -48.96
CA VAL A 251 22.56 7.68 -49.80
C VAL A 251 22.58 6.31 -49.13
N LEU A 252 23.02 6.25 -47.88
CA LEU A 252 23.03 4.97 -47.17
C LEU A 252 21.63 4.47 -46.88
N LEU A 253 20.61 5.32 -46.98
CA LEU A 253 19.23 4.87 -46.85
C LEU A 253 18.60 4.50 -48.19
N GLU A 254 19.14 5.00 -49.30
CA GLU A 254 18.55 4.69 -50.61
C GLU A 254 18.91 3.29 -51.06
N MET A 255 20.16 2.86 -50.85
CA MET A 255 20.55 1.51 -51.20
C MET A 255 19.75 0.48 -50.40
N LYS A 256 19.34 0.83 -49.18
CA LYS A 256 18.42 0.00 -48.43
C LYS A 256 16.99 0.24 -48.93
N GLY A 257 16.08 -0.63 -48.53
CA GLY A 257 14.68 -0.42 -48.83
C GLY A 257 14.02 0.57 -47.91
N GLY A 258 14.67 1.70 -47.68
CA GLY A 258 14.17 2.69 -46.75
C GLY A 258 13.29 3.75 -47.39
N CYS A 259 13.64 4.15 -48.60
CA CYS A 259 12.94 5.23 -49.31
C CYS A 259 12.14 4.73 -50.50
N ARG A 260 11.96 3.41 -50.64
CA ARG A 260 11.00 2.89 -51.62
C ARG A 260 9.58 3.01 -51.10
N GLU A 261 9.38 2.85 -49.79
CA GLU A 261 8.08 3.03 -49.15
C GLU A 261 8.33 3.76 -47.84
N PRO A 262 8.64 5.05 -47.89
CA PRO A 262 9.00 5.78 -46.68
C PRO A 262 7.90 5.73 -45.63
N GLU A 263 8.31 5.75 -44.37
CA GLU A 263 7.43 5.66 -43.23
C GLU A 263 7.42 6.98 -42.47
N LEU A 264 6.34 7.22 -41.75
CA LEU A 264 6.20 8.45 -40.95
C LEU A 264 6.77 8.21 -39.55
N ASP A 265 8.09 8.08 -39.50
CA ASP A 265 8.82 7.92 -38.25
C ASP A 265 9.71 9.13 -38.00
N THR A 266 10.21 9.20 -36.76
CA THR A 266 10.98 10.37 -36.36
C THR A 266 12.23 10.55 -37.23
N GLU A 267 12.89 9.46 -37.59
CA GLU A 267 14.14 9.58 -38.35
C GLU A 267 13.91 10.21 -39.71
N THR A 268 12.93 9.71 -40.46
CA THR A 268 12.68 10.23 -41.81
C THR A 268 12.25 11.69 -41.74
N LEU A 269 11.26 12.01 -40.88
CA LEU A 269 10.78 13.37 -40.79
C LEU A 269 11.85 14.33 -40.30
N THR A 270 12.74 13.86 -39.42
CA THR A 270 13.84 14.71 -38.97
C THR A 270 14.72 15.10 -40.15
N THR A 271 15.09 14.12 -40.98
CA THR A 271 15.97 14.39 -42.11
C THR A 271 15.32 15.37 -43.09
N MET A 272 14.00 15.26 -43.28
CA MET A 272 13.29 16.20 -44.15
C MET A 272 13.64 17.64 -43.81
N PHE A 273 13.69 17.96 -42.51
CA PHE A 273 14.07 19.31 -42.10
C PHE A 273 15.55 19.56 -42.33
N GLU A 274 16.40 18.58 -42.02
CA GLU A 274 17.84 18.74 -42.20
C GLU A 274 18.17 19.04 -43.66
N VAL A 275 17.43 18.44 -44.60
CA VAL A 275 17.62 18.77 -46.01
C VAL A 275 17.41 20.26 -46.23
N SER A 276 16.31 20.81 -45.72
CA SER A 276 16.06 22.24 -45.85
C SER A 276 17.20 23.05 -45.24
N VAL A 277 17.69 22.61 -44.07
CA VAL A 277 18.81 23.31 -43.44
C VAL A 277 20.03 23.28 -44.34
N ALA A 278 20.23 22.17 -45.05
CA ALA A 278 21.41 22.04 -45.91
C ALA A 278 21.44 23.13 -46.97
N PHE A 279 20.31 23.35 -47.66
CA PHE A 279 20.25 24.41 -48.65
C PHE A 279 20.31 25.79 -47.99
N PHE A 280 19.56 25.97 -46.91
CA PHE A 280 19.52 27.28 -46.26
C PHE A 280 20.91 27.72 -45.82
N LYS A 281 21.69 26.81 -45.24
CA LYS A 281 23.01 27.17 -44.75
C LYS A 281 23.89 27.75 -45.84
N VAL A 282 23.73 27.29 -47.08
CA VAL A 282 24.52 27.82 -48.19
C VAL A 282 24.03 29.23 -48.53
N GLY A 283 22.75 29.36 -48.88
CA GLY A 283 22.20 30.66 -49.18
C GLY A 283 22.32 31.65 -48.04
N HIS A 284 22.20 31.15 -46.80
CA HIS A 284 22.32 32.04 -45.64
C HIS A 284 23.73 32.59 -45.51
N ALA A 285 24.74 31.74 -45.66
CA ALA A 285 26.11 32.20 -45.54
C ALA A 285 26.45 33.23 -46.61
N VAL A 286 25.95 33.02 -47.83
CA VAL A 286 26.20 33.98 -48.91
C VAL A 286 25.46 35.28 -48.63
N GLY A 287 24.21 35.18 -48.17
CA GLY A 287 23.46 36.40 -47.89
C GLY A 287 23.97 37.15 -46.69
N GLU A 288 24.44 36.42 -45.67
CA GLU A 288 24.90 37.06 -44.45
C GLU A 288 26.29 37.66 -44.57
N THR A 289 26.99 37.43 -45.68
CA THR A 289 28.31 38.02 -45.88
C THR A 289 28.23 39.46 -46.38
N GLY A 290 27.03 39.92 -46.77
CA GLY A 290 26.84 41.31 -47.15
C GLY A 290 27.37 41.62 -48.53
N ASN A 291 27.85 42.86 -48.69
CA ASN A 291 28.38 43.32 -49.98
C ASN A 291 29.87 43.03 -50.11
N GLY A 292 30.24 41.78 -49.87
CA GLY A 292 31.62 41.36 -49.99
C GLY A 292 31.82 40.33 -51.09
N CYS A 293 32.84 39.50 -50.94
CA CYS A 293 33.19 38.49 -51.94
C CYS A 293 33.27 37.12 -51.28
N VAL A 294 32.92 36.09 -52.05
CA VAL A 294 32.93 34.71 -51.58
C VAL A 294 33.95 33.94 -52.40
N ASP A 295 34.98 33.42 -51.73
CA ASP A 295 36.02 32.67 -52.42
C ASP A 295 35.40 31.61 -53.32
N LEU A 296 35.96 31.46 -54.52
CA LEU A 296 35.38 30.55 -55.51
C LEU A 296 35.50 29.10 -55.08
N ARG A 297 36.61 28.74 -54.43
CA ARG A 297 36.77 27.37 -53.94
C ARG A 297 35.66 27.00 -52.98
N TRP A 298 35.22 27.94 -52.15
CA TRP A 298 34.12 27.67 -51.24
C TRP A 298 32.84 27.38 -52.00
N LEU A 299 32.52 28.22 -53.00
CA LEU A 299 31.33 27.99 -53.81
C LEU A 299 31.40 26.62 -54.49
N ALA A 300 32.56 26.27 -55.05
CA ALA A 300 32.68 24.99 -55.75
C ALA A 300 32.36 23.82 -54.82
N LYS A 301 32.92 23.83 -53.61
CA LYS A 301 32.67 22.74 -52.67
C LYS A 301 31.23 22.74 -52.18
N SER A 302 30.70 23.92 -51.82
CA SER A 302 29.38 23.97 -51.21
C SER A 302 28.29 23.62 -52.22
N PHE A 303 28.40 24.13 -53.45
CA PHE A 303 27.37 23.88 -54.45
C PHE A 303 27.52 22.52 -55.12
N PHE A 304 28.68 21.88 -55.01
CA PHE A 304 28.78 20.49 -55.43
C PHE A 304 27.93 19.60 -54.54
N GLU A 305 28.02 19.81 -53.22
CA GLU A 305 27.25 19.00 -52.29
C GLU A 305 25.75 19.15 -52.55
N LEU A 306 25.28 20.38 -52.72
CA LEU A 306 23.86 20.60 -52.99
C LEU A 306 23.46 19.94 -54.31
N THR A 307 24.33 20.00 -55.31
CA THR A 307 24.04 19.34 -56.59
C THR A 307 23.85 17.85 -56.39
N VAL A 308 24.79 17.21 -55.68
CA VAL A 308 24.66 15.79 -55.37
C VAL A 308 23.47 15.56 -54.46
N LEU A 309 23.34 16.39 -53.42
CA LEU A 309 22.19 16.27 -52.51
C LEU A 309 20.88 16.44 -53.25
N LYS A 310 20.86 17.25 -54.31
CA LYS A 310 19.64 17.42 -55.09
C LYS A 310 19.27 16.15 -55.85
N ASP A 311 20.26 15.35 -56.26
CA ASP A 311 19.99 14.14 -57.02
C ASP A 311 19.52 13.00 -56.11
N ILE A 312 20.13 12.85 -54.94
CA ILE A 312 19.75 11.76 -54.04
C ILE A 312 18.31 11.94 -53.58
N ILE A 313 17.88 13.17 -53.35
CA ILE A 313 16.53 13.42 -52.90
C ILE A 313 15.53 13.21 -54.02
N GLY A 314 15.99 13.21 -55.27
CA GLY A 314 15.13 12.94 -56.39
C GLY A 314 14.83 11.48 -56.60
N ILE A 315 15.83 10.61 -56.42
CA ILE A 315 15.61 9.19 -56.64
C ILE A 315 14.85 8.56 -55.47
N CYS A 316 15.04 9.07 -54.26
CA CYS A 316 14.30 8.53 -53.11
C CYS A 316 12.92 9.13 -53.03
N TYR A 317 12.84 10.45 -52.87
CA TYR A 317 11.59 11.17 -52.76
C TYR A 317 11.33 11.94 -54.03
N GLY A 318 10.08 12.34 -54.22
CA GLY A 318 9.71 13.07 -55.42
C GLY A 318 9.94 14.55 -55.24
N ALA A 319 11.01 14.91 -54.54
CA ALA A 319 11.21 16.27 -54.12
C ALA A 319 11.66 17.16 -55.28
N THR A 320 11.40 18.45 -55.11
CA THR A 320 11.76 19.48 -56.07
C THR A 320 12.50 20.59 -55.32
N VAL A 321 13.47 21.19 -56.00
CA VAL A 321 14.17 22.37 -55.47
C VAL A 321 14.09 23.47 -56.51
N LYS A 322 13.66 24.65 -56.08
CA LYS A 322 13.55 25.81 -56.97
C LYS A 322 14.18 27.01 -56.29
N GLY A 323 15.34 27.45 -56.76
CA GLY A 323 15.91 28.68 -56.28
C GLY A 323 17.24 28.61 -55.54
N MET A 324 18.10 27.67 -55.91
CA MET A 324 19.46 27.62 -55.36
C MET A 324 20.45 27.35 -56.48
N GLN A 325 20.22 27.95 -57.64
CA GLN A 325 21.13 27.84 -58.78
C GLN A 325 21.38 29.22 -59.36
N SER A 326 22.62 29.67 -59.30
CA SER A 326 23.04 30.93 -59.89
C SER A 326 23.73 30.61 -61.20
N TYR A 327 23.06 30.88 -62.32
CA TYR A 327 23.66 30.62 -63.62
C TYR A 327 25.01 31.30 -63.75
N GLY A 328 25.18 32.45 -63.12
CA GLY A 328 26.47 33.13 -63.17
C GLY A 328 27.60 32.26 -62.65
N LEU A 329 27.34 31.47 -61.62
CA LEU A 329 28.34 30.52 -61.15
C LEU A 329 28.47 29.35 -62.11
N GLU A 330 27.33 28.85 -62.62
CA GLU A 330 27.36 27.74 -63.57
C GLU A 330 28.17 28.11 -64.80
N ARG A 331 27.96 29.31 -65.35
CA ARG A 331 28.76 29.78 -66.47
C ARG A 331 30.24 29.85 -66.09
N LEU A 332 30.55 30.63 -65.06
CA LEU A 332 31.94 30.80 -64.64
C LEU A 332 32.64 29.47 -64.47
N ALA A 333 31.94 28.47 -63.95
CA ALA A 333 32.54 27.15 -63.81
C ALA A 333 32.78 26.53 -65.19
N ALA A 334 31.82 26.67 -66.10
CA ALA A 334 31.96 26.09 -67.43
C ALA A 334 33.15 26.70 -68.17
N MET A 335 33.35 28.02 -68.05
CA MET A 335 34.46 28.66 -68.75
C MET A 335 35.80 28.09 -68.28
N LEU A 336 35.92 27.75 -66.99
CA LEU A 336 37.17 27.23 -66.47
C LEU A 336 37.41 25.78 -66.88
N MET A 337 36.36 25.04 -67.24
CA MET A 337 36.55 23.68 -67.72
C MET A 337 37.17 23.65 -69.10
N ALA A 338 37.07 24.73 -69.87
CA ALA A 338 37.77 24.85 -71.14
C ALA A 338 39.25 25.11 -70.96
N THR A 339 39.73 25.27 -69.73
CA THR A 339 41.14 25.50 -69.45
C THR A 339 41.91 24.20 -69.22
N VAL A 340 41.25 23.17 -68.72
CA VAL A 340 41.92 21.96 -68.26
C VAL A 340 41.85 20.90 -69.35
N LYS A 341 42.94 20.13 -69.46
CA LYS A 341 43.00 19.00 -70.38
C LYS A 341 42.42 17.79 -69.66
N MET A 342 41.20 17.41 -70.03
CA MET A 342 40.51 16.33 -69.32
C MET A 342 41.29 15.03 -69.39
N GLU A 343 42.05 14.82 -70.46
CA GLU A 343 42.78 13.58 -70.63
C GLU A 343 43.86 13.40 -69.57
N GLU A 344 44.42 14.50 -69.07
CA GLU A 344 45.51 14.46 -68.10
C GLU A 344 45.14 15.15 -66.80
N LEU A 345 43.86 15.17 -66.46
CA LEU A 345 43.42 15.81 -65.22
C LEU A 345 44.05 15.15 -64.00
N GLY A 346 44.17 13.82 -64.02
CA GLY A 346 44.73 13.11 -62.88
C GLY A 346 46.16 13.46 -62.56
N HIS A 347 46.87 14.06 -63.50
CA HIS A 347 48.25 14.48 -63.27
C HIS A 347 48.36 15.76 -62.45
N LEU A 348 47.24 16.39 -62.12
CA LEU A 348 47.25 17.61 -61.32
C LEU A 348 47.29 17.25 -59.83
N THR A 349 47.36 18.28 -58.99
CA THR A 349 47.33 18.07 -57.55
C THR A 349 45.97 17.54 -57.12
N THR A 350 45.98 16.65 -56.12
CA THR A 350 44.72 16.15 -55.56
C THR A 350 43.81 17.31 -55.16
N GLU A 351 44.40 18.40 -54.67
CA GLU A 351 43.60 19.57 -54.32
C GLU A 351 42.91 20.14 -55.55
N LYS A 352 43.65 20.38 -56.63
CA LYS A 352 43.07 20.93 -57.84
C LYS A 352 42.22 19.91 -58.59
N GLN A 353 42.47 18.62 -58.39
CA GLN A 353 41.58 17.60 -58.97
C GLN A 353 40.18 17.72 -58.38
N GLU A 354 40.07 17.70 -57.05
CA GLU A 354 38.77 17.85 -56.42
C GLU A 354 38.16 19.20 -56.74
N TYR A 355 38.99 20.25 -56.77
CA TYR A 355 38.49 21.58 -57.12
C TYR A 355 37.92 21.60 -58.54
N ALA A 356 38.60 20.95 -59.48
CA ALA A 356 38.12 20.92 -60.86
C ALA A 356 36.86 20.06 -60.99
N LEU A 357 36.88 18.87 -60.40
CA LEU A 357 35.72 17.98 -60.50
C LEU A 357 34.47 18.62 -59.93
N ARG A 358 34.62 19.43 -58.88
CA ARG A 358 33.46 20.13 -58.33
C ARG A 358 32.89 21.12 -59.32
N LEU A 359 33.73 22.01 -59.87
CA LEU A 359 33.26 22.93 -60.89
C LEU A 359 32.66 22.20 -62.08
N ALA A 360 33.17 21.00 -62.40
CA ALA A 360 32.64 20.24 -63.52
C ALA A 360 31.16 19.95 -63.33
N THR A 361 30.78 19.39 -62.17
CA THR A 361 29.38 19.06 -61.94
C THR A 361 28.54 20.32 -61.79
N VAL A 362 29.04 21.32 -61.08
CA VAL A 362 28.30 22.57 -60.93
C VAL A 362 28.23 23.30 -62.26
N GLY A 363 29.33 23.32 -63.00
CA GLY A 363 29.33 23.99 -64.29
C GLY A 363 28.46 23.31 -65.32
N TYR A 364 28.54 21.97 -65.40
CA TYR A 364 27.74 21.18 -66.33
C TYR A 364 26.81 20.25 -65.56
N PRO A 365 25.70 20.75 -65.05
CA PRO A 365 24.71 19.88 -64.39
C PRO A 365 23.87 19.20 -65.46
N LYS A 366 22.94 18.36 -65.00
CA LYS A 366 22.07 17.61 -65.91
C LYS A 366 22.89 17.04 -67.07
N ALA A 367 23.74 16.07 -66.78
CA ALA A 367 24.68 15.53 -67.75
C ALA A 367 23.99 15.14 -69.06
N GLY A 368 24.78 14.99 -70.12
CA GLY A 368 24.28 14.75 -71.45
C GLY A 368 24.50 15.89 -72.41
N VAL A 369 25.37 16.85 -72.05
CA VAL A 369 25.70 17.99 -72.90
C VAL A 369 27.19 17.96 -73.27
N TYR A 370 28.06 17.89 -72.27
CA TYR A 370 29.50 17.80 -72.46
C TYR A 370 29.95 16.47 -71.88
N SER A 371 30.02 15.45 -72.72
CA SER A 371 30.41 14.11 -72.30
C SER A 371 31.90 13.99 -72.05
N GLY A 372 32.68 15.04 -72.29
CA GLY A 372 34.10 14.98 -72.00
C GLY A 372 34.43 14.96 -70.52
N LEU A 373 33.45 15.20 -69.66
CA LEU A 373 33.70 15.20 -68.23
C LEU A 373 34.15 13.82 -67.74
N ILE A 374 33.74 12.76 -68.44
CA ILE A 374 34.11 11.42 -68.02
C ILE A 374 35.61 11.20 -68.16
N GLY A 375 36.20 11.75 -69.22
CA GLY A 375 37.64 11.67 -69.39
C GLY A 375 38.39 12.24 -68.19
N GLY A 376 37.88 13.35 -67.64
CA GLY A 376 38.49 13.91 -66.44
C GLY A 376 38.34 12.99 -65.24
N ALA A 377 37.14 12.44 -65.04
CA ALA A 377 36.94 11.49 -63.95
C ALA A 377 37.77 10.23 -64.16
N THR A 378 37.86 9.76 -65.41
CA THR A 378 38.64 8.56 -65.70
C THR A 378 40.13 8.80 -65.49
N SER A 379 40.60 9.99 -65.85
CA SER A 379 42.01 10.32 -65.64
C SER A 379 42.38 10.30 -64.17
N VAL A 380 41.45 10.73 -63.31
CA VAL A 380 41.72 10.75 -61.87
C VAL A 380 41.80 9.34 -61.32
N LEU A 381 40.85 8.49 -61.69
CA LEU A 381 40.86 7.11 -61.20
C LEU A 381 42.09 6.37 -61.69
N LEU A 382 42.53 6.64 -62.93
CA LEU A 382 43.69 5.95 -63.47
C LEU A 382 44.96 6.40 -62.77
N SER A 383 45.20 7.72 -62.70
CA SER A 383 46.35 8.23 -61.97
C SER A 383 46.34 7.74 -60.53
N ALA A 384 45.16 7.58 -59.95
CA ALA A 384 45.05 7.07 -58.58
C ALA A 384 45.26 5.57 -58.51
N TYR A 385 44.86 4.84 -59.56
CA TYR A 385 45.02 3.39 -59.54
C TYR A 385 46.48 2.99 -59.71
N ASN A 386 47.28 3.81 -60.38
CA ASN A 386 48.69 3.48 -60.61
C ASN A 386 49.53 3.67 -59.35
N ARG A 387 49.12 4.58 -58.46
CA ARG A 387 49.86 4.88 -57.25
C ARG A 387 49.31 4.17 -56.02
N HIS A 388 48.16 3.49 -56.15
CA HIS A 388 47.52 2.82 -55.03
C HIS A 388 48.05 1.40 -54.88
N PRO A 389 48.46 0.98 -53.68
CA PRO A 389 48.91 -0.41 -53.51
C PRO A 389 47.80 -1.40 -53.87
N LEU A 390 48.16 -2.39 -54.68
CA LEU A 390 47.16 -3.31 -55.20
C LEU A 390 46.44 -4.06 -54.08
N PHE A 391 45.14 -4.27 -54.26
CA PHE A 391 44.30 -5.10 -53.39
C PHE A 391 44.10 -4.50 -52.00
N GLN A 392 44.52 -3.27 -51.78
CA GLN A 392 44.35 -2.65 -50.47
C GLN A 392 43.05 -1.85 -50.43
N PRO A 393 42.52 -1.59 -49.23
CA PRO A 393 41.33 -0.75 -49.15
C PRO A 393 41.68 0.70 -49.41
N LEU A 394 40.85 1.37 -50.21
CA LEU A 394 41.13 2.75 -50.56
C LEU A 394 41.27 3.60 -49.31
N HIS A 395 42.19 4.56 -49.37
CA HIS A 395 42.42 5.48 -48.26
C HIS A 395 41.31 6.53 -48.20
N THR A 396 41.18 7.14 -47.03
CA THR A 396 40.13 8.14 -46.83
C THR A 396 40.25 9.29 -47.83
N VAL A 397 41.48 9.69 -48.16
CA VAL A 397 41.66 10.83 -49.06
C VAL A 397 41.32 10.43 -50.50
N MET A 398 41.82 9.27 -50.94
CA MET A 398 41.54 8.82 -52.29
C MET A 398 40.05 8.53 -52.49
N ARG A 399 39.43 7.87 -51.51
CA ARG A 399 38.00 7.58 -51.63
C ARG A 399 37.19 8.86 -51.80
N GLU A 400 37.54 9.91 -51.04
CA GLU A 400 36.83 11.18 -51.17
C GLU A 400 36.97 11.74 -52.58
N THR A 401 38.21 11.78 -53.10
CA THR A 401 38.42 12.33 -54.43
C THR A 401 37.62 11.57 -55.47
N LEU A 402 37.72 10.24 -55.48
CA LEU A 402 36.97 9.45 -56.45
C LEU A 402 35.47 9.65 -56.28
N PHE A 403 35.01 9.81 -55.04
CA PHE A 403 33.60 10.06 -54.81
C PHE A 403 33.15 11.33 -55.52
N ILE A 404 33.94 12.40 -55.42
CA ILE A 404 33.59 13.65 -56.09
C ILE A 404 33.51 13.43 -57.60
N GLY A 405 34.55 12.81 -58.17
CA GLY A 405 34.57 12.57 -59.60
C GLY A 405 33.60 11.50 -60.06
N SER A 406 33.10 10.67 -59.14
CA SER A 406 32.24 9.57 -59.52
C SER A 406 30.81 10.01 -59.85
N HIS A 407 30.41 11.21 -59.41
CA HIS A 407 29.04 11.64 -59.66
C HIS A 407 28.79 11.84 -61.15
N VAL A 408 29.76 12.38 -61.87
CA VAL A 408 29.62 12.58 -63.32
C VAL A 408 29.41 11.24 -64.01
N VAL A 409 30.24 10.25 -63.67
CA VAL A 409 30.12 8.93 -64.27
C VAL A 409 28.76 8.33 -63.95
N LEU A 410 28.30 8.52 -62.72
CA LEU A 410 27.04 7.90 -62.30
C LEU A 410 25.87 8.38 -63.13
N ARG A 411 25.86 9.66 -63.50
CA ARG A 411 24.75 10.22 -64.25
C ARG A 411 24.67 9.62 -65.65
N GLU A 412 25.83 9.39 -66.29
CA GLU A 412 25.83 8.84 -67.64
C GLU A 412 25.25 7.43 -67.67
N LEU A 413 25.54 6.63 -66.64
CA LEU A 413 25.01 5.28 -66.58
C LEU A 413 23.49 5.29 -66.48
N ARG A 414 22.92 6.36 -65.91
CA ARG A 414 21.46 6.49 -65.90
C ARG A 414 20.91 6.46 -67.31
N LEU A 415 21.57 7.16 -68.23
CA LEU A 415 21.10 7.25 -69.60
C LEU A 415 21.24 5.91 -70.30
N ASN A 416 20.25 5.58 -71.13
CA ASN A 416 20.32 4.33 -71.89
C ASN A 416 21.31 4.44 -73.04
N VAL A 417 21.58 5.64 -73.53
CA VAL A 417 22.54 5.81 -74.62
C VAL A 417 23.95 5.60 -74.10
N THR A 418 24.87 5.32 -75.02
CA THR A 418 26.23 4.93 -74.65
C THR A 418 26.96 6.06 -73.93
N THR A 419 26.90 7.27 -74.48
CA THR A 419 27.62 8.43 -73.92
C THR A 419 29.12 8.18 -73.94
N GLN A 420 29.68 8.00 -75.14
CA GLN A 420 31.12 7.84 -75.33
C GLN A 420 31.64 6.65 -74.51
N GLY A 421 31.18 5.47 -74.92
CA GLY A 421 31.49 4.22 -74.27
C GLY A 421 32.93 4.06 -73.80
N PRO A 422 33.92 4.19 -74.70
CA PRO A 422 35.29 3.75 -74.38
C PRO A 422 35.80 4.20 -73.02
N ASN A 423 35.86 5.51 -72.78
CA ASN A 423 36.34 5.99 -71.50
C ASN A 423 35.47 5.52 -70.35
N LEU A 424 34.16 5.39 -70.58
CA LEU A 424 33.26 4.92 -69.54
C LEU A 424 33.57 3.48 -69.16
N ALA A 425 33.81 2.62 -70.16
CA ALA A 425 34.14 1.23 -69.89
C ALA A 425 35.50 1.12 -69.20
N LEU A 426 36.43 2.02 -69.49
CA LEU A 426 37.72 2.00 -68.83
C LEU A 426 37.59 2.33 -67.35
N TYR A 427 36.76 3.33 -67.02
CA TYR A 427 36.54 3.69 -65.63
C TYR A 427 36.02 2.50 -64.83
N GLN A 428 35.02 1.79 -65.38
CA GLN A 428 34.46 0.65 -64.68
C GLN A 428 35.47 -0.48 -64.55
N LEU A 429 36.36 -0.65 -65.53
CA LEU A 429 37.35 -1.71 -65.45
C LEU A 429 38.34 -1.44 -64.32
N LEU A 430 38.83 -0.20 -64.22
CA LEU A 430 39.68 0.16 -63.10
C LEU A 430 38.96 -0.03 -61.78
N SER A 431 37.68 0.38 -61.72
CA SER A 431 36.88 0.17 -60.53
C SER A 431 36.80 -1.32 -60.17
N THR A 432 36.63 -2.17 -61.17
CA THR A 432 36.58 -3.61 -60.90
C THR A 432 37.90 -4.13 -60.36
N ALA A 433 39.02 -3.53 -60.80
CA ALA A 433 40.33 -3.95 -60.30
C ALA A 433 40.53 -3.55 -58.84
N LEU A 434 39.85 -2.50 -58.39
CA LEU A 434 40.02 -2.03 -57.03
C LEU A 434 39.16 -2.79 -56.02
N CYS A 435 38.12 -3.47 -56.47
CA CYS A 435 37.21 -4.18 -55.57
C CYS A 435 37.83 -5.52 -55.21
N SER A 436 38.66 -5.52 -54.18
CA SER A 436 39.29 -6.73 -53.67
C SER A 436 38.59 -7.18 -52.39
N ALA A 437 39.11 -8.25 -51.79
CA ALA A 437 38.52 -8.76 -50.56
C ALA A 437 38.68 -7.79 -49.40
N LEU A 438 39.70 -6.94 -49.44
CA LEU A 438 39.91 -5.98 -48.36
C LEU A 438 39.04 -4.74 -48.53
N GLU A 439 38.88 -4.26 -49.78
CA GLU A 439 38.00 -3.14 -50.03
C GLU A 439 36.59 -3.44 -49.54
N ILE A 440 36.02 -4.58 -49.96
CA ILE A 440 34.69 -4.96 -49.50
C ILE A 440 34.65 -5.02 -47.98
N GLY A 441 35.71 -5.56 -47.37
CA GLY A 441 35.76 -5.60 -45.92
C GLY A 441 35.73 -4.22 -45.29
N GLU A 442 36.32 -3.23 -45.95
CA GLU A 442 36.33 -1.87 -45.41
C GLU A 442 34.99 -1.18 -45.64
N VAL A 443 34.36 -1.43 -46.78
CA VAL A 443 33.04 -0.82 -47.04
C VAL A 443 32.02 -1.33 -46.03
N LEU A 444 31.96 -2.65 -45.85
CA LEU A 444 31.02 -3.23 -44.90
C LEU A 444 31.29 -2.71 -43.49
N ARG A 445 32.57 -2.58 -43.12
CA ARG A 445 32.90 -2.00 -41.82
C ARG A 445 32.42 -0.56 -41.72
N GLY A 446 32.40 0.16 -42.85
CA GLY A 446 31.90 1.53 -42.84
C GLY A 446 30.40 1.62 -42.85
N LEU A 447 29.72 0.61 -43.40
CA LEU A 447 28.26 0.58 -43.38
C LEU A 447 27.75 0.21 -42.00
N ALA A 448 28.42 -0.75 -41.33
CA ALA A 448 28.02 -1.14 -39.99
C ALA A 448 28.23 -0.03 -38.97
N LEU A 449 29.12 0.92 -39.26
CA LEU A 449 29.39 2.04 -38.38
C LEU A 449 28.90 3.37 -38.93
N GLY A 450 28.24 3.37 -40.08
CA GLY A 450 27.73 4.61 -40.65
C GLY A 450 28.79 5.64 -40.99
N THR A 451 30.05 5.22 -41.06
CA THR A 451 31.14 6.15 -41.33
C THR A 451 31.20 6.45 -42.81
N GLU A 452 32.26 7.13 -43.24
CA GLU A 452 32.39 7.58 -44.62
C GLU A 452 32.84 6.48 -45.57
N SER A 453 33.44 5.40 -45.05
CA SER A 453 33.95 4.34 -45.91
C SER A 453 32.84 3.63 -46.67
N GLY A 454 31.59 3.75 -46.23
CA GLY A 454 30.48 3.10 -46.89
C GLY A 454 29.77 3.99 -47.87
N LEU A 455 29.98 5.30 -47.74
CA LEU A 455 29.33 6.26 -48.63
C LEU A 455 29.61 5.95 -50.09
N PHE A 456 30.85 5.62 -50.41
CA PHE A 456 31.25 5.36 -51.78
C PHE A 456 32.33 4.30 -51.81
N SER A 457 32.29 3.44 -52.84
CA SER A 457 33.33 2.47 -53.09
C SER A 457 33.38 2.24 -54.59
N PRO A 458 34.58 2.16 -55.18
CA PRO A 458 34.63 1.89 -56.63
C PRO A 458 33.89 0.63 -57.01
N CYS A 459 33.69 -0.29 -56.08
CA CYS A 459 32.99 -1.53 -56.40
C CYS A 459 31.55 -1.25 -56.86
N TYR A 460 30.94 -0.17 -56.38
CA TYR A 460 29.58 0.15 -56.80
C TYR A 460 29.49 0.33 -58.31
N LEU A 461 30.50 0.96 -58.91
CA LEU A 461 30.53 1.19 -60.34
C LEU A 461 31.37 0.16 -61.08
N SER A 462 31.61 -0.99 -60.46
CA SER A 462 32.43 -2.03 -61.06
C SER A 462 31.60 -2.92 -61.97
N LEU A 463 32.30 -3.70 -62.80
CA LEU A 463 31.68 -4.68 -63.69
C LEU A 463 31.73 -6.08 -63.10
N ARG A 464 31.60 -6.18 -61.78
CA ARG A 464 31.66 -7.46 -61.07
C ARG A 464 30.27 -7.80 -60.55
N PHE A 465 29.70 -8.88 -61.06
CA PHE A 465 28.33 -9.28 -60.74
C PHE A 465 28.27 -10.61 -60.00
N ASP A 466 29.39 -11.04 -59.41
CA ASP A 466 29.45 -12.29 -58.68
C ASP A 466 29.29 -12.09 -57.17
N LEU A 467 29.01 -10.87 -56.73
CA LEU A 467 28.94 -10.56 -55.30
C LEU A 467 27.55 -10.90 -54.79
N THR A 468 27.42 -12.07 -54.17
CA THR A 468 26.18 -12.50 -53.54
C THR A 468 26.25 -12.26 -52.03
N ARG A 469 25.13 -12.48 -51.36
CA ARG A 469 25.06 -12.26 -49.92
C ARG A 469 26.08 -13.14 -49.20
N ASP A 470 25.98 -14.46 -49.38
CA ASP A 470 26.90 -15.38 -48.72
C ASP A 470 28.35 -15.14 -49.12
N LYS A 471 28.59 -14.53 -50.28
CA LYS A 471 29.96 -14.21 -50.68
C LYS A 471 30.48 -12.99 -49.95
N LEU A 472 29.62 -12.01 -49.68
CA LEU A 472 30.03 -10.84 -48.90
C LEU A 472 30.20 -11.21 -47.42
N LEU A 473 29.34 -12.09 -46.91
CA LEU A 473 29.46 -12.53 -45.52
C LEU A 473 30.85 -13.06 -45.22
N SER A 474 31.52 -13.64 -46.22
CA SER A 474 32.85 -14.18 -46.01
C SER A 474 33.89 -13.08 -45.83
N MET A 475 33.69 -11.94 -46.48
CA MET A 475 34.63 -10.83 -46.44
C MET A 475 34.26 -9.79 -45.39
N ALA A 476 33.18 -10.00 -44.65
CA ALA A 476 32.75 -9.02 -43.67
C ALA A 476 33.65 -9.06 -42.43
N PRO A 477 33.73 -7.95 -41.69
CA PRO A 477 34.48 -7.96 -40.44
C PRO A 477 33.87 -8.94 -39.44
N GLN A 478 34.73 -9.79 -38.87
CA GLN A 478 34.30 -10.82 -37.92
C GLN A 478 34.51 -10.40 -36.48
N GLU A 479 34.74 -9.11 -36.23
CA GLU A 479 34.96 -8.64 -34.87
C GLU A 479 33.70 -8.82 -34.02
N ALA A 480 33.86 -9.36 -32.82
CA ALA A 480 32.73 -9.57 -31.93
C ALA A 480 32.23 -8.26 -31.34
N THR A 481 33.08 -7.22 -31.29
CA THR A 481 32.64 -5.94 -30.73
C THR A 481 31.62 -5.26 -31.63
N LEU A 482 31.73 -5.44 -32.95
CA LEU A 482 30.77 -4.83 -33.86
C LEU A 482 29.44 -5.54 -33.79
N ASP A 483 28.36 -4.77 -33.91
CA ASP A 483 27.02 -5.33 -33.84
C ASP A 483 26.81 -6.35 -34.95
N GLN A 484 26.47 -7.58 -34.56
CA GLN A 484 26.23 -8.63 -35.54
C GLN A 484 25.18 -8.21 -36.56
N ALA A 485 24.18 -7.44 -36.13
CA ALA A 485 23.11 -7.02 -37.02
C ALA A 485 23.57 -5.92 -37.97
N ALA A 486 24.31 -4.93 -37.45
CA ALA A 486 24.81 -3.86 -38.32
C ALA A 486 25.62 -4.43 -39.47
N VAL A 487 26.38 -5.49 -39.21
CA VAL A 487 27.10 -6.17 -40.29
C VAL A 487 26.12 -6.90 -41.20
N SER A 488 25.19 -7.64 -40.60
CA SER A 488 24.18 -8.34 -41.40
C SER A 488 23.34 -7.36 -42.22
N ASN A 489 23.10 -6.16 -41.69
CA ASN A 489 22.39 -5.15 -42.45
C ASN A 489 23.28 -4.51 -43.51
N ALA A 490 24.57 -4.37 -43.21
CA ALA A 490 25.51 -3.83 -44.20
C ALA A 490 25.50 -4.68 -45.46
N VAL A 491 25.56 -6.01 -45.30
CA VAL A 491 25.52 -6.90 -46.46
C VAL A 491 24.25 -6.68 -47.26
N ASP A 492 23.10 -6.70 -46.59
CA ASP A 492 21.83 -6.45 -47.26
C ASP A 492 21.86 -5.11 -47.99
N GLY A 493 22.45 -4.08 -47.37
CA GLY A 493 22.56 -2.80 -48.03
C GLY A 493 23.58 -2.82 -49.17
N PHE A 494 24.80 -3.24 -48.86
CA PHE A 494 25.82 -3.39 -49.90
C PHE A 494 25.27 -4.13 -51.11
N LEU A 495 24.79 -5.35 -50.90
CA LEU A 495 24.22 -6.14 -51.99
C LEU A 495 23.11 -5.38 -52.71
N GLY A 496 22.27 -4.68 -51.96
CA GLY A 496 21.21 -3.91 -52.60
C GLY A 496 21.73 -2.82 -53.53
N ARG A 497 22.94 -2.32 -53.27
CA ARG A 497 23.51 -1.31 -54.15
C ARG A 497 23.89 -1.88 -55.52
N LEU A 498 24.45 -3.10 -55.55
CA LEU A 498 24.83 -3.71 -56.82
C LEU A 498 23.76 -4.64 -57.37
N SER A 499 22.47 -4.35 -57.18
CA SER A 499 21.46 -5.09 -57.90
C SER A 499 21.45 -4.56 -59.33
N LEU A 500 21.73 -5.42 -60.30
CA LEU A 500 21.68 -4.98 -61.69
C LEU A 500 20.28 -4.49 -62.06
N GLU A 501 19.26 -5.09 -61.47
CA GLU A 501 17.88 -4.84 -61.85
C GLU A 501 17.26 -3.89 -60.83
N ARG A 502 16.47 -2.94 -61.33
CA ARG A 502 15.88 -1.87 -60.53
C ARG A 502 16.93 -0.91 -59.98
N GLU A 503 18.13 -0.92 -60.55
CA GLU A 503 19.16 0.07 -60.28
C GLU A 503 19.46 0.93 -61.48
N ASP A 504 19.57 0.33 -62.67
CA ASP A 504 19.75 1.04 -63.93
C ASP A 504 21.10 1.71 -64.09
N ARG A 505 21.92 1.70 -63.03
CA ARG A 505 23.22 2.38 -63.02
C ARG A 505 24.38 1.39 -62.99
N ASP A 506 24.20 0.20 -63.58
CA ASP A 506 25.29 -0.78 -63.62
C ASP A 506 25.69 -1.21 -65.03
N ALA A 507 24.76 -1.44 -65.94
CA ALA A 507 25.13 -2.06 -67.21
C ALA A 507 24.18 -1.59 -68.32
N TRP A 508 24.26 -2.27 -69.46
CA TRP A 508 23.60 -1.94 -70.73
C TRP A 508 24.19 -0.71 -71.42
N HIS A 509 25.44 -0.35 -71.12
CA HIS A 509 26.12 0.70 -71.86
C HIS A 509 27.26 0.18 -72.72
N LEU A 510 27.76 -1.02 -72.42
CA LEU A 510 28.79 -1.64 -73.23
C LEU A 510 28.15 -2.36 -74.41
N PRO A 511 28.86 -2.50 -75.54
CA PRO A 511 28.31 -3.26 -76.66
C PRO A 511 28.54 -4.75 -76.59
N ALA A 512 29.38 -5.23 -75.67
CA ALA A 512 29.61 -6.65 -75.48
C ALA A 512 28.59 -7.29 -74.54
N TYR A 513 27.53 -6.59 -74.17
CA TYR A 513 26.57 -7.12 -73.21
C TYR A 513 25.41 -7.81 -73.90
N LYS A 514 25.00 -7.32 -75.07
CA LYS A 514 23.95 -7.94 -75.85
C LYS A 514 24.37 -9.29 -76.41
N CYS A 515 25.65 -9.66 -76.33
CA CYS A 515 26.11 -10.95 -76.81
C CYS A 515 25.92 -12.06 -75.79
N VAL A 516 25.20 -11.79 -74.70
CA VAL A 516 25.02 -12.76 -73.63
C VAL A 516 23.60 -13.29 -73.69
N ASP A 517 23.43 -14.54 -73.30
CA ASP A 517 22.12 -15.18 -73.32
C ASP A 517 21.40 -14.98 -71.99
N ARG A 518 22.01 -15.42 -70.89
CA ARG A 518 21.45 -15.26 -69.56
C ARG A 518 22.27 -14.23 -68.79
N LEU A 519 21.59 -13.20 -68.30
CA LEU A 519 22.28 -12.12 -67.61
C LEU A 519 22.65 -12.50 -66.17
N ASP A 520 21.79 -13.26 -65.50
CA ASP A 520 22.01 -13.56 -64.09
C ASP A 520 23.17 -14.50 -63.86
N LYS A 521 23.71 -15.12 -64.91
CA LYS A 521 24.84 -16.03 -64.78
C LYS A 521 26.17 -15.35 -65.04
N VAL A 522 26.14 -14.06 -65.40
CA VAL A 522 27.39 -13.33 -65.63
C VAL A 522 28.10 -13.09 -64.31
N LEU A 523 29.41 -13.27 -64.32
CA LEU A 523 30.25 -13.09 -63.14
C LEU A 523 31.05 -11.82 -63.17
N MET A 524 31.67 -11.50 -64.31
CA MET A 524 32.54 -10.33 -64.41
C MET A 524 32.77 -10.02 -65.87
N ILE A 525 33.02 -8.75 -66.16
CA ILE A 525 33.31 -8.28 -67.51
C ILE A 525 34.57 -7.44 -67.45
N ILE A 526 35.49 -7.70 -68.36
CA ILE A 526 36.75 -6.95 -68.44
C ILE A 526 36.84 -6.33 -69.82
N PRO A 527 36.42 -5.08 -70.01
CA PRO A 527 36.57 -4.44 -71.33
C PRO A 527 38.00 -3.95 -71.53
N LEU A 528 38.74 -4.66 -72.36
CA LEU A 528 40.10 -4.27 -72.71
C LEU A 528 40.07 -3.48 -74.01
N ILE A 529 41.26 -3.22 -74.55
CA ILE A 529 41.37 -2.49 -75.81
C ILE A 529 41.22 -3.49 -76.95
N ASN A 530 40.27 -3.22 -77.84
CA ASN A 530 39.94 -4.06 -78.99
C ASN A 530 39.34 -5.41 -78.59
N VAL A 531 39.01 -5.61 -77.31
CA VAL A 531 38.41 -6.87 -76.87
C VAL A 531 37.83 -6.71 -75.47
N THR A 532 36.74 -7.43 -75.20
CA THR A 532 36.13 -7.48 -73.89
C THR A 532 35.81 -8.93 -73.56
N PHE A 533 36.16 -9.36 -72.35
CA PHE A 533 35.92 -10.74 -71.91
C PHE A 533 34.65 -10.81 -71.09
N ILE A 534 33.85 -11.85 -71.36
CA ILE A 534 32.61 -12.10 -70.65
C ILE A 534 32.84 -13.36 -69.80
N ILE A 535 33.19 -13.17 -68.53
CA ILE A 535 33.36 -14.27 -67.61
C ILE A 535 32.01 -14.59 -67.00
N SER A 536 31.55 -15.83 -67.16
CA SER A 536 30.23 -16.23 -66.71
C SER A 536 30.20 -17.75 -66.57
N SER A 537 29.12 -18.23 -65.95
CA SER A 537 28.81 -19.65 -65.92
C SER A 537 27.85 -20.06 -67.03
N ASP A 538 27.70 -19.20 -68.05
CA ASP A 538 26.78 -19.45 -69.15
C ASP A 538 27.57 -20.02 -70.33
N ARG A 539 27.20 -21.22 -70.76
CA ARG A 539 27.87 -21.83 -71.91
C ARG A 539 27.50 -21.13 -73.21
N GLU A 540 26.24 -20.73 -73.35
CA GLU A 540 25.74 -20.13 -74.59
C GLU A 540 25.99 -18.63 -74.56
N VAL A 541 27.24 -18.27 -74.84
CA VAL A 541 27.65 -16.87 -74.98
C VAL A 541 28.14 -16.68 -76.40
N ARG A 542 27.54 -15.73 -77.12
CA ARG A 542 27.85 -15.51 -78.53
C ARG A 542 29.13 -14.69 -78.65
N GLY A 543 30.25 -15.37 -78.40
CA GLY A 543 31.56 -14.78 -78.51
C GLY A 543 32.37 -15.41 -79.63
N SER A 544 33.66 -15.06 -79.65
CA SER A 544 34.57 -15.58 -80.66
C SER A 544 35.16 -16.92 -80.28
N ALA A 545 35.37 -17.17 -78.99
CA ALA A 545 35.90 -18.44 -78.51
C ALA A 545 35.24 -18.75 -77.18
N LEU A 546 35.69 -19.83 -76.53
CA LEU A 546 35.13 -20.22 -75.24
C LEU A 546 36.18 -21.03 -74.48
N TYR A 547 36.79 -20.41 -73.47
CA TYR A 547 37.72 -21.10 -72.58
C TYR A 547 36.98 -21.55 -71.32
N GLU A 548 37.39 -22.69 -70.79
CA GLU A 548 36.85 -23.22 -69.54
C GLU A 548 38.00 -23.55 -68.60
N ALA A 549 38.17 -22.76 -67.55
CA ALA A 549 39.13 -23.09 -66.52
C ALA A 549 38.65 -24.30 -65.72
N SER A 550 39.62 -25.02 -65.13
CA SER A 550 39.32 -26.20 -64.33
C SER A 550 38.58 -25.79 -63.06
N THR A 551 37.26 -25.99 -63.02
CA THR A 551 36.52 -25.44 -61.88
C THR A 551 36.63 -26.38 -60.68
N THR A 552 35.88 -27.49 -60.72
CA THR A 552 35.83 -28.48 -59.66
C THR A 552 34.70 -29.47 -59.99
N TYR A 553 34.38 -30.37 -59.06
CA TYR A 553 33.06 -31.03 -59.09
C TYR A 553 32.23 -30.35 -58.00
N LEU A 554 31.73 -29.18 -58.36
CA LEU A 554 30.91 -28.32 -57.51
C LEU A 554 30.40 -27.19 -58.42
N SER A 555 30.45 -25.95 -57.94
CA SER A 555 29.83 -24.77 -58.56
C SER A 555 29.71 -24.81 -60.08
N SER A 556 28.86 -23.93 -60.60
CA SER A 556 28.26 -24.07 -61.91
C SER A 556 29.29 -24.24 -63.03
N SER A 557 30.09 -23.21 -63.30
CA SER A 557 31.05 -23.28 -64.39
C SER A 557 31.80 -21.95 -64.42
N LEU A 558 32.92 -21.95 -65.14
CA LEU A 558 33.70 -20.74 -65.35
C LEU A 558 34.13 -20.70 -66.80
N PHE A 559 33.49 -19.84 -67.59
CA PHE A 559 33.81 -19.65 -68.99
C PHE A 559 34.38 -18.26 -69.21
N LEU A 560 35.27 -18.13 -70.19
CA LEU A 560 35.83 -16.85 -70.61
C LEU A 560 35.60 -16.72 -72.11
N SER A 561 34.64 -15.89 -72.49
CA SER A 561 34.25 -15.74 -73.89
C SER A 561 34.73 -14.39 -74.43
N PRO A 562 35.89 -14.34 -75.08
CA PRO A 562 36.37 -13.05 -75.61
C PRO A 562 35.48 -12.56 -76.75
N VAL A 563 35.10 -11.28 -76.67
CA VAL A 563 34.32 -10.62 -77.71
C VAL A 563 35.25 -9.66 -78.43
N ILE A 564 35.63 -10.01 -79.65
CA ILE A 564 36.59 -9.20 -80.41
C ILE A 564 35.87 -7.99 -80.98
N MET A 565 36.43 -6.81 -80.74
CA MET A 565 35.94 -5.55 -81.29
C MET A 565 34.49 -5.28 -80.88
N ASN A 566 34.02 -5.91 -79.82
CA ASN A 566 32.67 -5.66 -79.29
C ASN A 566 31.60 -5.93 -80.34
N LYS A 567 31.79 -7.01 -81.12
CA LYS A 567 30.81 -7.44 -82.10
C LYS A 567 30.47 -8.90 -81.84
N CYS A 568 29.20 -9.18 -81.61
CA CYS A 568 28.79 -10.54 -81.27
C CYS A 568 29.03 -11.48 -82.45
N SER A 569 28.78 -12.77 -82.19
CA SER A 569 28.83 -13.80 -83.21
C SER A 569 27.42 -14.29 -83.50
N GLN A 570 27.25 -14.96 -84.64
CA GLN A 570 25.95 -15.47 -85.02
C GLN A 570 25.40 -16.43 -83.98
N GLY A 571 26.27 -17.26 -83.40
CA GLY A 571 25.87 -18.18 -82.36
C GLY A 571 27.06 -18.55 -81.49
N ALA A 572 26.76 -19.23 -80.40
CA ALA A 572 27.81 -19.67 -79.49
C ALA A 572 28.69 -20.72 -80.16
N VAL A 573 30.00 -20.63 -79.92
CA VAL A 573 30.96 -21.58 -80.47
C VAL A 573 30.53 -22.99 -80.11
N ALA A 574 30.75 -23.94 -81.01
CA ALA A 574 30.38 -25.33 -80.80
C ALA A 574 31.60 -26.16 -80.45
N GLY A 575 31.36 -27.35 -79.90
CA GLY A 575 32.40 -28.26 -79.52
C GLY A 575 32.87 -28.04 -78.09
N GLU A 576 33.73 -28.95 -77.64
CA GLU A 576 34.27 -28.87 -76.29
C GLU A 576 35.05 -27.57 -76.14
N PRO A 577 34.88 -26.82 -75.05
CA PRO A 577 35.59 -25.54 -74.91
C PRO A 577 37.10 -25.73 -74.91
N ARG A 578 37.80 -24.66 -75.28
CA ARG A 578 39.25 -24.70 -75.36
C ARG A 578 39.87 -24.87 -73.97
N GLN A 579 41.14 -25.28 -73.97
CA GLN A 579 41.93 -25.41 -72.76
C GLN A 579 42.84 -24.20 -72.61
N ILE A 580 42.98 -23.73 -71.37
CA ILE A 580 43.84 -22.58 -71.09
C ILE A 580 45.30 -23.04 -71.11
N PRO A 581 46.12 -22.59 -72.06
CA PRO A 581 47.53 -23.00 -72.04
C PRO A 581 48.25 -22.45 -70.81
N LYS A 582 49.07 -23.30 -70.20
CA LYS A 582 49.85 -22.90 -69.05
C LYS A 582 51.19 -22.32 -69.49
N ILE A 583 51.84 -21.61 -68.57
CA ILE A 583 53.10 -20.93 -68.84
C ILE A 583 54.03 -21.16 -67.65
N GLN A 584 55.20 -21.75 -67.91
CA GLN A 584 56.26 -21.85 -66.92
C GLN A 584 57.52 -21.10 -67.32
N ASN A 585 57.83 -21.03 -68.62
CA ASN A 585 59.01 -20.31 -69.11
C ASN A 585 58.72 -18.81 -69.08
N PHE A 586 58.75 -18.26 -67.87
CA PHE A 586 58.47 -16.84 -67.66
C PHE A 586 59.12 -16.43 -66.35
N THR A 587 60.01 -15.44 -66.41
CA THR A 587 60.79 -15.03 -65.26
C THR A 587 60.05 -13.98 -64.43
N ARG A 588 60.40 -13.91 -63.14
CA ARG A 588 59.77 -12.95 -62.24
C ARG A 588 60.28 -11.53 -62.47
N THR A 589 61.48 -11.38 -63.04
CA THR A 589 62.08 -10.07 -63.25
C THR A 589 61.77 -9.59 -64.66
N GLN A 590 61.18 -8.41 -64.78
CA GLN A 590 60.85 -7.80 -66.06
C GLN A 590 61.16 -6.32 -66.01
N LYS A 591 61.83 -5.81 -67.05
CA LYS A 591 62.27 -4.43 -67.10
C LYS A 591 61.45 -3.58 -68.08
N SER A 592 60.37 -4.13 -68.64
CA SER A 592 59.51 -3.38 -69.55
C SER A 592 58.07 -3.88 -69.36
N CYS A 593 57.14 -3.25 -70.06
CA CYS A 593 55.73 -3.40 -69.68
C CYS A 593 55.11 -4.74 -70.07
N ILE A 594 55.82 -5.73 -70.62
CA ILE A 594 55.29 -6.82 -71.46
C ILE A 594 53.90 -7.35 -71.05
N PHE A 595 53.25 -6.74 -70.06
CA PHE A 595 51.87 -7.07 -69.70
C PHE A 595 50.94 -5.86 -69.68
N CYS A 596 51.35 -4.71 -70.25
CA CYS A 596 50.44 -3.58 -70.39
C CYS A 596 49.21 -3.97 -71.20
N GLY A 597 48.05 -3.48 -70.77
CA GLY A 597 46.81 -3.71 -71.49
C GLY A 597 46.11 -5.01 -71.17
N PHE A 598 46.77 -5.92 -70.47
CA PHE A 598 46.20 -7.20 -70.14
C PHE A 598 45.53 -7.15 -68.77
N ALA A 599 44.78 -8.20 -68.46
CA ALA A 599 44.14 -8.36 -67.16
C ALA A 599 44.60 -9.66 -66.54
N LEU A 600 44.86 -9.64 -65.23
CA LEU A 600 45.37 -10.79 -64.51
C LEU A 600 44.35 -11.18 -63.44
N LEU A 601 43.65 -12.28 -63.67
CA LEU A 601 42.60 -12.75 -62.78
C LEU A 601 43.13 -13.86 -61.88
N SER A 602 42.67 -13.86 -60.63
CA SER A 602 43.01 -14.89 -59.65
C SER A 602 41.71 -15.42 -59.07
N TYR A 603 41.37 -16.66 -59.39
CA TYR A 603 40.15 -17.29 -58.91
C TYR A 603 40.51 -18.54 -58.11
N ASP A 604 39.60 -18.94 -57.24
CA ASP A 604 39.72 -20.19 -56.51
C ASP A 604 38.76 -21.20 -57.11
N GLU A 605 39.20 -22.45 -57.18
CA GLU A 605 38.38 -23.50 -57.80
C GLU A 605 37.01 -23.58 -57.15
N LYS A 606 36.95 -23.52 -55.83
CA LYS A 606 35.69 -23.62 -55.10
C LYS A 606 35.06 -22.26 -54.85
N GLU A 607 35.85 -21.28 -54.41
CA GLU A 607 35.31 -19.99 -53.99
C GLU A 607 35.00 -19.05 -55.15
N GLY A 608 35.56 -19.30 -56.32
CA GLY A 608 35.32 -18.43 -57.46
C GLY A 608 36.33 -17.31 -57.56
N LEU A 609 35.93 -16.20 -58.18
CA LEU A 609 36.85 -15.10 -58.40
C LEU A 609 37.23 -14.44 -57.08
N GLU A 610 38.51 -14.12 -56.94
CA GLU A 610 39.04 -13.53 -55.71
C GLU A 610 39.65 -12.16 -55.94
N THR A 611 40.51 -12.00 -56.94
CA THR A 611 41.19 -10.74 -57.18
C THR A 611 41.24 -10.46 -58.68
N THR A 612 41.26 -9.17 -59.02
CA THR A 612 41.37 -8.73 -60.40
C THR A 612 42.36 -7.58 -60.47
N THR A 613 43.22 -7.60 -61.47
CA THR A 613 44.20 -6.55 -61.68
C THR A 613 44.27 -6.21 -63.16
N TYR A 614 44.30 -4.91 -63.45
CA TYR A 614 44.45 -4.41 -64.82
C TYR A 614 45.83 -3.79 -64.93
N ILE A 615 46.72 -4.43 -65.67
CA ILE A 615 48.10 -3.96 -65.80
C ILE A 615 48.10 -2.72 -66.68
N THR A 616 48.15 -1.54 -66.06
CA THR A 616 48.02 -0.29 -66.78
C THR A 616 49.34 0.43 -67.01
N SER A 617 50.38 0.10 -66.26
CA SER A 617 51.67 0.77 -66.40
C SER A 617 52.75 -0.14 -65.83
N GLN A 618 53.99 0.34 -65.89
CA GLN A 618 55.12 -0.43 -65.37
C GLN A 618 55.01 -0.61 -63.86
N GLU A 619 54.48 0.39 -63.16
CA GLU A 619 54.42 0.32 -61.70
C GLU A 619 53.49 -0.79 -61.24
N VAL A 620 52.37 -0.98 -61.94
CA VAL A 620 51.42 -2.03 -61.56
C VAL A 620 52.06 -3.41 -61.72
N GLN A 621 52.68 -3.64 -62.88
CA GLN A 621 53.30 -4.94 -63.14
C GLN A 621 54.37 -5.27 -62.10
N ASN A 622 55.26 -4.32 -61.84
CA ASN A 622 56.34 -4.56 -60.87
C ASN A 622 55.76 -4.92 -59.50
N SER A 623 54.61 -4.36 -59.15
CA SER A 623 53.97 -4.72 -57.88
C SER A 623 53.48 -6.16 -57.91
N ILE A 624 53.01 -6.62 -59.06
CA ILE A 624 52.54 -8.00 -59.18
C ILE A 624 53.70 -8.97 -59.02
N LEU A 625 54.75 -8.81 -59.83
CA LEU A 625 55.84 -9.77 -59.86
C LEU A 625 56.62 -9.76 -58.55
N SER A 626 57.15 -8.61 -58.15
CA SER A 626 58.02 -8.55 -56.99
C SER A 626 57.30 -9.02 -55.73
N SER A 627 56.04 -8.63 -55.56
CA SER A 627 55.29 -8.97 -54.36
C SER A 627 55.02 -10.47 -54.31
N ASN A 628 54.36 -10.90 -53.24
CA ASN A 628 54.01 -12.30 -53.03
C ASN A 628 52.65 -12.66 -53.64
N TYR A 629 52.21 -11.91 -54.65
CA TYR A 629 50.91 -12.17 -55.26
C TYR A 629 50.83 -13.59 -55.81
N PHE A 630 51.86 -14.00 -56.55
CA PHE A 630 51.90 -15.34 -57.14
C PHE A 630 52.25 -16.33 -56.04
N ASP A 631 51.24 -17.04 -55.54
CA ASP A 631 51.42 -18.07 -54.51
C ASP A 631 50.82 -19.35 -55.06
N PHE A 632 51.67 -20.23 -55.58
CA PHE A 632 51.24 -21.49 -56.16
C PHE A 632 51.10 -22.61 -55.13
N ASP A 633 51.40 -22.33 -53.85
CA ASP A 633 51.27 -23.36 -52.83
C ASP A 633 49.86 -23.93 -52.79
N ASN A 634 48.85 -23.08 -52.98
CA ASN A 634 47.47 -23.52 -52.98
C ASN A 634 47.11 -24.05 -54.36
N LEU A 635 46.80 -25.35 -54.44
CA LEU A 635 46.47 -25.97 -55.72
C LEU A 635 45.13 -25.48 -56.24
N HIS A 636 44.19 -25.15 -55.35
CA HIS A 636 42.86 -24.70 -55.76
C HIS A 636 42.83 -23.26 -56.24
N VAL A 637 43.97 -22.58 -56.32
CA VAL A 637 44.05 -21.22 -56.80
C VAL A 637 44.82 -21.21 -58.12
N HIS A 638 44.35 -20.40 -59.07
CA HIS A 638 44.99 -20.27 -60.37
C HIS A 638 45.05 -18.79 -60.73
N TYR A 639 45.87 -18.49 -61.74
CA TYR A 639 46.09 -17.12 -62.18
C TYR A 639 45.92 -17.06 -63.70
N LEU A 640 44.83 -16.45 -64.16
CA LEU A 640 44.54 -16.33 -65.58
C LEU A 640 45.00 -14.99 -66.10
N LEU A 641 45.61 -15.01 -67.28
CA LEU A 641 46.11 -13.81 -67.94
C LEU A 641 45.27 -13.56 -69.19
N LEU A 642 44.59 -12.42 -69.23
CA LEU A 642 43.72 -12.06 -70.34
C LEU A 642 44.43 -11.06 -71.23
N THR A 643 44.67 -11.45 -72.48
CA THR A 643 45.41 -10.62 -73.43
C THR A 643 44.46 -9.82 -74.30
N THR A 644 44.95 -8.69 -74.81
CA THR A 644 44.17 -7.90 -75.76
C THR A 644 43.93 -8.64 -77.06
N ASN A 645 44.78 -9.62 -77.39
CA ASN A 645 44.62 -10.42 -78.60
C ASN A 645 43.39 -11.32 -78.53
N GLY A 646 42.80 -11.50 -77.36
CA GLY A 646 41.67 -12.39 -77.19
C GLY A 646 41.99 -13.73 -76.59
N THR A 647 43.24 -13.95 -76.17
CA THR A 647 43.68 -15.23 -75.64
C THR A 647 43.66 -15.21 -74.11
N VAL A 648 43.47 -16.39 -73.53
CA VAL A 648 43.52 -16.58 -72.09
C VAL A 648 44.66 -17.55 -71.77
N MET A 649 45.45 -17.22 -70.75
CA MET A 649 46.61 -18.01 -70.40
C MET A 649 46.71 -18.12 -68.89
N GLU A 650 47.18 -19.26 -68.43
CA GLU A 650 47.35 -19.54 -67.01
C GLU A 650 48.84 -19.51 -66.66
N ILE A 651 49.18 -18.77 -65.63
CA ILE A 651 50.55 -18.73 -65.10
C ILE A 651 50.67 -19.86 -64.09
N ALA A 652 51.48 -20.87 -64.39
CA ALA A 652 51.64 -22.03 -63.54
C ALA A 652 52.96 -22.03 -62.76
N GLY A 653 53.91 -21.18 -63.12
CA GLY A 653 55.17 -21.14 -62.41
C GLY A 653 56.12 -20.16 -63.08
N LEU A 654 57.15 -19.78 -62.32
CA LEU A 654 58.14 -18.82 -62.76
C LEU A 654 59.54 -19.41 -62.60
N TYR A 655 60.51 -18.77 -63.25
CA TYR A 655 61.90 -19.17 -63.11
C TYR A 655 62.38 -18.96 -61.67
N ALA B 2 -17.58 57.09 -22.17
CA ALA B 2 -16.81 57.21 -20.93
C ALA B 2 -15.72 56.15 -20.86
N TYR B 3 -14.90 56.21 -19.81
CA TYR B 3 -13.90 55.17 -19.59
C TYR B 3 -12.90 55.09 -20.74
N PRO B 4 -11.89 55.97 -20.79
CA PRO B 4 -10.89 55.83 -21.85
C PRO B 4 -10.30 54.44 -21.90
N CYS B 5 -10.27 53.71 -20.78
CA CYS B 5 -9.93 52.30 -20.84
C CYS B 5 -11.15 51.64 -21.48
N CYS B 6 -11.19 51.61 -22.81
CA CYS B 6 -12.40 51.21 -23.51
C CYS B 6 -12.62 49.69 -23.41
N HIS B 7 -13.69 49.22 -24.04
CA HIS B 7 -13.97 47.80 -24.19
C HIS B 7 -14.02 47.46 -25.67
N VAL B 8 -13.21 46.49 -26.08
CA VAL B 8 -13.08 46.14 -27.48
C VAL B 8 -14.26 45.27 -27.90
N THR B 9 -14.87 45.62 -29.02
CA THR B 9 -16.02 44.88 -29.53
C THR B 9 -16.03 44.97 -31.05
N GLN B 10 -16.30 43.84 -31.70
CA GLN B 10 -16.39 43.80 -33.15
C GLN B 10 -17.55 44.65 -33.65
N LEU B 17 -14.80 49.76 -40.73
CA LEU B 17 -13.93 50.92 -40.69
C LEU B 17 -12.51 50.56 -41.11
N ALA B 18 -12.08 51.10 -42.25
CA ALA B 18 -10.77 50.81 -42.80
C ALA B 18 -9.74 51.81 -42.27
N LEU B 19 -8.48 51.63 -42.68
CA LEU B 19 -7.38 52.48 -42.25
C LEU B 19 -7.29 53.78 -43.04
N GLU B 20 -8.09 53.93 -44.10
CA GLU B 20 -8.02 55.15 -44.91
C GLU B 20 -8.52 56.37 -44.15
N ASN B 21 -9.62 56.22 -43.42
CA ASN B 21 -10.28 57.34 -42.75
C ASN B 21 -9.82 57.52 -41.30
N ILE B 22 -8.67 56.96 -40.94
CA ILE B 22 -8.11 57.13 -39.60
C ILE B 22 -7.07 58.24 -39.64
N SER B 23 -7.13 59.13 -38.65
CA SER B 23 -6.21 60.24 -38.53
C SER B 23 -5.29 60.12 -37.32
N ASP B 24 -5.85 59.80 -36.15
CA ASP B 24 -5.09 59.70 -34.92
C ASP B 24 -5.38 58.37 -34.23
N ILE B 25 -4.41 57.89 -33.45
CA ILE B 25 -4.51 56.63 -32.74
C ILE B 25 -3.77 56.78 -31.42
N TYR B 26 -4.46 56.50 -30.31
CA TYR B 26 -3.89 56.60 -28.99
C TYR B 26 -3.67 55.21 -28.41
N LEU B 27 -2.50 55.00 -27.80
CA LEU B 27 -2.14 53.74 -27.18
C LEU B 27 -1.90 53.96 -25.70
N VAL B 28 -2.41 53.05 -24.89
CA VAL B 28 -2.28 53.14 -23.45
C VAL B 28 -0.99 52.46 -23.00
N SER B 29 -0.58 52.75 -21.77
CA SER B 29 0.56 52.09 -21.18
C SER B 29 0.11 50.80 -20.50
N ASN B 30 1.06 50.12 -19.85
CA ASN B 30 0.75 48.86 -19.19
C ASN B 30 0.15 49.06 -17.81
N GLN B 31 0.28 50.25 -17.23
CA GLN B 31 -0.33 50.57 -15.94
C GLN B 31 -1.67 51.27 -16.08
N THR B 32 -1.99 51.82 -17.25
CA THR B 32 -3.19 52.63 -17.42
C THR B 32 -4.46 51.81 -17.23
N CYS B 33 -4.48 50.58 -17.74
CA CYS B 33 -5.69 49.76 -17.71
C CYS B 33 -5.40 48.40 -17.09
N ASP B 34 -4.62 48.39 -16.01
CA ASP B 34 -4.41 47.20 -15.19
C ASP B 34 -3.79 46.05 -15.99
N GLY B 35 -3.17 46.35 -17.12
CA GLY B 35 -2.48 45.36 -17.93
C GLY B 35 -3.05 45.20 -19.32
N PHE B 36 -4.28 45.67 -19.56
CA PHE B 36 -4.87 45.56 -20.89
C PHE B 36 -4.15 46.47 -21.87
N SER B 37 -4.05 46.02 -23.11
CA SER B 37 -3.47 46.79 -24.20
C SER B 37 -4.62 47.26 -25.08
N LEU B 38 -4.96 48.54 -24.99
CA LEU B 38 -6.11 49.10 -25.70
C LEU B 38 -5.67 50.25 -26.59
N ALA B 39 -6.43 50.47 -27.66
CA ALA B 39 -6.17 51.53 -28.62
C ALA B 39 -7.47 52.22 -28.98
N SER B 40 -7.35 53.46 -29.46
CA SER B 40 -8.51 54.26 -29.85
C SER B 40 -8.31 54.76 -31.27
N LEU B 41 -9.13 54.27 -32.19
CA LEU B 41 -9.14 54.74 -33.57
C LEU B 41 -10.23 55.80 -33.73
N ASN B 42 -9.92 56.85 -34.46
CA ASN B 42 -10.88 57.94 -34.64
C ASN B 42 -10.66 58.61 -36.00
N SER B 43 -11.77 59.04 -36.59
CA SER B 43 -11.79 59.70 -37.89
C SER B 43 -12.14 61.18 -37.75
N PRO B 44 -11.77 62.02 -38.73
CA PRO B 44 -12.07 63.44 -38.64
C PRO B 44 -13.55 63.77 -38.87
N ILE B 53 -15.68 60.56 -34.00
CA ILE B 53 -15.95 59.13 -33.94
C ILE B 53 -14.79 58.43 -33.27
N SER B 54 -15.03 57.73 -32.16
CA SER B 54 -13.99 56.99 -31.45
C SER B 54 -14.30 55.51 -31.50
N ARG B 55 -13.36 54.73 -32.03
CA ARG B 55 -13.45 53.29 -32.12
C ARG B 55 -12.48 52.62 -31.14
N CYS B 56 -12.94 51.56 -30.49
CA CYS B 56 -12.11 50.80 -29.58
C CYS B 56 -11.47 49.65 -30.34
N ALA B 57 -10.17 49.45 -30.13
CA ALA B 57 -9.41 48.45 -30.86
C ALA B 57 -8.54 47.65 -29.91
N ASN B 58 -8.06 46.51 -30.39
CA ASN B 58 -7.18 45.65 -29.63
C ASN B 58 -5.76 46.22 -29.67
N GLY B 59 -5.20 46.51 -28.50
CA GLY B 59 -3.88 47.11 -28.44
C GLY B 59 -2.79 46.28 -29.09
N LEU B 60 -2.63 45.04 -28.62
CA LEU B 60 -1.52 44.21 -29.10
C LEU B 60 -1.57 44.05 -30.61
N ASN B 61 -2.76 43.81 -31.17
CA ASN B 61 -2.87 43.63 -32.62
C ASN B 61 -2.48 44.89 -33.37
N VAL B 62 -2.91 46.05 -32.87
CA VAL B 62 -2.59 47.31 -33.54
C VAL B 62 -1.09 47.57 -33.49
N VAL B 63 -0.50 47.45 -32.30
CA VAL B 63 0.93 47.71 -32.15
C VAL B 63 1.73 46.78 -33.06
N SER B 64 1.38 45.49 -33.06
CA SER B 64 2.07 44.54 -33.93
C SER B 64 2.00 44.97 -35.39
N PHE B 65 0.82 45.40 -35.84
CA PHE B 65 0.66 45.88 -37.21
C PHE B 65 1.69 46.95 -37.55
N PHE B 66 1.77 47.99 -36.72
CA PHE B 66 2.69 49.08 -37.00
C PHE B 66 4.14 48.61 -36.97
N ILE B 67 4.48 47.74 -36.03
CA ILE B 67 5.83 47.20 -35.96
C ILE B 67 6.20 46.49 -37.25
N SER B 68 5.27 45.72 -37.81
CA SER B 68 5.55 44.99 -39.04
C SER B 68 5.67 45.95 -40.23
N ILE B 69 4.87 47.02 -40.25
CA ILE B 69 4.94 47.99 -41.34
C ILE B 69 6.33 48.62 -41.39
N LEU B 70 6.84 49.05 -40.23
CA LEU B 70 8.14 49.69 -40.17
C LEU B 70 9.25 48.72 -40.57
N LYS B 71 9.16 47.46 -40.13
CA LYS B 71 10.18 46.48 -40.47
C LYS B 71 10.24 46.26 -41.97
N ARG B 72 9.08 46.09 -42.61
CA ARG B 72 9.07 45.96 -44.07
C ARG B 72 9.60 47.23 -44.74
N SER B 73 9.43 48.37 -44.09
CA SER B 73 9.85 49.66 -44.64
C SER B 73 11.16 50.12 -44.00
N SER B 74 12.20 49.30 -44.18
CA SER B 74 13.50 49.61 -43.59
C SER B 74 14.11 50.88 -44.18
N SER B 75 13.49 51.48 -45.19
CA SER B 75 13.88 52.77 -45.74
C SER B 75 13.12 53.92 -45.07
N ALA B 76 12.57 53.67 -43.90
CA ALA B 76 11.87 54.64 -43.06
C ALA B 76 12.80 55.20 -42.00
N LEU B 77 14.07 55.36 -42.36
CA LEU B 77 15.16 55.58 -41.42
C LEU B 77 15.25 57.02 -40.94
N THR B 78 14.18 57.80 -41.02
CA THR B 78 14.18 59.08 -40.32
C THR B 78 14.42 58.81 -38.83
N GLY B 79 15.17 59.70 -38.19
CA GLY B 79 15.37 59.56 -36.75
C GLY B 79 14.05 59.46 -36.00
N HIS B 80 13.00 60.07 -36.55
CA HIS B 80 11.68 60.02 -35.92
C HIS B 80 11.06 58.64 -36.03
N LEU B 81 11.03 58.07 -37.24
CA LEU B 81 10.42 56.76 -37.43
C LEU B 81 11.31 55.63 -36.91
N ARG B 82 12.62 55.81 -36.93
CA ARG B 82 13.51 54.80 -36.37
C ARG B 82 13.34 54.68 -34.86
N GLU B 83 12.92 55.77 -34.21
CA GLU B 83 12.64 55.73 -32.78
C GLU B 83 11.27 55.12 -32.49
N LEU B 84 10.29 55.39 -33.35
CA LEU B 84 8.96 54.82 -33.13
C LEU B 84 9.00 53.30 -33.15
N LEU B 85 9.75 52.72 -34.09
CA LEU B 85 9.84 51.26 -34.19
C LEU B 85 10.35 50.65 -32.88
N THR B 86 11.51 51.11 -32.42
CA THR B 86 12.07 50.58 -31.19
C THR B 86 11.13 50.84 -30.01
N THR B 87 10.47 52.00 -30.00
CA THR B 87 9.57 52.34 -28.90
C THR B 87 8.35 51.43 -28.91
N LEU B 88 7.83 51.09 -30.10
CA LEU B 88 6.67 50.21 -30.16
C LEU B 88 7.00 48.80 -29.73
N GLU B 89 8.25 48.36 -29.95
CA GLU B 89 8.63 47.01 -29.54
C GLU B 89 8.77 46.93 -28.03
N THR B 90 9.30 47.98 -27.39
CA THR B 90 9.37 48.01 -25.94
C THR B 90 7.99 48.10 -25.33
N LEU B 91 7.14 48.98 -25.87
CA LEU B 91 5.75 49.06 -25.41
C LEU B 91 5.06 47.71 -25.54
N TYR B 92 5.18 47.09 -26.71
CA TYR B 92 4.55 45.79 -26.94
C TYR B 92 5.01 44.76 -25.91
N GLY B 93 6.31 44.74 -25.61
CA GLY B 93 6.85 43.76 -24.69
C GLY B 93 6.50 44.02 -23.23
N SER B 94 6.06 45.24 -22.91
CA SER B 94 5.69 45.53 -21.53
C SER B 94 4.39 44.85 -21.14
N PHE B 95 3.52 44.59 -22.11
CA PHE B 95 2.27 43.89 -21.84
C PHE B 95 2.51 42.39 -21.81
N SER B 96 1.96 41.72 -20.80
CA SER B 96 2.10 40.28 -20.64
C SER B 96 0.76 39.62 -20.99
N VAL B 97 0.75 38.81 -22.04
CA VAL B 97 -0.44 38.06 -22.40
C VAL B 97 -0.74 36.99 -21.36
N GLU B 98 0.24 36.60 -20.54
CA GLU B 98 0.03 35.61 -19.51
C GLU B 98 -0.63 36.21 -18.26
N ASP B 99 -0.55 37.53 -18.09
CA ASP B 99 -1.32 38.20 -17.05
C ASP B 99 -2.81 38.20 -17.36
N LEU B 100 -3.20 37.72 -18.55
CA LEU B 100 -4.59 37.54 -18.93
C LEU B 100 -5.06 36.18 -18.44
N PHE B 101 -5.32 36.12 -17.12
CA PHE B 101 -5.90 34.91 -16.54
C PHE B 101 -7.38 34.92 -16.88
N GLY B 102 -8.17 34.11 -16.19
CA GLY B 102 -9.61 34.14 -16.39
C GLY B 102 -10.26 35.42 -15.92
N ALA B 103 -9.47 36.46 -15.68
CA ALA B 103 -9.98 37.72 -15.20
C ALA B 103 -11.02 38.30 -16.15
N ASN B 104 -11.68 39.36 -15.68
CA ASN B 104 -12.82 39.94 -16.35
C ASN B 104 -12.37 40.73 -17.57
N LEU B 105 -12.72 40.27 -18.77
CA LEU B 105 -12.41 41.01 -19.98
C LEU B 105 -13.50 42.04 -20.29
N ASN B 106 -14.55 42.09 -19.46
CA ASN B 106 -15.67 42.99 -19.65
C ASN B 106 -15.72 44.07 -18.56
N ARG B 107 -14.60 44.36 -17.91
CA ARG B 107 -14.58 45.33 -16.82
C ARG B 107 -15.22 46.65 -17.21
N TYR B 108 -15.34 46.94 -18.49
CA TYR B 108 -15.89 48.20 -18.97
C TYR B 108 -17.10 47.92 -19.85
N ALA B 109 -17.78 49.00 -20.25
CA ALA B 109 -19.01 48.89 -21.04
C ALA B 109 -20.08 48.12 -20.28
N GLU C 1 -7.87 7.59 -14.52
CA GLU C 1 -7.12 6.31 -14.37
C GLU C 1 -7.12 5.51 -15.67
N VAL C 2 -6.01 5.57 -16.39
CA VAL C 2 -5.91 4.87 -17.67
C VAL C 2 -5.85 3.37 -17.45
N LYS C 3 -6.74 2.64 -18.12
CA LYS C 3 -6.78 1.19 -18.07
C LYS C 3 -6.86 0.65 -19.49
N LEU C 4 -6.12 -0.42 -19.76
CA LEU C 4 -6.20 -1.15 -21.03
C LEU C 4 -6.48 -2.59 -20.68
N GLN C 5 -7.75 -2.95 -20.55
CA GLN C 5 -8.12 -4.30 -20.17
C GLN C 5 -8.17 -5.21 -21.39
N GLN C 6 -7.58 -6.38 -21.26
CA GLN C 6 -7.49 -7.38 -22.32
C GLN C 6 -8.01 -8.72 -21.84
N SER C 7 -8.70 -9.42 -22.72
CA SER C 7 -9.17 -10.78 -22.41
C SER C 7 -8.01 -11.64 -21.93
N GLY C 8 -8.32 -12.54 -21.00
CA GLY C 8 -7.26 -13.32 -20.38
C GLY C 8 -6.57 -14.26 -21.36
N ALA C 9 -7.36 -15.04 -22.10
CA ALA C 9 -6.81 -16.04 -23.01
C ALA C 9 -7.70 -16.16 -24.23
N GLU C 10 -7.14 -16.77 -25.27
CA GLU C 10 -7.87 -17.07 -26.50
C GLU C 10 -7.32 -18.37 -27.07
N LEU C 11 -8.19 -19.36 -27.25
CA LEU C 11 -7.81 -20.66 -27.78
C LEU C 11 -8.44 -20.82 -29.15
N VAL C 12 -7.62 -21.02 -30.17
CA VAL C 12 -8.09 -21.11 -31.55
C VAL C 12 -7.37 -22.27 -32.24
N MET C 13 -8.07 -22.91 -33.16
CA MET C 13 -7.52 -24.05 -33.90
C MET C 13 -6.51 -23.57 -34.93
N PRO C 14 -5.50 -24.38 -35.25
CA PRO C 14 -4.52 -23.96 -36.26
C PRO C 14 -5.18 -23.63 -37.58
N GLY C 15 -4.65 -22.61 -38.25
CA GLY C 15 -5.17 -22.15 -39.53
C GLY C 15 -6.29 -21.13 -39.43
N ALA C 16 -6.93 -21.00 -38.27
CA ALA C 16 -8.05 -20.11 -38.09
C ALA C 16 -7.56 -18.71 -37.70
N SER C 17 -8.48 -17.86 -37.25
CA SER C 17 -8.17 -16.48 -36.88
C SER C 17 -8.75 -16.17 -35.50
N VAL C 18 -8.20 -15.12 -34.86
CA VAL C 18 -8.50 -14.76 -33.48
C VAL C 18 -8.83 -13.27 -33.42
N LYS C 19 -9.48 -12.88 -32.32
CA LYS C 19 -10.05 -11.54 -32.15
C LYS C 19 -9.12 -10.57 -31.42
N MET C 20 -8.80 -10.84 -30.14
CA MET C 20 -7.82 -10.06 -29.38
C MET C 20 -8.19 -8.58 -29.29
N SER C 21 -9.18 -8.32 -28.44
CA SER C 21 -9.63 -6.95 -28.20
C SER C 21 -8.77 -6.28 -27.13
N CYS C 22 -8.88 -4.94 -27.07
CA CYS C 22 -8.17 -4.15 -26.06
C CYS C 22 -9.02 -2.91 -25.78
N LYS C 23 -9.81 -2.96 -24.70
CA LYS C 23 -10.73 -1.89 -24.35
C LYS C 23 -10.04 -0.87 -23.45
N ALA C 24 -10.11 0.40 -23.83
CA ALA C 24 -9.42 1.48 -23.14
C ALA C 24 -10.40 2.37 -22.40
N SER C 25 -10.00 2.83 -21.22
CA SER C 25 -10.81 3.72 -20.40
C SER C 25 -9.90 4.72 -19.70
N GLY C 26 -10.53 5.76 -19.15
CA GLY C 26 -9.81 6.76 -18.38
C GLY C 26 -9.25 7.92 -19.17
N TYR C 27 -9.35 7.90 -20.50
CA TYR C 27 -8.83 8.98 -21.31
C TYR C 27 -9.60 9.02 -22.63
N THR C 28 -9.30 10.03 -23.43
CA THR C 28 -9.90 10.16 -24.76
C THR C 28 -9.23 9.15 -25.68
N PHE C 29 -9.94 8.04 -25.94
CA PHE C 29 -9.36 6.94 -26.71
C PHE C 29 -8.79 7.40 -28.04
N THR C 30 -9.36 8.44 -28.64
CA THR C 30 -9.02 8.84 -30.00
C THR C 30 -7.75 9.66 -30.09
N ASP C 31 -7.18 10.13 -28.98
CA ASP C 31 -6.05 11.05 -29.02
C ASP C 31 -4.70 10.33 -28.89
N TYR C 32 -4.67 9.01 -28.91
CA TYR C 32 -3.43 8.26 -28.77
C TYR C 32 -3.48 7.03 -29.65
N TRP C 33 -2.36 6.75 -30.33
CA TRP C 33 -2.26 5.53 -31.12
C TRP C 33 -2.27 4.31 -30.20
N MET C 34 -2.40 3.14 -30.80
CA MET C 34 -2.39 1.88 -30.07
C MET C 34 -1.38 0.95 -30.72
N HIS C 35 -0.42 0.48 -29.93
CA HIS C 35 0.63 -0.40 -30.41
C HIS C 35 0.42 -1.79 -29.84
N TRP C 36 0.92 -2.79 -30.56
CA TRP C 36 0.78 -4.19 -30.17
C TRP C 36 2.16 -4.82 -30.11
N VAL C 37 2.38 -5.62 -29.07
CA VAL C 37 3.68 -6.21 -28.79
C VAL C 37 3.52 -7.70 -28.55
N LYS C 38 4.46 -8.49 -29.06
CA LYS C 38 4.42 -9.94 -28.95
C LYS C 38 5.57 -10.40 -28.06
N GLN C 39 5.27 -11.28 -27.11
CA GLN C 39 6.27 -11.80 -26.20
C GLN C 39 6.03 -13.28 -25.99
N ARG C 40 7.07 -14.09 -26.24
CA ARG C 40 7.08 -15.51 -25.95
C ARG C 40 7.60 -15.72 -24.53
N PRO C 41 7.22 -16.83 -23.86
CA PRO C 41 7.55 -16.96 -22.43
C PRO C 41 9.05 -16.94 -22.18
N GLY C 42 9.51 -15.89 -21.47
CA GLY C 42 10.91 -15.74 -21.15
C GLY C 42 11.71 -14.97 -22.19
N GLN C 43 11.24 -14.90 -23.41
CA GLN C 43 11.97 -14.24 -24.49
C GLN C 43 11.66 -12.74 -24.49
N GLY C 44 12.11 -12.04 -25.52
CA GLY C 44 12.00 -10.59 -25.59
C GLY C 44 10.67 -10.12 -26.15
N LEU C 45 10.62 -8.83 -26.46
CA LEU C 45 9.40 -8.18 -26.94
C LEU C 45 9.55 -7.79 -28.40
N GLU C 46 8.60 -8.24 -29.22
CA GLU C 46 8.55 -7.90 -30.63
C GLU C 46 7.40 -6.93 -30.89
N TRP C 47 7.69 -5.84 -31.59
CA TRP C 47 6.71 -4.81 -31.88
C TRP C 47 5.96 -5.17 -33.16
N ILE C 48 4.65 -5.43 -33.03
CA ILE C 48 3.85 -5.86 -34.18
C ILE C 48 3.57 -4.68 -35.09
N GLY C 49 2.86 -3.68 -34.58
CA GLY C 49 2.49 -2.55 -35.39
C GLY C 49 1.82 -1.47 -34.57
N ALA C 50 1.16 -0.55 -35.29
CA ALA C 50 0.48 0.56 -34.64
C ALA C 50 -0.67 1.03 -35.52
N ILE C 51 -1.68 1.61 -34.89
CA ILE C 51 -2.85 2.14 -35.59
C ILE C 51 -3.25 3.45 -34.95
N ASP C 52 -3.51 4.46 -35.79
CA ASP C 52 -3.99 5.75 -35.30
C ASP C 52 -5.49 5.67 -35.08
N THR C 53 -5.93 5.94 -33.85
CA THR C 53 -7.34 5.92 -33.54
C THR C 53 -8.03 7.14 -34.13
N SER C 54 -9.31 6.97 -34.48
CA SER C 54 -10.16 8.02 -35.03
C SER C 54 -9.82 8.32 -36.49
N ASP C 55 -8.69 7.82 -36.98
CA ASP C 55 -8.35 7.89 -38.39
C ASP C 55 -8.17 6.51 -39.00
N SER C 56 -8.04 5.48 -38.18
CA SER C 56 -7.75 4.12 -38.63
C SER C 56 -6.52 4.07 -39.52
N TYR C 57 -5.65 5.08 -39.46
CA TYR C 57 -4.40 5.03 -40.22
C TYR C 57 -3.59 3.85 -39.73
N THR C 58 -3.47 2.82 -40.56
CA THR C 58 -2.79 1.61 -40.16
C THR C 58 -1.33 1.67 -40.58
N SER C 59 -0.45 1.24 -39.69
CA SER C 59 0.99 1.24 -39.94
C SER C 59 1.55 -0.07 -39.38
N TYR C 60 1.55 -1.10 -40.21
CA TYR C 60 2.27 -2.33 -39.90
C TYR C 60 3.64 -2.17 -40.53
N ASN C 61 4.69 -2.13 -39.70
CA ASN C 61 6.01 -1.74 -40.17
C ASN C 61 7.06 -2.81 -39.91
N GLN C 62 6.65 -4.07 -39.80
CA GLN C 62 7.58 -5.13 -39.41
C GLN C 62 7.16 -6.39 -40.15
N LYS C 63 7.70 -7.52 -39.73
CA LYS C 63 7.52 -8.79 -40.43
C LYS C 63 6.15 -9.43 -40.18
N PHE C 64 5.24 -8.74 -39.49
CA PHE C 64 3.89 -9.24 -39.30
C PHE C 64 2.91 -8.66 -40.31
N LYS C 65 3.38 -8.31 -41.51
CA LYS C 65 2.50 -7.68 -42.50
C LYS C 65 1.27 -8.53 -42.77
N GLY C 66 1.46 -9.80 -43.10
CA GLY C 66 0.34 -10.65 -43.43
C GLY C 66 -0.28 -11.37 -42.26
N LYS C 67 0.29 -11.21 -41.07
CA LYS C 67 -0.26 -11.84 -39.87
C LYS C 67 -1.26 -10.93 -39.17
N ALA C 68 -0.88 -9.69 -38.91
CA ALA C 68 -1.65 -8.77 -38.09
C ALA C 68 -2.55 -7.89 -38.95
N THR C 69 -3.69 -7.51 -38.37
CA THR C 69 -4.63 -6.60 -39.03
C THR C 69 -5.31 -5.79 -37.93
N LEU C 70 -4.85 -4.54 -37.77
CA LEU C 70 -5.32 -3.69 -36.69
C LEU C 70 -6.56 -2.94 -37.12
N THR C 71 -7.56 -2.90 -36.23
CA THR C 71 -8.79 -2.14 -36.46
C THR C 71 -9.15 -1.42 -35.18
N VAL C 72 -10.14 -0.52 -35.27
CA VAL C 72 -10.54 0.32 -34.16
C VAL C 72 -12.03 0.58 -34.24
N ASP C 73 -12.68 0.66 -33.08
CA ASP C 73 -14.08 1.09 -32.96
C ASP C 73 -14.15 2.22 -31.94
N GLU C 74 -14.51 3.42 -32.40
CA GLU C 74 -14.52 4.58 -31.51
C GLU C 74 -15.62 4.47 -30.45
N SER C 75 -16.77 3.90 -30.81
CA SER C 75 -17.90 3.85 -29.88
C SER C 75 -17.54 3.10 -28.61
N SER C 76 -17.11 1.85 -28.76
CA SER C 76 -16.73 1.03 -27.61
C SER C 76 -15.32 1.33 -27.11
N SER C 77 -14.61 2.27 -27.74
CA SER C 77 -13.25 2.63 -27.34
C SER C 77 -12.36 1.39 -27.29
N THR C 78 -12.47 0.56 -28.33
CA THR C 78 -11.75 -0.69 -28.41
C THR C 78 -10.79 -0.69 -29.60
N ALA C 79 -9.68 -1.39 -29.43
CA ALA C 79 -8.69 -1.57 -30.47
C ALA C 79 -8.45 -3.06 -30.64
N TYR C 80 -8.49 -3.54 -31.87
CA TYR C 80 -8.42 -4.96 -32.17
C TYR C 80 -7.17 -5.29 -32.95
N MET C 81 -6.85 -6.58 -33.00
CA MET C 81 -5.75 -7.10 -33.80
C MET C 81 -6.12 -8.51 -34.23
N GLN C 82 -6.11 -8.75 -35.53
CA GLN C 82 -6.54 -10.02 -36.11
C GLN C 82 -5.32 -10.79 -36.60
N LEU C 83 -5.13 -12.01 -36.10
CA LEU C 83 -4.14 -12.93 -36.63
C LEU C 83 -4.81 -13.87 -37.62
N SER C 84 -4.10 -14.17 -38.70
CA SER C 84 -4.62 -15.01 -39.78
C SER C 84 -3.71 -16.22 -39.97
N SER C 85 -4.32 -17.36 -40.28
CA SER C 85 -3.58 -18.60 -40.51
C SER C 85 -2.65 -18.91 -39.33
N LEU C 86 -3.28 -19.14 -38.18
CA LEU C 86 -2.53 -19.33 -36.95
C LEU C 86 -1.61 -20.53 -37.04
N THR C 87 -0.43 -20.42 -36.43
CA THR C 87 0.54 -21.50 -36.36
C THR C 87 1.03 -21.63 -34.93
N SER C 88 1.62 -22.79 -34.62
CA SER C 88 2.16 -23.02 -33.29
C SER C 88 3.15 -21.94 -32.89
N GLU C 89 3.89 -21.38 -33.85
CA GLU C 89 4.86 -20.34 -33.54
C GLU C 89 4.20 -19.03 -33.11
N ASP C 90 2.92 -18.85 -33.42
CA ASP C 90 2.22 -17.63 -33.03
C ASP C 90 1.67 -17.69 -31.61
N SER C 91 1.74 -18.85 -30.95
CA SER C 91 1.24 -18.97 -29.58
C SER C 91 2.18 -18.23 -28.65
N ALA C 92 1.70 -17.15 -28.05
CA ALA C 92 2.51 -16.31 -27.18
C ALA C 92 1.59 -15.27 -26.55
N VAL C 93 2.17 -14.42 -25.70
CA VAL C 93 1.44 -13.33 -25.05
C VAL C 93 1.50 -12.12 -25.96
N TYR C 94 0.35 -11.47 -26.15
CA TYR C 94 0.23 -10.31 -27.02
C TYR C 94 -0.25 -9.13 -26.18
N TYR C 95 0.60 -8.12 -26.04
CA TYR C 95 0.27 -6.92 -25.28
C TYR C 95 -0.26 -5.85 -26.22
N CYS C 96 -1.26 -5.12 -25.74
CA CYS C 96 -1.72 -3.89 -26.37
C CYS C 96 -1.26 -2.74 -25.49
N ALA C 97 -0.63 -1.74 -26.11
CA ALA C 97 0.03 -0.68 -25.36
C ALA C 97 -0.39 0.67 -25.91
N ARG C 98 -0.75 1.58 -25.00
CA ARG C 98 -1.09 2.94 -25.38
C ARG C 98 0.15 3.70 -25.83
N GLY C 99 0.01 4.45 -26.92
CA GLY C 99 1.17 5.10 -27.50
C GLY C 99 1.19 6.60 -27.34
N LEU C 100 1.94 7.08 -26.33
CA LEU C 100 2.39 8.46 -26.29
C LEU C 100 3.75 8.62 -26.95
N LEU C 101 4.40 7.51 -27.30
CA LEU C 101 5.79 7.52 -27.71
C LEU C 101 6.65 8.16 -26.62
N PRO C 102 7.11 7.36 -25.62
CA PRO C 102 6.99 5.90 -25.62
C PRO C 102 5.64 5.37 -25.12
N PHE C 103 5.57 4.06 -24.89
CA PHE C 103 4.33 3.38 -24.53
C PHE C 103 3.99 3.68 -23.07
N ASP C 104 2.99 4.56 -22.87
CA ASP C 104 2.64 4.99 -21.52
C ASP C 104 2.16 3.82 -20.67
N TYR C 105 1.04 3.21 -21.06
CA TYR C 105 0.42 2.14 -20.29
C TYR C 105 0.39 0.86 -21.11
N TRP C 106 0.35 -0.27 -20.41
CA TRP C 106 0.33 -1.59 -21.02
C TRP C 106 -0.87 -2.37 -20.50
N GLY C 107 -1.48 -3.15 -21.39
CA GLY C 107 -2.52 -4.05 -20.98
C GLY C 107 -1.98 -5.25 -20.22
N GLN C 108 -2.89 -5.95 -19.55
CA GLN C 108 -2.50 -7.11 -18.74
C GLN C 108 -1.96 -8.27 -19.58
N GLY C 109 -2.13 -8.23 -20.90
CA GLY C 109 -1.65 -9.31 -21.75
C GLY C 109 -2.74 -10.31 -22.09
N THR C 110 -2.74 -10.77 -23.34
CA THR C 110 -3.63 -11.83 -23.79
C THR C 110 -2.80 -13.01 -24.28
N THR C 111 -2.84 -14.11 -23.53
CA THR C 111 -2.12 -15.31 -23.93
C THR C 111 -2.87 -15.99 -25.06
N LEU C 112 -2.17 -16.25 -26.17
CA LEU C 112 -2.75 -16.91 -27.32
C LEU C 112 -2.21 -18.33 -27.43
N THR C 113 -3.12 -19.29 -27.52
CA THR C 113 -2.78 -20.70 -27.66
C THR C 113 -3.45 -21.23 -28.93
N VAL C 114 -2.71 -22.04 -29.69
CA VAL C 114 -3.15 -22.47 -31.00
C VAL C 114 -3.51 -23.95 -31.07
N SER C 115 -3.02 -24.78 -30.14
CA SER C 115 -3.23 -26.22 -30.21
C SER C 115 -4.72 -26.57 -30.39
N SER C 116 -4.98 -27.76 -30.91
CA SER C 116 -6.33 -28.22 -31.23
C SER C 116 -7.12 -28.67 -30.00
N ALA C 117 -6.47 -28.90 -28.87
CA ALA C 117 -7.17 -29.39 -27.68
C ALA C 117 -8.28 -28.42 -27.29
N LYS C 118 -9.15 -28.89 -26.39
CA LYS C 118 -10.27 -28.10 -25.91
C LYS C 118 -9.96 -27.51 -24.54
N THR C 119 -10.78 -26.53 -24.15
CA THR C 119 -10.62 -25.86 -22.87
C THR C 119 -11.18 -26.75 -21.75
N THR C 120 -10.32 -27.15 -20.82
CA THR C 120 -10.75 -27.92 -19.67
C THR C 120 -10.55 -27.08 -18.41
N PRO C 121 -11.59 -26.76 -17.64
CA PRO C 121 -11.39 -25.94 -16.45
C PRO C 121 -10.55 -26.68 -15.41
N PRO C 122 -10.03 -25.99 -14.41
CA PRO C 122 -9.19 -26.64 -13.41
C PRO C 122 -9.98 -27.30 -12.30
N SER C 123 -9.44 -28.40 -11.80
CA SER C 123 -9.96 -29.06 -10.61
C SER C 123 -9.05 -28.68 -9.44
N VAL C 124 -9.57 -27.86 -8.54
CA VAL C 124 -8.78 -27.34 -7.43
C VAL C 124 -8.97 -28.26 -6.23
N TYR C 125 -7.86 -28.60 -5.57
CA TYR C 125 -7.90 -29.48 -4.43
C TYR C 125 -7.10 -28.87 -3.28
N PRO C 126 -7.62 -28.93 -2.05
CA PRO C 126 -6.95 -28.23 -0.95
C PRO C 126 -5.79 -29.03 -0.38
N LEU C 127 -4.74 -28.32 0.00
CA LEU C 127 -3.55 -28.91 0.63
C LEU C 127 -3.52 -28.44 2.08
N ALA C 128 -3.89 -29.33 3.01
CA ALA C 128 -3.89 -29.02 4.42
C ALA C 128 -2.91 -29.92 5.17
N PRO C 129 -2.34 -29.46 6.27
CA PRO C 129 -1.37 -30.28 7.00
C PRO C 129 -2.04 -31.49 7.66
N GLY C 130 -1.28 -32.57 7.78
CA GLY C 130 -1.77 -33.79 8.40
C GLY C 130 -2.29 -33.55 9.80
N THR C 135 3.11 -27.04 18.01
CA THR C 135 3.64 -27.08 16.65
C THR C 135 4.51 -25.84 16.41
N ASN C 136 4.57 -25.37 15.16
CA ASN C 136 5.40 -24.22 14.84
C ASN C 136 4.66 -22.93 15.17
N SER C 137 5.31 -21.80 14.90
CA SER C 137 4.68 -20.50 15.15
C SER C 137 3.73 -20.12 14.02
N MET C 138 3.96 -20.63 12.81
CA MET C 138 3.16 -20.31 11.65
C MET C 138 2.83 -21.60 10.90
N VAL C 139 1.65 -21.63 10.28
CA VAL C 139 1.20 -22.79 9.51
C VAL C 139 1.21 -22.42 8.03
N THR C 140 1.54 -23.40 7.20
CA THR C 140 1.61 -23.22 5.76
C THR C 140 0.55 -24.11 5.10
N LEU C 141 -0.36 -23.49 4.37
CA LEU C 141 -1.40 -24.19 3.61
C LEU C 141 -1.07 -24.11 2.12
N GLY C 142 -1.91 -24.75 1.32
CA GLY C 142 -1.67 -24.77 -0.11
C GLY C 142 -2.93 -25.05 -0.91
N CYS C 143 -2.80 -24.93 -2.22
CA CYS C 143 -3.92 -25.14 -3.14
C CYS C 143 -3.39 -25.79 -4.41
N LEU C 144 -3.99 -26.91 -4.79
CA LEU C 144 -3.55 -27.68 -5.95
C LEU C 144 -4.53 -27.46 -7.10
N VAL C 145 -4.04 -26.86 -8.18
CA VAL C 145 -4.84 -26.60 -9.38
C VAL C 145 -4.35 -27.57 -10.44
N LYS C 146 -5.13 -28.63 -10.68
CA LYS C 146 -4.69 -29.74 -11.51
C LYS C 146 -5.62 -29.93 -12.70
N GLY C 147 -5.03 -30.30 -13.84
CA GLY C 147 -5.78 -30.67 -15.02
C GLY C 147 -6.59 -29.55 -15.64
N TYR C 148 -5.93 -28.50 -16.15
CA TYR C 148 -6.61 -27.42 -16.84
C TYR C 148 -5.86 -27.09 -18.12
N PHE C 149 -6.58 -26.45 -19.04
CA PHE C 149 -6.00 -26.07 -20.32
C PHE C 149 -6.93 -25.11 -21.06
N PRO C 150 -6.41 -24.04 -21.70
CA PRO C 150 -5.02 -23.60 -21.71
C PRO C 150 -4.71 -22.71 -20.51
N GLU C 151 -3.55 -22.08 -20.51
CA GLU C 151 -3.18 -21.14 -19.46
C GLU C 151 -3.80 -19.79 -19.83
N PRO C 152 -3.64 -18.76 -18.99
CA PRO C 152 -3.11 -18.69 -17.62
C PRO C 152 -4.14 -19.04 -16.56
N VAL C 153 -3.69 -19.09 -15.32
CA VAL C 153 -4.56 -19.16 -14.16
C VAL C 153 -4.15 -18.04 -13.21
N THR C 154 -5.10 -17.57 -12.42
CA THR C 154 -4.87 -16.49 -11.45
C THR C 154 -5.32 -16.98 -10.08
N VAL C 155 -4.37 -17.41 -9.27
CA VAL C 155 -4.65 -17.90 -7.92
C VAL C 155 -4.48 -16.74 -6.95
N THR C 156 -5.55 -16.44 -6.20
CA THR C 156 -5.51 -15.45 -5.13
C THR C 156 -5.97 -16.13 -3.84
N TRP C 157 -5.84 -15.40 -2.73
CA TRP C 157 -6.17 -15.92 -1.42
C TRP C 157 -6.99 -14.91 -0.65
N ASN C 158 -8.12 -15.36 -0.10
CA ASN C 158 -9.04 -14.48 0.62
C ASN C 158 -9.41 -13.26 -0.24
N SER C 159 -9.57 -13.49 -1.54
CA SER C 159 -9.97 -12.45 -2.48
C SER C 159 -8.95 -11.32 -2.50
N GLY C 160 -7.67 -11.69 -2.60
CA GLY C 160 -6.59 -10.74 -2.65
C GLY C 160 -6.20 -10.14 -1.31
N SER C 161 -7.05 -10.26 -0.29
CA SER C 161 -6.76 -9.71 1.02
C SER C 161 -5.67 -10.47 1.76
N LEU C 162 -5.18 -11.58 1.20
CA LEU C 162 -4.08 -12.34 1.78
C LEU C 162 -2.97 -12.40 0.72
N SER C 163 -2.12 -11.37 0.71
CA SER C 163 -1.10 -11.22 -0.33
C SER C 163 0.30 -11.58 0.16
N SER C 164 0.62 -11.30 1.42
CA SER C 164 1.93 -11.60 1.95
C SER C 164 2.05 -13.07 2.31
N GLY C 165 3.26 -13.60 2.14
CA GLY C 165 3.50 -15.00 2.43
C GLY C 165 2.84 -15.94 1.44
N VAL C 166 2.77 -15.54 0.17
CA VAL C 166 2.08 -16.29 -0.87
C VAL C 166 3.06 -16.62 -1.98
N HIS C 167 3.14 -17.90 -2.34
CA HIS C 167 3.90 -18.36 -3.48
C HIS C 167 2.96 -19.09 -4.42
N THR C 168 3.04 -18.76 -5.71
CA THR C 168 2.30 -19.47 -6.75
C THR C 168 3.31 -20.02 -7.74
N PHE C 169 3.48 -21.33 -7.74
CA PHE C 169 4.52 -21.96 -8.54
C PHE C 169 4.12 -22.01 -10.01
N PRO C 170 5.07 -21.81 -10.93
CA PRO C 170 4.74 -21.88 -12.35
C PRO C 170 4.12 -23.22 -12.72
N ALA C 171 3.19 -23.18 -13.67
CA ALA C 171 2.50 -24.39 -14.11
C ALA C 171 3.45 -25.32 -14.85
N VAL C 172 3.10 -26.60 -14.85
CA VAL C 172 3.84 -27.64 -15.56
C VAL C 172 2.91 -28.30 -16.56
N LEU C 173 3.35 -28.39 -17.81
CA LEU C 173 2.55 -29.00 -18.87
C LEU C 173 2.82 -30.49 -18.92
N GLN C 174 1.74 -31.28 -18.93
CA GLN C 174 1.86 -32.72 -19.06
C GLN C 174 0.57 -33.28 -19.64
N SER C 175 0.69 -34.16 -20.63
CA SER C 175 -0.48 -34.77 -21.27
C SER C 175 -1.45 -33.70 -21.76
N ASP C 176 -0.92 -32.62 -22.31
CA ASP C 176 -1.71 -31.53 -22.87
C ASP C 176 -2.55 -30.82 -21.81
N LEU C 177 -2.19 -30.96 -20.54
CA LEU C 177 -2.87 -30.26 -19.45
C LEU C 177 -1.83 -29.64 -18.52
N TYR C 178 -2.20 -28.51 -17.93
CA TYR C 178 -1.32 -27.78 -17.03
C TYR C 178 -1.69 -28.08 -15.58
N THR C 179 -0.67 -28.16 -14.74
CA THR C 179 -0.85 -28.35 -13.30
C THR C 179 -0.04 -27.29 -12.56
N LEU C 180 -0.59 -26.83 -11.43
CA LEU C 180 -0.01 -25.71 -10.70
C LEU C 180 -0.39 -25.83 -9.24
N SER C 181 0.46 -25.27 -8.38
CA SER C 181 0.21 -25.29 -6.94
C SER C 181 0.56 -23.94 -6.34
N SER C 182 -0.14 -23.59 -5.27
CA SER C 182 0.05 -22.32 -4.57
C SER C 182 0.13 -22.56 -3.07
N SER C 183 0.97 -21.80 -2.39
CA SER C 183 1.17 -21.93 -0.95
C SER C 183 0.83 -20.63 -0.25
N VAL C 184 0.47 -20.74 1.02
CA VAL C 184 0.23 -19.59 1.90
C VAL C 184 0.74 -19.92 3.29
N THR C 185 1.35 -18.94 3.93
CA THR C 185 1.90 -19.09 5.28
C THR C 185 1.28 -18.02 6.17
N VAL C 186 0.53 -18.46 7.18
CA VAL C 186 -0.16 -17.53 8.08
C VAL C 186 0.16 -17.93 9.52
N PRO C 187 -0.08 -17.02 10.47
CA PRO C 187 0.16 -17.36 11.88
C PRO C 187 -0.71 -18.53 12.32
N SER C 188 -0.12 -19.45 13.08
CA SER C 188 -0.83 -20.65 13.51
C SER C 188 -2.04 -20.31 14.36
N SER C 189 -2.00 -19.18 15.08
CA SER C 189 -3.15 -18.77 15.87
C SER C 189 -4.33 -18.35 15.00
N THR C 190 -4.04 -17.85 13.79
CA THR C 190 -5.11 -17.40 12.90
C THR C 190 -5.90 -18.58 12.35
N TRP C 191 -5.21 -19.64 11.94
CA TRP C 191 -5.86 -20.79 11.30
C TRP C 191 -5.99 -21.94 12.29
N PRO C 192 -7.14 -22.65 12.31
CA PRO C 192 -8.34 -22.47 11.49
C PRO C 192 -9.31 -21.44 12.04
N SER C 193 -8.90 -20.70 13.07
CA SER C 193 -9.79 -19.72 13.69
C SER C 193 -10.41 -18.79 12.66
N GLU C 194 -9.64 -18.39 11.65
CA GLU C 194 -10.11 -17.52 10.58
C GLU C 194 -10.01 -18.26 9.25
N THR C 195 -11.09 -18.26 8.49
CA THR C 195 -11.16 -19.09 7.29
C THR C 195 -10.17 -18.59 6.24
N VAL C 196 -9.49 -19.53 5.60
CA VAL C 196 -8.55 -19.25 4.52
C VAL C 196 -9.07 -19.96 3.27
N THR C 197 -9.40 -19.19 2.25
CA THR C 197 -9.96 -19.72 1.02
C THR C 197 -9.04 -19.41 -0.15
N CYS C 198 -9.04 -20.31 -1.12
CA CYS C 198 -8.19 -20.24 -2.31
C CYS C 198 -9.08 -20.02 -3.53
N ASN C 199 -8.82 -18.94 -4.26
CA ASN C 199 -9.64 -18.55 -5.40
C ASN C 199 -8.84 -18.74 -6.68
N VAL C 200 -9.33 -19.63 -7.55
CA VAL C 200 -8.68 -19.97 -8.81
C VAL C 200 -9.56 -19.47 -9.95
N ALA C 201 -8.97 -18.67 -10.84
CA ALA C 201 -9.67 -18.12 -12.00
C ALA C 201 -9.01 -18.63 -13.27
N HIS C 202 -9.83 -19.17 -14.18
CA HIS C 202 -9.36 -19.68 -15.46
C HIS C 202 -10.02 -18.88 -16.56
N PRO C 203 -9.34 -17.88 -17.14
CA PRO C 203 -10.02 -17.01 -18.12
C PRO C 203 -10.61 -17.76 -19.29
N ALA C 204 -9.94 -18.80 -19.78
CA ALA C 204 -10.39 -19.48 -20.99
C ALA C 204 -11.78 -20.07 -20.82
N SER C 205 -11.96 -20.89 -19.77
CA SER C 205 -13.26 -21.50 -19.52
C SER C 205 -14.20 -20.60 -18.71
N SER C 206 -13.78 -19.37 -18.40
CA SER C 206 -14.61 -18.42 -17.66
C SER C 206 -15.13 -19.05 -16.36
N THR C 207 -14.20 -19.38 -15.48
CA THR C 207 -14.52 -20.02 -14.21
C THR C 207 -13.85 -19.28 -13.06
N LYS C 208 -14.48 -19.35 -11.89
CA LYS C 208 -13.99 -18.74 -10.66
C LYS C 208 -14.34 -19.68 -9.51
N VAL C 209 -13.33 -20.38 -8.99
CA VAL C 209 -13.56 -21.47 -8.04
C VAL C 209 -12.97 -21.10 -6.68
N ASP C 210 -13.64 -21.58 -5.63
CA ASP C 210 -13.19 -21.45 -4.24
C ASP C 210 -13.16 -22.84 -3.60
N LYS C 211 -12.28 -23.03 -2.61
CA LYS C 211 -12.20 -24.33 -1.97
C LYS C 211 -12.18 -24.28 -0.44
N LYS C 212 -11.64 -23.23 0.16
CA LYS C 212 -11.64 -23.11 1.62
C LYS C 212 -10.93 -24.27 2.32
N ILE C 213 -9.61 -24.19 2.42
CA ILE C 213 -8.83 -25.20 3.14
C ILE C 213 -9.38 -25.38 4.55
N VAL C 214 -9.58 -26.63 4.95
CA VAL C 214 -10.08 -26.99 6.28
C VAL C 214 -9.16 -28.06 6.86
N PRO C 215 -9.00 -28.15 8.19
CA PRO C 215 -8.19 -29.26 8.72
C PRO C 215 -8.77 -30.61 8.30
N ARG C 216 -7.90 -31.61 8.25
CA ARG C 216 -8.27 -32.95 7.82
C ARG C 216 -8.47 -33.82 9.06
N ASP C 217 -9.70 -34.24 9.31
CA ASP C 217 -10.04 -35.04 10.47
C ASP C 217 -9.29 -36.36 10.45
N ASP D 1 16.56 -3.87 -40.09
CA ASP D 1 15.99 -3.25 -38.84
C ASP D 1 17.08 -2.92 -37.85
N ILE D 2 16.80 -1.98 -36.96
CA ILE D 2 17.71 -1.63 -35.88
C ILE D 2 17.59 -2.67 -34.78
N VAL D 3 18.73 -3.07 -34.21
CA VAL D 3 18.79 -4.03 -33.12
C VAL D 3 19.28 -3.31 -31.87
N MET D 4 18.57 -3.51 -30.76
CA MET D 4 18.96 -3.00 -29.46
C MET D 4 19.67 -4.13 -28.74
N THR D 5 20.98 -3.98 -28.53
CA THR D 5 21.81 -5.04 -27.98
C THR D 5 21.99 -4.86 -26.48
N GLN D 6 21.32 -5.71 -25.71
CA GLN D 6 21.56 -5.82 -24.28
C GLN D 6 22.44 -7.05 -24.08
N SER D 7 23.74 -6.83 -23.93
CA SER D 7 24.69 -7.94 -23.92
C SER D 7 24.53 -8.80 -22.68
N GLN D 8 24.38 -8.17 -21.52
CA GLN D 8 24.28 -8.87 -20.25
C GLN D 8 22.84 -9.30 -20.02
N LYS D 9 22.59 -10.62 -20.07
CA LYS D 9 21.25 -11.15 -19.84
C LYS D 9 20.94 -11.30 -18.35
N PHE D 10 21.96 -11.48 -17.52
CA PHE D 10 21.79 -11.59 -16.08
C PHE D 10 22.77 -10.67 -15.37
N MET D 11 22.31 -10.04 -14.29
CA MET D 11 23.14 -9.18 -13.45
C MET D 11 22.73 -9.38 -11.99
N SER D 12 23.69 -9.72 -11.16
CA SER D 12 23.45 -9.98 -9.74
C SER D 12 24.17 -8.92 -8.90
N THR D 13 23.45 -8.34 -7.94
CA THR D 13 24.03 -7.35 -7.05
C THR D 13 23.35 -7.46 -5.68
N SER D 14 24.02 -6.90 -4.67
CA SER D 14 23.49 -6.90 -3.31
C SER D 14 22.35 -5.90 -3.18
N VAL D 15 21.84 -5.78 -1.95
CA VAL D 15 20.67 -4.96 -1.69
C VAL D 15 21.01 -3.47 -1.59
N GLY D 16 22.20 -3.14 -1.11
CA GLY D 16 22.59 -1.75 -0.93
C GLY D 16 23.41 -1.16 -2.05
N ASP D 17 23.69 -1.92 -3.11
CA ASP D 17 24.57 -1.47 -4.16
C ASP D 17 23.78 -0.70 -5.22
N ARG D 18 24.44 -0.39 -6.34
CA ARG D 18 23.81 0.19 -7.52
C ARG D 18 24.08 -0.72 -8.70
N VAL D 19 23.26 -0.60 -9.73
CA VAL D 19 23.41 -1.41 -10.94
C VAL D 19 23.26 -0.49 -12.14
N SER D 20 23.88 -0.89 -13.26
CA SER D 20 23.82 -0.13 -14.50
C SER D 20 23.59 -1.10 -15.64
N VAL D 21 22.41 -1.05 -16.24
CA VAL D 21 22.06 -1.88 -17.39
C VAL D 21 22.51 -1.14 -18.65
N THR D 22 23.15 -1.87 -19.56
CA THR D 22 23.71 -1.29 -20.77
C THR D 22 22.87 -1.66 -21.97
N CYS D 23 22.60 -0.67 -22.83
CA CYS D 23 21.86 -0.87 -24.07
C CYS D 23 22.64 -0.20 -25.19
N LYS D 24 23.04 -0.99 -26.19
CA LYS D 24 23.85 -0.51 -27.30
C LYS D 24 23.05 -0.63 -28.59
N ALA D 25 22.83 0.50 -29.26
CA ALA D 25 22.04 0.54 -30.48
C ALA D 25 22.90 0.36 -31.72
N SER D 26 22.38 -0.41 -32.68
CA SER D 26 23.08 -0.66 -33.93
C SER D 26 23.19 0.57 -34.82
N GLN D 27 22.56 1.68 -34.44
CA GLN D 27 22.65 2.92 -35.20
C GLN D 27 22.51 4.09 -34.23
N ASN D 28 22.54 5.30 -34.79
CA ASN D 28 22.28 6.50 -34.02
C ASN D 28 20.78 6.60 -33.84
N VAL D 29 20.32 6.62 -32.58
CA VAL D 29 18.91 6.63 -32.27
C VAL D 29 18.48 7.92 -31.60
N GLY D 30 19.40 8.83 -31.33
CA GLY D 30 19.04 10.05 -30.64
C GLY D 30 18.70 9.77 -29.19
N THR D 31 17.91 10.67 -28.62
CA THR D 31 17.44 10.54 -27.25
C THR D 31 16.13 9.78 -27.15
N ASN D 32 15.71 9.09 -28.22
CA ASN D 32 14.44 8.37 -28.24
C ASN D 32 14.68 6.93 -27.83
N VAL D 33 14.85 6.72 -26.53
CA VAL D 33 15.00 5.39 -25.95
C VAL D 33 14.13 5.32 -24.71
N ALA D 34 13.49 4.16 -24.53
CA ALA D 34 12.62 3.92 -23.38
C ALA D 34 13.10 2.69 -22.63
N TRP D 35 12.81 2.65 -21.34
CA TRP D 35 13.13 1.52 -20.48
C TRP D 35 11.85 1.04 -19.80
N TYR D 36 11.62 -0.27 -19.83
CA TYR D 36 10.44 -0.87 -19.24
C TYR D 36 10.85 -1.92 -18.22
N GLN D 37 10.07 -2.03 -17.15
CA GLN D 37 10.28 -3.01 -16.10
C GLN D 37 9.17 -4.05 -16.17
N GLN D 38 9.56 -5.32 -16.24
CA GLN D 38 8.61 -6.44 -16.34
C GLN D 38 8.88 -7.39 -15.18
N LYS D 39 8.23 -7.14 -14.05
CA LYS D 39 8.33 -8.04 -12.92
C LYS D 39 7.70 -9.39 -13.29
N PRO D 40 8.13 -10.46 -12.64
CA PRO D 40 7.62 -11.79 -13.00
C PRO D 40 6.10 -11.85 -12.97
N GLY D 41 5.53 -12.44 -14.01
CA GLY D 41 4.08 -12.59 -14.09
C GLY D 41 3.34 -11.28 -14.20
N GLN D 42 3.91 -10.29 -14.87
CA GLN D 42 3.29 -8.98 -15.01
C GLN D 42 3.56 -8.46 -16.42
N SER D 43 2.77 -7.46 -16.82
CA SER D 43 3.03 -6.78 -18.06
C SER D 43 4.13 -5.73 -17.86
N PRO D 44 4.90 -5.42 -18.89
CA PRO D 44 5.91 -4.36 -18.75
C PRO D 44 5.27 -3.05 -18.33
N LYS D 45 6.02 -2.26 -17.58
CA LYS D 45 5.56 -0.94 -17.15
C LYS D 45 6.62 0.10 -17.46
N ALA D 46 6.18 1.24 -17.98
CA ALA D 46 7.09 2.27 -18.44
C ALA D 46 7.83 2.89 -17.26
N LEU D 47 9.17 2.90 -17.34
CA LEU D 47 10.01 3.43 -16.28
C LEU D 47 10.51 4.84 -16.61
N ILE D 48 11.24 5.00 -17.71
CA ILE D 48 11.80 6.28 -18.11
C ILE D 48 11.60 6.46 -19.61
N TYR D 49 11.41 7.70 -20.03
CA TYR D 49 11.28 8.05 -21.43
C TYR D 49 12.34 9.08 -21.81
N SER D 50 12.57 9.21 -23.12
CA SER D 50 13.59 10.09 -23.67
C SER D 50 14.99 9.78 -23.12
N ALA D 51 15.18 8.56 -22.62
CA ALA D 51 16.48 8.03 -22.24
C ALA D 51 17.02 8.64 -20.95
N SER D 52 16.38 9.71 -20.46
CA SER D 52 16.77 10.30 -19.18
C SER D 52 15.61 10.77 -18.32
N TYR D 53 14.41 10.91 -18.87
CA TYR D 53 13.29 11.49 -18.14
C TYR D 53 12.50 10.41 -17.41
N ARG D 54 12.17 10.68 -16.14
CA ARG D 54 11.50 9.72 -15.30
C ARG D 54 9.99 9.92 -15.37
N TYR D 55 9.26 8.82 -15.45
CA TYR D 55 7.80 8.90 -15.46
C TYR D 55 7.28 9.32 -14.09
N SER D 56 6.03 9.76 -14.08
CA SER D 56 5.42 10.17 -12.81
C SER D 56 5.15 8.96 -11.94
N GLY D 57 5.47 9.08 -10.65
CA GLY D 57 5.23 8.04 -9.69
C GLY D 57 6.34 7.03 -9.53
N VAL D 58 7.33 7.01 -10.42
CA VAL D 58 8.47 6.10 -10.25
C VAL D 58 9.44 6.79 -9.31
N PRO D 59 10.07 6.07 -8.38
CA PRO D 59 10.94 6.72 -7.41
C PRO D 59 12.16 7.35 -8.07
N ASP D 60 12.76 8.29 -7.36
CA ASP D 60 13.98 8.96 -7.83
C ASP D 60 15.17 8.01 -7.92
N ARG D 61 15.00 6.74 -7.52
CA ARG D 61 16.09 5.78 -7.57
C ARG D 61 16.45 5.39 -9.01
N PHE D 62 15.54 5.57 -9.95
CA PHE D 62 15.79 5.26 -11.36
C PHE D 62 16.16 6.54 -12.11
N THR D 63 17.21 6.48 -12.91
CA THR D 63 17.61 7.61 -13.72
C THR D 63 18.26 7.10 -15.00
N GLY D 64 18.04 7.83 -16.09
CA GLY D 64 18.56 7.45 -17.39
C GLY D 64 19.61 8.39 -17.93
N SER D 65 20.47 7.89 -18.80
CA SER D 65 21.53 8.71 -19.38
C SER D 65 22.02 8.06 -20.67
N GLY D 66 22.47 8.90 -21.61
CA GLY D 66 22.98 8.42 -22.87
C GLY D 66 22.37 9.12 -24.07
N SER D 67 23.03 9.01 -25.22
CA SER D 67 22.52 9.61 -26.46
C SER D 67 23.28 9.02 -27.64
N GLY D 68 22.56 8.72 -28.70
CA GLY D 68 23.14 8.22 -29.93
C GLY D 68 23.27 6.72 -30.02
N THR D 69 24.23 6.12 -29.32
CA THR D 69 24.47 4.69 -29.44
C THR D 69 24.51 3.96 -28.11
N ASP D 70 25.07 4.58 -27.07
CA ASP D 70 25.27 3.93 -25.78
C ASP D 70 24.30 4.52 -24.76
N PHE D 71 23.42 3.67 -24.23
CA PHE D 71 22.43 4.08 -23.25
C PHE D 71 22.55 3.20 -22.01
N THR D 72 22.29 3.79 -20.85
CA THR D 72 22.42 3.09 -19.59
C THR D 72 21.26 3.45 -18.66
N LEU D 73 20.70 2.43 -18.02
CA LEU D 73 19.68 2.61 -16.99
C LEU D 73 20.35 2.58 -15.63
N THR D 74 20.22 3.66 -14.87
CA THR D 74 20.90 3.80 -13.59
C THR D 74 19.92 3.54 -12.47
N ILE D 75 20.08 2.40 -11.78
CA ILE D 75 19.30 2.08 -10.59
C ILE D 75 20.23 2.24 -9.40
N SER D 76 19.95 3.23 -8.54
CA SER D 76 20.87 3.58 -7.47
C SER D 76 20.69 2.71 -6.23
N ASN D 77 19.54 2.81 -5.57
CA ASN D 77 19.32 2.19 -4.27
C ASN D 77 18.38 1.01 -4.50
N VAL D 78 18.95 -0.17 -4.69
CA VAL D 78 18.12 -1.31 -5.05
C VAL D 78 17.39 -1.81 -3.81
N GLN D 79 16.28 -2.50 -4.04
CA GLN D 79 15.52 -3.15 -2.96
C GLN D 79 15.07 -4.51 -3.46
N SER D 80 14.54 -5.30 -2.53
CA SER D 80 14.04 -6.63 -2.88
C SER D 80 12.96 -6.55 -3.96
N GLU D 81 12.23 -5.44 -4.02
CA GLU D 81 11.09 -5.29 -4.92
C GLU D 81 11.51 -4.96 -6.35
N ASP D 82 12.80 -4.83 -6.63
CA ASP D 82 13.28 -4.43 -7.94
C ASP D 82 13.59 -5.62 -8.85
N LEU D 83 13.43 -6.85 -8.35
CA LEU D 83 13.66 -8.03 -9.18
C LEU D 83 12.72 -8.02 -10.38
N ALA D 84 13.29 -7.97 -11.58
CA ALA D 84 12.50 -7.94 -12.80
C ALA D 84 13.46 -7.93 -13.98
N LYS D 85 12.88 -8.10 -15.18
CA LYS D 85 13.63 -7.93 -16.42
C LYS D 85 13.46 -6.50 -16.91
N TYR D 86 14.57 -5.90 -17.36
CA TYR D 86 14.58 -4.52 -17.82
C TYR D 86 14.90 -4.50 -19.31
N PHE D 87 13.95 -4.01 -20.11
CA PHE D 87 14.09 -3.89 -21.55
C PHE D 87 14.34 -2.44 -21.94
N CYS D 88 15.14 -2.25 -22.98
CA CYS D 88 15.30 -0.95 -23.62
C CYS D 88 14.63 -0.99 -24.99
N GLN D 89 13.99 0.12 -25.37
CA GLN D 89 13.26 0.21 -26.62
C GLN D 89 13.70 1.44 -27.38
N GLN D 90 13.76 1.31 -28.69
CA GLN D 90 14.01 2.42 -29.61
C GLN D 90 12.73 2.75 -30.36
N TYR D 91 12.32 4.01 -30.32
CA TYR D 91 11.13 4.46 -31.03
C TYR D 91 11.45 5.66 -31.90
N ASN D 92 12.63 5.65 -32.52
CA ASN D 92 13.07 6.74 -33.39
C ASN D 92 12.83 6.45 -34.87
N SER D 93 12.80 5.18 -35.26
CA SER D 93 12.56 4.82 -36.65
C SER D 93 11.91 3.44 -36.69
N TYR D 94 10.87 3.31 -37.51
CA TYR D 94 10.24 2.01 -37.67
C TYR D 94 11.26 1.01 -38.22
N PRO D 95 11.18 -0.26 -37.82
CA PRO D 95 10.27 -0.81 -36.80
C PRO D 95 10.79 -0.58 -35.38
N TYR D 96 9.91 -0.17 -34.47
CA TYR D 96 10.30 -0.05 -33.07
C TYR D 96 10.79 -1.39 -32.56
N THR D 97 12.03 -1.45 -32.10
CA THR D 97 12.67 -2.69 -31.70
C THR D 97 13.08 -2.63 -30.23
N PHE D 98 12.95 -3.75 -29.54
CA PHE D 98 13.30 -3.86 -28.14
C PHE D 98 14.63 -4.57 -27.96
N GLY D 99 15.19 -4.45 -26.75
CA GLY D 99 16.37 -5.17 -26.38
C GLY D 99 16.08 -6.61 -25.98
N GLY D 100 17.16 -7.33 -25.69
CA GLY D 100 17.06 -8.72 -25.27
C GLY D 100 16.62 -8.92 -23.83
N GLY D 101 16.52 -7.86 -23.05
CA GLY D 101 16.15 -7.98 -21.65
C GLY D 101 17.35 -8.26 -20.76
N THR D 102 17.34 -7.70 -19.55
CA THR D 102 18.42 -7.91 -18.59
C THR D 102 17.79 -8.25 -17.25
N LYS D 103 17.93 -9.50 -16.84
CA LYS D 103 17.38 -9.97 -15.57
C LYS D 103 18.23 -9.47 -14.42
N LEU D 104 17.60 -8.82 -13.45
CA LEU D 104 18.28 -8.32 -12.26
C LEU D 104 18.11 -9.32 -11.12
N GLU D 105 19.22 -9.90 -10.67
CA GLU D 105 19.24 -10.80 -9.53
C GLU D 105 19.67 -10.06 -8.27
N ILE D 106 19.32 -10.64 -7.12
CA ILE D 106 19.64 -10.08 -5.82
C ILE D 106 20.34 -11.14 -4.98
N LYS D 107 21.35 -10.72 -4.24
CA LYS D 107 22.11 -11.60 -3.35
C LYS D 107 21.71 -11.33 -1.91
N ARG D 108 21.72 -12.39 -1.10
CA ARG D 108 21.37 -12.27 0.31
C ARG D 108 22.05 -13.42 1.06
N ALA D 109 21.80 -13.50 2.35
CA ALA D 109 22.33 -14.58 3.16
C ALA D 109 21.56 -15.87 2.91
N ASP D 110 22.26 -16.99 3.08
CA ASP D 110 21.62 -18.28 2.86
C ASP D 110 20.44 -18.47 3.79
N ALA D 111 19.58 -19.42 3.45
CA ALA D 111 18.38 -19.69 4.24
C ALA D 111 18.01 -21.16 4.11
N ALA D 112 17.49 -21.71 5.19
CA ALA D 112 17.06 -23.09 5.21
C ALA D 112 15.63 -23.21 4.67
N PRO D 113 15.32 -24.16 3.81
CA PRO D 113 13.95 -24.24 3.27
C PRO D 113 12.97 -24.72 4.33
N THR D 114 11.86 -24.01 4.46
CA THR D 114 10.75 -24.46 5.28
C THR D 114 9.98 -25.51 4.49
N VAL D 115 10.16 -26.77 4.85
CA VAL D 115 9.55 -27.88 4.13
C VAL D 115 8.21 -28.22 4.75
N SER D 116 7.28 -28.68 3.91
CA SER D 116 5.96 -29.08 4.36
C SER D 116 5.39 -30.08 3.36
N ILE D 117 4.83 -31.17 3.87
CA ILE D 117 4.19 -32.18 3.04
C ILE D 117 2.69 -32.03 3.19
N PHE D 118 1.97 -32.37 2.12
CA PHE D 118 0.51 -32.31 2.12
C PHE D 118 0.00 -33.59 1.47
N PRO D 119 -0.80 -34.39 2.18
CA PRO D 119 -1.30 -35.64 1.59
C PRO D 119 -2.34 -35.36 0.53
N PRO D 120 -2.66 -36.34 -0.32
CA PRO D 120 -3.73 -36.14 -1.29
C PRO D 120 -5.04 -35.78 -0.60
N SER D 121 -5.86 -35.00 -1.28
CA SER D 121 -7.11 -34.54 -0.71
C SER D 121 -8.18 -35.63 -0.81
N SER D 122 -9.05 -35.66 0.18
CA SER D 122 -10.20 -36.56 0.14
C SER D 122 -11.05 -36.33 -1.09
N GLU D 123 -10.97 -35.13 -1.69
CA GLU D 123 -11.73 -34.84 -2.89
C GLU D 123 -11.02 -35.38 -4.13
N GLN D 124 -9.70 -35.17 -4.22
CA GLN D 124 -8.95 -35.69 -5.36
C GLN D 124 -8.97 -37.21 -5.38
N LEU D 125 -8.87 -37.84 -4.21
CA LEU D 125 -8.92 -39.29 -4.16
C LEU D 125 -10.27 -39.81 -4.62
N THR D 126 -11.35 -39.15 -4.17
CA THR D 126 -12.67 -39.47 -4.68
C THR D 126 -12.77 -39.23 -6.18
N SER D 127 -11.92 -38.36 -6.73
CA SER D 127 -11.91 -38.05 -8.15
C SER D 127 -11.04 -39.01 -8.97
N GLY D 128 -10.51 -40.06 -8.35
CA GLY D 128 -9.72 -41.05 -9.05
C GLY D 128 -8.26 -40.71 -9.22
N GLY D 129 -7.79 -39.61 -8.62
CA GLY D 129 -6.38 -39.26 -8.70
C GLY D 129 -5.81 -39.08 -7.31
N ALA D 130 -4.48 -39.14 -7.24
CA ALA D 130 -3.76 -38.95 -6.00
C ALA D 130 -2.47 -38.20 -6.29
N SER D 131 -2.30 -37.03 -5.66
CA SER D 131 -1.13 -36.20 -5.85
C SER D 131 -0.60 -35.79 -4.49
N VAL D 132 0.67 -36.10 -4.23
CA VAL D 132 1.34 -35.71 -2.99
C VAL D 132 2.19 -34.48 -3.29
N VAL D 133 1.92 -33.38 -2.60
CA VAL D 133 2.58 -32.11 -2.83
C VAL D 133 3.54 -31.83 -1.68
N CYS D 134 4.70 -31.27 -2.01
CA CYS D 134 5.72 -30.92 -1.03
C CYS D 134 6.26 -29.54 -1.35
N PHE D 135 6.20 -28.64 -0.37
CA PHE D 135 6.66 -27.27 -0.54
C PHE D 135 8.02 -27.08 0.11
N LEU D 136 8.94 -26.48 -0.63
CA LEU D 136 10.24 -26.03 -0.10
C LEU D 136 10.26 -24.52 -0.28
N ASN D 137 9.98 -23.79 0.79
CA ASN D 137 9.71 -22.35 0.72
C ASN D 137 10.81 -21.55 1.39
N ASN D 138 11.15 -20.41 0.78
CA ASN D 138 11.99 -19.38 1.40
C ASN D 138 13.36 -19.94 1.76
N PHE D 139 14.08 -20.37 0.72
CA PHE D 139 15.46 -20.81 0.84
C PHE D 139 16.33 -20.09 -0.17
N TYR D 140 17.63 -20.05 0.12
CA TYR D 140 18.62 -19.39 -0.71
C TYR D 140 19.97 -20.00 -0.36
N PRO D 141 20.80 -20.39 -1.33
CA PRO D 141 20.80 -20.27 -2.80
C PRO D 141 19.77 -21.12 -3.55
N LYS D 142 19.60 -20.79 -4.83
CA LYS D 142 18.63 -21.45 -5.70
C LYS D 142 18.82 -22.95 -5.79
N ASP D 143 20.02 -23.47 -5.51
CA ASP D 143 20.31 -24.88 -5.71
C ASP D 143 19.70 -25.70 -4.58
N ILE D 144 18.67 -26.48 -4.92
CA ILE D 144 18.07 -27.46 -4.01
C ILE D 144 18.01 -28.81 -4.71
N ASN D 145 17.88 -29.87 -3.91
CA ASN D 145 17.71 -31.22 -4.42
C ASN D 145 16.64 -31.93 -3.62
N VAL D 146 15.64 -32.47 -4.31
CA VAL D 146 14.52 -33.18 -3.68
C VAL D 146 14.56 -34.65 -4.06
N LYS D 147 14.20 -35.51 -3.12
CA LYS D 147 14.10 -36.95 -3.37
C LYS D 147 12.96 -37.52 -2.53
N TRP D 148 11.97 -38.12 -3.18
CA TRP D 148 10.91 -38.79 -2.47
C TRP D 148 11.39 -40.14 -1.92
N LYS D 149 10.60 -40.70 -1.02
CA LYS D 149 10.90 -42.02 -0.45
C LYS D 149 9.60 -42.67 -0.02
N ILE D 150 9.17 -43.70 -0.74
CA ILE D 150 7.91 -44.41 -0.47
C ILE D 150 8.26 -45.71 0.24
N ASP D 151 7.92 -45.79 1.53
CA ASP D 151 8.19 -46.99 2.34
C ASP D 151 9.68 -47.32 2.35
N GLY D 152 10.52 -46.30 2.47
CA GLY D 152 11.96 -46.49 2.43
C GLY D 152 12.54 -46.48 1.02
N SER D 153 11.79 -47.01 0.06
CA SER D 153 12.24 -47.04 -1.33
C SER D 153 11.95 -45.70 -2.01
N GLU D 154 12.76 -45.38 -3.01
CA GLU D 154 12.65 -44.09 -3.68
C GLU D 154 11.75 -44.22 -4.91
N ARG D 155 11.03 -43.14 -5.20
CA ARG D 155 10.23 -43.03 -6.42
C ARG D 155 10.96 -42.13 -7.40
N GLN D 156 11.28 -42.66 -8.59
CA GLN D 156 12.00 -41.90 -9.60
C GLN D 156 11.05 -41.18 -10.56
N ASN D 157 10.09 -41.91 -11.12
CA ASN D 157 9.18 -41.36 -12.11
C ASN D 157 7.90 -40.85 -11.46
N GLY D 158 7.21 -39.96 -12.18
CA GLY D 158 6.01 -39.34 -11.66
C GLY D 158 6.24 -38.10 -10.84
N VAL D 159 7.43 -37.51 -10.88
CA VAL D 159 7.78 -36.36 -10.04
C VAL D 159 7.97 -35.15 -10.94
N LEU D 160 7.12 -34.14 -10.75
CA LEU D 160 7.24 -32.86 -11.44
C LEU D 160 7.67 -31.80 -10.43
N ASN D 161 8.48 -30.85 -10.89
CA ASN D 161 9.03 -29.82 -10.02
C ASN D 161 8.83 -28.44 -10.65
N SER D 162 8.95 -27.41 -9.83
CA SER D 162 8.82 -26.03 -10.29
C SER D 162 9.50 -25.11 -9.30
N TRP D 163 10.13 -24.06 -9.83
CA TRP D 163 10.81 -23.06 -9.03
C TRP D 163 10.15 -21.70 -9.25
N THR D 164 10.15 -20.88 -8.20
CA THR D 164 9.69 -19.50 -8.29
C THR D 164 10.90 -18.58 -8.47
N ASP D 165 10.62 -17.38 -8.98
CA ASP D 165 11.65 -16.36 -9.04
C ASP D 165 11.87 -15.78 -7.64
N GLN D 166 12.97 -15.04 -7.49
CA GLN D 166 13.30 -14.48 -6.19
C GLN D 166 12.14 -13.65 -5.67
N ASP D 167 11.74 -13.92 -4.42
CA ASP D 167 10.61 -13.24 -3.84
C ASP D 167 10.85 -11.73 -3.80
N SER D 168 9.78 -10.96 -4.01
CA SER D 168 9.90 -9.51 -4.05
C SER D 168 10.09 -8.88 -2.67
N LYS D 169 9.97 -9.67 -1.61
CA LYS D 169 10.09 -9.16 -0.24
C LYS D 169 11.37 -9.61 0.44
N ASP D 170 11.65 -10.92 0.43
CA ASP D 170 12.85 -11.47 1.05
C ASP D 170 13.86 -11.98 0.04
N SER D 171 13.56 -11.92 -1.26
CA SER D 171 14.52 -12.30 -2.31
C SER D 171 14.96 -13.75 -2.17
N THR D 172 14.11 -14.60 -1.60
CA THR D 172 14.40 -16.01 -1.46
C THR D 172 13.78 -16.80 -2.61
N TYR D 173 14.11 -18.09 -2.66
CA TYR D 173 13.56 -19.00 -3.65
C TYR D 173 12.57 -19.95 -2.99
N SER D 174 11.76 -20.58 -3.83
CA SER D 174 10.78 -21.56 -3.38
C SER D 174 10.60 -22.58 -4.48
N MET D 175 10.35 -23.83 -4.07
CA MET D 175 10.21 -24.93 -5.02
C MET D 175 9.03 -25.80 -4.62
N SER D 176 8.47 -26.50 -5.61
CA SER D 176 7.32 -27.37 -5.41
C SER D 176 7.59 -28.69 -6.11
N SER D 177 7.71 -29.77 -5.34
CA SER D 177 7.86 -31.12 -5.87
C SER D 177 6.52 -31.80 -5.80
N THR D 178 5.92 -32.08 -6.95
CA THR D 178 4.58 -32.65 -7.04
C THR D 178 4.69 -34.08 -7.55
N LEU D 179 4.28 -35.04 -6.72
CA LEU D 179 4.28 -36.45 -7.06
C LEU D 179 2.84 -36.88 -7.35
N THR D 180 2.59 -37.31 -8.58
CA THR D 180 1.26 -37.69 -9.03
C THR D 180 1.22 -39.17 -9.38
N LEU D 181 0.27 -39.89 -8.80
CA LEU D 181 0.06 -41.29 -9.11
C LEU D 181 -1.42 -41.59 -9.09
N THR D 182 -1.76 -42.78 -9.57
CA THR D 182 -3.16 -43.21 -9.61
C THR D 182 -3.64 -43.52 -8.20
N LYS D 183 -4.96 -43.55 -8.04
CA LYS D 183 -5.57 -43.80 -6.74
C LYS D 183 -5.03 -45.11 -6.15
N ASP D 184 -5.21 -46.22 -6.89
CA ASP D 184 -4.77 -47.52 -6.38
C ASP D 184 -3.28 -47.54 -6.08
N GLU D 185 -2.48 -46.94 -6.95
CA GLU D 185 -1.04 -46.91 -6.71
C GLU D 185 -0.69 -46.14 -5.45
N TYR D 186 -1.55 -45.21 -5.05
CA TYR D 186 -1.35 -44.48 -3.81
C TYR D 186 -1.74 -45.33 -2.59
N GLU D 187 -2.79 -46.13 -2.71
CA GLU D 187 -3.30 -46.91 -1.59
C GLU D 187 -2.53 -48.21 -1.36
N ARG D 188 -1.70 -48.64 -2.32
CA ARG D 188 -0.88 -49.82 -2.09
C ARG D 188 0.14 -49.57 -0.99
N HIS D 189 0.96 -48.52 -1.14
CA HIS D 189 1.91 -48.14 -0.13
C HIS D 189 1.23 -47.32 0.97
N ASN D 190 1.99 -47.03 2.03
CA ASN D 190 1.45 -46.32 3.18
C ASN D 190 2.36 -45.22 3.73
N SER D 191 3.61 -45.12 3.28
CA SER D 191 4.54 -44.09 3.77
C SER D 191 5.07 -43.28 2.60
N TYR D 192 5.00 -41.96 2.73
CA TYR D 192 5.48 -41.04 1.70
C TYR D 192 6.33 -39.96 2.37
N THR D 193 7.51 -39.72 1.81
CA THR D 193 8.50 -38.82 2.41
C THR D 193 9.04 -37.86 1.37
N CYS D 194 9.39 -36.66 1.83
CA CYS D 194 9.95 -35.60 1.00
C CYS D 194 11.31 -35.24 1.57
N GLU D 195 12.38 -35.64 0.87
CA GLU D 195 13.75 -35.44 1.33
C GLU D 195 14.35 -34.27 0.56
N ALA D 196 14.85 -33.27 1.28
CA ALA D 196 15.36 -32.03 0.68
C ALA D 196 16.75 -31.73 1.24
N THR D 197 17.78 -31.94 0.43
CA THR D 197 19.14 -31.57 0.79
C THR D 197 19.46 -30.16 0.31
N HIS D 198 20.31 -29.48 1.07
CA HIS D 198 20.66 -28.09 0.78
C HIS D 198 22.08 -27.83 1.27
N LYS D 199 22.63 -26.70 0.80
CA LYS D 199 23.97 -26.29 1.22
C LYS D 199 24.00 -25.80 2.65
N THR D 200 22.87 -25.34 3.18
CA THR D 200 22.84 -24.86 4.56
C THR D 200 22.82 -26.01 5.56
N SER D 201 22.23 -27.14 5.19
CA SER D 201 22.10 -28.29 6.08
C SER D 201 22.85 -29.47 5.47
N THR D 202 23.82 -30.00 6.20
CA THR D 202 24.54 -31.19 5.74
C THR D 202 23.63 -32.41 5.71
N SER D 203 22.65 -32.47 6.62
CA SER D 203 21.70 -33.56 6.69
C SER D 203 20.40 -33.19 5.98
N PRO D 204 19.76 -34.12 5.26
CA PRO D 204 18.53 -33.74 4.54
C PRO D 204 17.40 -33.44 5.52
N ILE D 205 16.63 -32.42 5.20
CA ILE D 205 15.42 -32.11 5.96
C ILE D 205 14.32 -33.06 5.50
N VAL D 206 13.66 -33.71 6.46
CA VAL D 206 12.73 -34.79 6.18
C VAL D 206 11.39 -34.48 6.84
N LYS D 207 10.32 -34.61 6.05
CA LYS D 207 8.95 -34.66 6.56
C LYS D 207 8.27 -35.87 5.94
N SER D 208 7.20 -36.33 6.57
CA SER D 208 6.54 -37.54 6.10
C SER D 208 5.12 -37.60 6.64
N PHE D 209 4.27 -38.32 5.92
CA PHE D 209 2.90 -38.59 6.35
C PHE D 209 2.58 -40.05 6.05
N ASN D 210 1.57 -40.57 6.74
CA ASN D 210 1.17 -41.96 6.59
C ASN D 210 -0.34 -42.08 6.42
N PRO E 2 54.10 -0.39 -74.79
CA PRO E 2 53.05 0.64 -74.82
C PRO E 2 52.67 1.11 -73.42
N ASN E 3 51.48 1.70 -73.29
CA ASN E 3 50.97 2.14 -72.00
C ASN E 3 49.45 2.21 -72.10
N VAL E 4 48.82 2.61 -71.00
CA VAL E 4 47.36 2.77 -70.94
C VAL E 4 47.08 4.24 -70.66
N GLU E 5 46.39 4.89 -71.58
CA GLU E 5 46.03 6.29 -71.45
C GLU E 5 44.53 6.44 -71.67
N VAL E 6 43.99 7.55 -71.16
CA VAL E 6 42.57 7.83 -71.31
C VAL E 6 42.26 8.14 -72.76
N TRP E 7 41.18 7.54 -73.27
CA TRP E 7 40.79 7.76 -74.66
C TRP E 7 40.54 9.25 -74.88
N PRO E 8 41.19 9.89 -75.86
CA PRO E 8 40.94 11.31 -76.09
C PRO E 8 39.47 11.58 -76.31
N VAL E 9 39.06 12.82 -76.00
CA VAL E 9 37.66 13.20 -76.03
C VAL E 9 37.52 14.55 -76.74
N ASP E 10 36.29 14.89 -77.09
CA ASP E 10 36.01 16.13 -77.78
C ASP E 10 36.11 17.32 -76.82
N PRO E 11 36.31 18.53 -77.34
CA PRO E 11 36.44 19.70 -76.48
C PRO E 11 35.10 20.19 -75.99
N PRO E 12 35.06 20.99 -74.93
CA PRO E 12 33.78 21.47 -74.42
C PRO E 12 33.11 22.35 -75.46
N PRO E 13 31.77 22.43 -75.43
CA PRO E 13 31.08 23.33 -76.36
C PRO E 13 31.32 24.77 -75.98
N PRO E 14 30.88 25.73 -76.80
CA PRO E 14 30.98 27.13 -76.40
C PRO E 14 29.93 27.49 -75.35
N VAL E 15 30.37 28.10 -74.26
CA VAL E 15 29.46 28.49 -73.19
C VAL E 15 28.81 29.81 -73.57
N ASN E 16 27.50 29.92 -73.30
CA ASN E 16 26.68 31.05 -73.75
C ASN E 16 26.40 32.02 -72.60
N PHE E 17 27.25 33.04 -72.45
CA PHE E 17 27.02 34.07 -71.45
C PHE E 17 26.00 35.14 -71.89
N ASN E 18 25.19 34.84 -72.91
CA ASN E 18 24.04 35.65 -73.29
C ASN E 18 22.88 35.25 -72.39
N LYS E 19 21.66 35.54 -72.81
CA LYS E 19 20.41 34.98 -72.31
C LYS E 19 19.70 35.68 -71.17
N THR E 20 20.18 36.82 -70.63
CA THR E 20 19.23 37.66 -69.91
C THR E 20 18.44 36.91 -68.84
N ALA E 21 18.97 36.80 -67.61
CA ALA E 21 18.44 35.96 -66.55
C ALA E 21 16.95 35.64 -66.68
N GLU E 22 16.14 36.51 -67.28
CA GLU E 22 14.74 36.15 -67.49
C GLU E 22 14.57 34.95 -68.43
N GLN E 23 15.64 34.48 -69.08
CA GLN E 23 15.56 33.27 -69.89
C GLN E 23 16.19 32.07 -69.20
N GLU E 24 17.19 32.29 -68.36
CA GLU E 24 17.70 31.22 -67.51
C GLU E 24 16.62 30.70 -66.58
N TYR E 25 15.98 31.60 -65.85
CA TYR E 25 14.80 31.29 -65.05
C TYR E 25 13.54 31.73 -65.79
N GLY E 26 12.38 31.38 -65.22
CA GLY E 26 11.11 31.72 -65.84
C GLY E 26 10.18 32.53 -64.97
N ASP E 27 10.01 33.80 -65.31
CA ASP E 27 8.92 34.64 -64.82
C ASP E 27 9.07 35.03 -63.34
N LYS E 28 9.98 34.40 -62.62
CA LYS E 28 10.33 34.81 -61.26
C LYS E 28 9.17 34.67 -60.27
N GLU E 29 7.98 34.28 -60.73
CA GLU E 29 6.79 34.27 -59.90
C GLU E 29 6.34 32.82 -59.73
N VAL E 30 6.43 32.33 -58.49
CA VAL E 30 6.17 30.92 -58.19
C VAL E 30 5.01 30.82 -57.21
N LYS E 31 4.37 29.65 -57.23
CA LYS E 31 3.33 29.30 -56.26
C LYS E 31 3.71 27.98 -55.61
N LEU E 32 3.90 28.00 -54.30
CA LEU E 32 4.38 26.81 -53.61
C LEU E 32 3.34 25.69 -53.65
N PRO E 33 3.78 24.43 -53.65
CA PRO E 33 2.88 23.33 -54.04
C PRO E 33 1.90 22.87 -52.97
N HIS E 34 2.19 23.06 -51.68
CA HIS E 34 1.42 22.43 -50.61
C HIS E 34 0.65 23.45 -49.76
N TRP E 35 0.32 24.60 -50.32
CA TRP E 35 -0.52 25.57 -49.63
C TRP E 35 -1.99 25.27 -49.89
N LEU F 1 -6.79 -60.64 45.06
CA LEU F 1 -6.21 -60.46 43.75
C LEU F 1 -5.00 -61.41 43.61
N SER F 2 -3.79 -60.89 43.43
CA SER F 2 -2.61 -61.71 43.22
C SER F 2 -1.40 -60.80 43.35
N GLU F 3 -0.23 -61.32 42.98
CA GLU F 3 0.99 -60.55 42.88
C GLU F 3 1.31 -60.31 41.41
N VAL F 4 2.09 -59.26 41.15
CA VAL F 4 2.52 -58.94 39.79
C VAL F 4 3.97 -58.49 39.83
N LYS F 5 4.75 -58.98 38.88
CA LYS F 5 6.13 -58.56 38.70
C LYS F 5 6.19 -57.52 37.59
N LEU F 6 6.98 -56.47 37.82
CA LEU F 6 7.07 -55.33 36.92
C LEU F 6 8.53 -55.22 36.48
N HIS F 7 8.82 -55.68 35.27
CA HIS F 7 10.16 -55.66 34.73
C HIS F 7 10.36 -54.44 33.86
N LEU F 8 11.59 -53.92 33.86
CA LEU F 8 11.89 -52.73 33.07
C LEU F 8 13.40 -52.59 32.95
N ASP F 9 13.81 -51.79 31.96
CA ASP F 9 15.21 -51.51 31.67
C ASP F 9 15.54 -50.19 32.35
N ILE F 10 16.61 -50.18 33.15
CA ILE F 10 16.92 -48.99 33.93
C ILE F 10 18.14 -48.26 33.36
N GLU F 11 19.32 -48.86 33.42
CA GLU F 11 20.48 -48.28 32.75
C GLU F 11 21.12 -49.24 31.76
N GLY F 12 21.54 -50.41 32.22
CA GLY F 12 21.99 -51.49 31.35
C GLY F 12 21.66 -52.82 31.99
N HIS F 13 20.77 -52.79 32.99
CA HIS F 13 20.40 -53.96 33.76
C HIS F 13 18.90 -54.19 33.65
N ALA F 14 18.51 -55.46 33.49
CA ALA F 14 17.10 -55.82 33.40
C ALA F 14 16.58 -55.99 34.83
N SER F 15 16.30 -54.85 35.45
CA SER F 15 15.77 -54.84 36.81
C SER F 15 14.27 -55.10 36.81
N HIS F 16 13.78 -55.66 37.91
CA HIS F 16 12.37 -55.97 38.06
C HIS F 16 11.92 -55.66 39.47
N TYR F 17 10.66 -55.28 39.61
CA TYR F 17 10.06 -55.00 40.90
C TYR F 17 8.74 -55.76 41.01
N THR F 18 8.42 -56.19 42.23
CA THR F 18 7.22 -56.98 42.50
C THR F 18 6.24 -56.13 43.31
N ILE F 19 5.04 -55.95 42.78
CA ILE F 19 4.00 -55.17 43.45
C ILE F 19 3.01 -56.17 44.06
N PRO F 20 2.92 -56.28 45.38
CA PRO F 20 1.90 -57.13 45.98
C PRO F 20 0.61 -56.36 46.23
N TRP F 21 -0.52 -57.04 46.00
CA TRP F 21 -1.83 -56.46 46.25
C TRP F 21 -2.54 -57.09 47.44
N THR F 22 -2.29 -58.36 47.72
CA THR F 22 -2.81 -58.96 48.94
C THR F 22 -2.46 -58.09 50.14
N GLU F 23 -1.22 -57.61 50.19
CA GLU F 23 -0.79 -56.72 51.27
C GLU F 23 -1.33 -55.31 51.07
N LEU F 24 -1.05 -54.71 49.92
CA LEU F 24 -1.48 -53.33 49.69
C LEU F 24 -2.99 -53.21 49.81
N MET F 25 -3.74 -54.11 49.16
CA MET F 25 -5.19 -54.05 49.18
C MET F 25 -5.74 -54.39 50.57
N ALA F 26 -4.98 -55.09 51.41
CA ALA F 26 -5.44 -55.33 52.78
C ALA F 26 -5.44 -54.03 53.57
N LYS F 27 -4.35 -53.26 53.48
CA LYS F 27 -4.36 -51.90 53.99
C LYS F 27 -5.20 -51.04 53.03
N VAL F 28 -5.34 -49.76 53.38
CA VAL F 28 -6.03 -48.77 52.54
C VAL F 28 -7.29 -49.37 51.94
N PRO F 29 -8.37 -49.53 52.71
CA PRO F 29 -9.57 -50.20 52.16
C PRO F 29 -10.16 -49.51 50.95
N GLY F 30 -9.85 -48.23 50.73
CA GLY F 30 -10.39 -47.48 49.62
C GLY F 30 -9.79 -47.76 48.27
N LEU F 31 -8.72 -48.55 48.21
CA LEU F 31 -8.03 -48.80 46.95
C LEU F 31 -8.85 -49.78 46.10
N SER F 32 -8.86 -49.53 44.78
CA SER F 32 -9.57 -50.39 43.83
C SER F 32 -8.73 -50.52 42.58
N PRO F 33 -7.72 -51.40 42.59
CA PRO F 33 -6.83 -51.51 41.43
C PRO F 33 -7.52 -52.02 40.17
N GLU F 34 -8.80 -52.36 40.25
CA GLU F 34 -9.53 -52.81 39.07
C GLU F 34 -10.22 -51.66 38.34
N ALA F 35 -10.88 -50.77 39.09
CA ALA F 35 -11.55 -49.64 38.46
C ALA F 35 -10.54 -48.66 37.87
N LEU F 36 -9.34 -48.58 38.45
CA LEU F 36 -8.30 -47.72 37.90
C LEU F 36 -7.68 -48.32 36.65
N TRP F 37 -7.41 -49.63 36.66
CA TRP F 37 -6.90 -50.30 35.47
C TRP F 37 -7.85 -50.10 34.29
N ARG F 38 -9.17 -50.15 34.55
CA ARG F 38 -10.14 -49.92 33.50
C ARG F 38 -10.14 -48.47 33.03
N GLU F 39 -9.84 -47.54 33.95
CA GLU F 39 -9.80 -46.13 33.59
C GLU F 39 -8.61 -45.80 32.69
N ALA F 40 -7.45 -46.40 32.96
CA ALA F 40 -6.24 -46.07 32.22
C ALA F 40 -6.32 -46.47 30.76
N ASN F 41 -7.27 -47.32 30.38
CA ASN F 41 -7.41 -47.79 29.00
C ASN F 41 -6.05 -48.23 28.44
N VAL F 42 -5.52 -49.30 29.06
CA VAL F 42 -4.17 -49.75 28.77
C VAL F 42 -4.01 -50.17 27.31
N THR F 43 -5.11 -50.53 26.65
CA THR F 43 -5.09 -50.93 25.24
C THR F 43 -5.45 -49.78 24.31
N GLU F 44 -5.09 -48.54 24.67
CA GLU F 44 -5.41 -47.38 23.87
C GLU F 44 -4.26 -47.12 22.90
N ASP F 45 -4.54 -47.25 21.60
CA ASP F 45 -3.53 -46.97 20.59
C ASP F 45 -3.01 -45.55 20.72
N LEU F 46 -1.77 -45.34 20.26
CA LEU F 46 -1.17 -44.01 20.34
C LEU F 46 -1.97 -42.99 19.56
N ALA F 47 -2.63 -43.41 18.48
CA ALA F 47 -3.46 -42.50 17.71
C ALA F 47 -4.58 -41.93 18.56
N SER F 48 -5.37 -42.81 19.19
CA SER F 48 -6.45 -42.36 20.05
C SER F 48 -5.91 -41.58 21.24
N MET F 49 -4.81 -42.06 21.83
CA MET F 49 -4.22 -41.36 22.97
C MET F 49 -3.80 -39.94 22.58
N LEU F 50 -3.03 -39.81 21.51
CA LEU F 50 -2.58 -38.49 21.08
C LEU F 50 -3.76 -37.59 20.76
N ASN F 51 -4.79 -38.13 20.11
CA ASN F 51 -5.99 -37.34 19.84
C ASN F 51 -6.62 -36.85 21.13
N ARG F 52 -6.65 -37.70 22.16
CA ARG F 52 -7.18 -37.30 23.46
C ARG F 52 -6.32 -36.23 24.11
N TYR F 53 -5.00 -36.27 23.89
CA TYR F 53 -4.12 -35.29 24.50
C TYR F 53 -4.34 -33.89 23.91
N LYS F 54 -4.53 -33.80 22.59
CA LYS F 54 -4.69 -32.50 21.95
C LYS F 54 -6.00 -31.83 22.30
N LEU F 55 -7.00 -32.60 22.77
CA LEU F 55 -8.27 -31.99 23.13
C LEU F 55 -8.10 -31.02 24.30
N ILE F 56 -7.26 -31.38 25.27
CA ILE F 56 -7.11 -30.60 26.47
C ILE F 56 -6.28 -29.36 26.19
N TYR F 57 -6.71 -28.23 26.74
CA TYR F 57 -5.99 -26.97 26.55
C TYR F 57 -4.70 -26.98 27.37
N LYS F 58 -3.59 -26.62 26.74
CA LYS F 58 -2.31 -26.45 27.41
C LYS F 58 -1.93 -24.98 27.41
N THR F 59 -1.22 -24.57 28.46
CA THR F 59 -0.91 -23.16 28.70
C THR F 59 0.43 -22.84 28.04
N SER F 60 0.36 -22.27 26.83
CA SER F 60 1.58 -21.81 26.16
C SER F 60 2.22 -20.65 26.91
N GLY F 61 1.40 -19.73 27.42
CA GLY F 61 1.91 -18.60 28.18
C GLY F 61 2.36 -19.00 29.57
N THR F 62 3.40 -19.83 29.62
CA THR F 62 3.89 -20.42 30.85
C THR F 62 4.83 -19.44 31.55
N LEU F 63 4.43 -18.95 32.72
CA LEU F 63 5.28 -18.08 33.51
C LEU F 63 4.90 -18.20 34.98
N GLY F 64 5.75 -17.64 35.84
CA GLY F 64 5.47 -17.55 37.26
C GLY F 64 6.39 -16.58 37.95
N ILE F 65 5.91 -15.96 39.02
CA ILE F 65 6.68 -14.97 39.76
C ILE F 65 7.18 -15.62 41.05
N ALA F 66 8.37 -15.22 41.48
CA ALA F 66 8.87 -15.70 42.77
C ALA F 66 7.99 -15.13 43.88
N LEU F 67 7.66 -15.98 44.85
CA LEU F 67 6.74 -15.58 45.91
C LEU F 67 7.21 -16.15 47.24
N ALA F 68 6.89 -15.42 48.31
CA ALA F 68 7.30 -15.78 49.66
C ALA F 68 6.07 -16.20 50.45
N GLU F 69 6.07 -17.42 50.96
CA GLU F 69 4.96 -17.90 51.78
C GLU F 69 5.04 -17.25 53.16
N PRO F 70 3.97 -16.64 53.64
CA PRO F 70 4.01 -16.01 54.97
C PRO F 70 3.91 -17.03 56.09
N VAL F 71 4.23 -16.57 57.29
CA VAL F 71 4.12 -17.39 58.50
C VAL F 71 2.72 -17.17 59.05
N ASP F 72 1.86 -18.19 58.93
CA ASP F 72 0.46 -18.05 59.30
C ASP F 72 0.21 -18.53 60.73
N ILE F 73 0.47 -19.81 61.00
CA ILE F 73 0.25 -20.38 62.33
C ILE F 73 1.51 -20.15 63.16
N PRO F 74 1.40 -19.64 64.39
CA PRO F 74 2.59 -19.41 65.20
C PRO F 74 2.98 -20.64 66.00
N ALA F 75 4.16 -20.57 66.61
CA ALA F 75 4.62 -21.66 67.45
C ALA F 75 3.74 -21.78 68.69
N VAL F 76 3.65 -23.02 69.21
CA VAL F 76 2.85 -23.27 70.40
C VAL F 76 3.38 -22.41 71.54
N SER F 77 2.46 -21.77 72.27
CA SER F 77 2.85 -20.98 73.42
C SER F 77 3.40 -21.88 74.52
N GLU F 78 4.10 -21.28 75.47
CA GLU F 78 4.83 -22.05 76.48
C GLU F 78 3.90 -23.01 77.22
N GLY F 79 2.93 -22.46 77.93
CA GLY F 79 1.99 -23.29 78.67
C GLY F 79 0.71 -23.58 77.92
N SER F 80 0.81 -23.87 76.63
CA SER F 80 -0.38 -24.21 75.86
C SER F 80 -0.98 -25.52 76.36
N MET F 81 -2.30 -25.59 76.36
CA MET F 81 -3.05 -26.75 76.82
C MET F 81 -3.60 -27.48 75.59
N GLN F 82 -2.93 -28.57 75.20
CA GLN F 82 -3.29 -29.27 73.97
C GLN F 82 -4.67 -29.91 74.11
N VAL F 83 -5.65 -29.36 73.39
CA VAL F 83 -7.00 -29.90 73.38
C VAL F 83 -7.13 -30.92 72.25
N ASP F 84 -8.10 -31.82 72.40
CA ASP F 84 -8.45 -32.79 71.37
C ASP F 84 -9.88 -32.53 70.92
N ALA F 85 -10.05 -32.21 69.63
CA ALA F 85 -11.39 -31.93 69.11
C ALA F 85 -12.35 -33.08 69.38
N SER F 86 -11.84 -34.30 69.50
CA SER F 86 -12.68 -35.45 69.79
C SER F 86 -13.02 -35.55 71.27
N LYS F 87 -12.09 -35.15 72.15
CA LYS F 87 -12.28 -35.27 73.59
C LYS F 87 -12.45 -33.91 74.25
N VAL F 88 -13.36 -33.09 73.72
CA VAL F 88 -13.61 -31.75 74.26
C VAL F 88 -14.48 -31.89 75.51
N HIS F 89 -13.97 -31.43 76.65
CA HIS F 89 -14.67 -31.51 77.92
C HIS F 89 -14.91 -30.12 78.49
N PRO F 90 -16.03 -29.89 79.17
CA PRO F 90 -16.25 -28.57 79.77
C PRO F 90 -15.15 -28.25 80.75
N GLY F 91 -14.87 -26.95 80.90
CA GLY F 91 -13.83 -26.61 81.86
C GLY F 91 -12.53 -27.31 81.56
N VAL F 92 -12.36 -27.77 80.32
CA VAL F 92 -11.38 -28.83 80.03
C VAL F 92 -10.05 -28.51 80.69
N ILE F 93 -9.41 -27.43 80.26
CA ILE F 93 -8.16 -27.03 80.89
C ILE F 93 -8.03 -25.51 80.94
N SER F 94 -8.86 -24.82 80.17
CA SER F 94 -8.58 -23.46 79.77
C SER F 94 -9.35 -22.40 80.54
N GLY F 95 -8.77 -21.20 80.54
CA GLY F 95 -9.48 -19.98 80.84
C GLY F 95 -9.22 -19.01 79.71
N LEU F 96 -9.88 -17.85 79.77
CA LEU F 96 -9.71 -16.90 78.68
C LEU F 96 -8.25 -16.45 78.55
N ASN F 97 -7.56 -16.28 79.69
CA ASN F 97 -6.18 -15.81 79.66
C ASN F 97 -5.17 -16.95 79.54
N SER F 98 -5.56 -18.17 79.89
CA SER F 98 -4.64 -19.30 79.83
C SER F 98 -4.38 -19.69 78.37
N PRO F 99 -3.13 -19.89 77.96
CA PRO F 99 -2.87 -20.32 76.57
C PRO F 99 -3.47 -21.70 76.31
N ALA F 100 -4.05 -21.86 75.12
CA ALA F 100 -4.68 -23.10 74.74
C ALA F 100 -4.41 -23.35 73.25
N CYS F 101 -4.42 -24.62 72.87
CA CYS F 101 -4.23 -25.00 71.47
C CYS F 101 -4.92 -26.33 71.23
N MET F 102 -5.49 -26.48 70.03
CA MET F 102 -6.15 -27.70 69.62
C MET F 102 -5.19 -28.52 68.76
N LEU F 103 -5.11 -29.82 69.04
CA LEU F 103 -4.28 -30.69 68.22
C LEU F 103 -4.74 -30.63 66.76
N SER F 104 -3.80 -30.87 65.85
CA SER F 104 -4.09 -30.69 64.44
C SER F 104 -4.71 -31.94 63.83
N ALA F 105 -4.26 -33.12 64.27
CA ALA F 105 -4.75 -34.37 63.68
C ALA F 105 -6.25 -34.54 63.90
N PRO F 106 -6.76 -34.54 65.13
CA PRO F 106 -8.21 -34.71 65.30
C PRO F 106 -9.03 -33.51 64.85
N LEU F 107 -8.44 -32.31 64.87
CA LEU F 107 -9.15 -31.14 64.35
C LEU F 107 -9.40 -31.28 62.86
N GLU F 108 -8.37 -31.67 62.10
CA GLU F 108 -8.56 -31.89 60.67
C GLU F 108 -9.57 -32.99 60.41
N LYS F 109 -9.64 -33.99 61.29
CA LYS F 109 -10.57 -35.10 61.08
C LYS F 109 -12.02 -34.64 61.15
N GLN F 110 -12.28 -33.54 61.86
CA GLN F 110 -13.63 -32.98 61.92
C GLN F 110 -13.91 -32.03 60.76
N LEU F 111 -12.92 -31.21 60.38
CA LEU F 111 -13.11 -30.31 59.24
C LEU F 111 -13.46 -31.09 57.98
N PHE F 112 -12.63 -32.06 57.61
CA PHE F 112 -12.89 -32.92 56.45
C PHE F 112 -13.52 -34.23 56.88
N TYR F 113 -14.66 -34.14 57.57
CA TYR F 113 -15.35 -35.34 58.04
C TYR F 113 -16.04 -36.05 56.88
N TYR F 114 -16.74 -35.30 56.03
CA TYR F 114 -17.48 -35.91 54.93
C TYR F 114 -16.52 -36.50 53.90
N ILE F 115 -17.07 -37.38 53.06
CA ILE F 115 -16.31 -38.02 52.00
C ILE F 115 -17.19 -38.15 50.77
N GLY F 116 -16.60 -37.95 49.60
CA GLY F 116 -17.33 -38.07 48.36
C GLY F 116 -16.38 -38.15 47.18
N THR F 117 -16.95 -38.14 45.99
CA THR F 117 -16.17 -38.21 44.75
C THR F 117 -15.70 -36.81 44.39
N MET F 118 -14.39 -36.59 44.50
CA MET F 118 -13.82 -35.28 44.18
C MET F 118 -13.88 -35.02 42.69
N LEU F 119 -13.48 -35.99 41.88
CA LEU F 119 -13.31 -35.82 40.44
C LEU F 119 -14.40 -36.58 39.70
N PRO F 120 -15.33 -35.92 39.02
CA PRO F 120 -16.41 -36.65 38.35
C PRO F 120 -15.88 -37.51 37.22
N ASN F 121 -16.80 -38.28 36.64
CA ASN F 121 -16.53 -39.01 35.40
C ASN F 121 -17.00 -38.23 34.18
N THR F 122 -17.28 -36.95 34.33
CA THR F 122 -17.77 -36.12 33.23
C THR F 122 -16.73 -36.06 32.12
N ARG F 123 -17.19 -35.61 30.95
CA ARG F 123 -16.38 -35.71 29.74
C ARG F 123 -15.09 -34.89 29.77
N PRO F 124 -14.99 -33.72 30.42
CA PRO F 124 -13.72 -32.99 30.42
C PRO F 124 -12.69 -33.53 31.39
N HIS F 125 -13.13 -34.01 32.56
CA HIS F 125 -12.20 -34.49 33.58
C HIS F 125 -11.80 -35.94 33.40
N SER F 126 -12.66 -36.77 32.81
CA SER F 126 -12.32 -38.17 32.59
C SER F 126 -11.07 -38.32 31.75
N TYR F 127 -10.76 -37.32 30.92
CA TYR F 127 -9.60 -37.42 30.03
C TYR F 127 -8.29 -37.19 30.78
N VAL F 128 -8.29 -36.40 31.84
CA VAL F 128 -7.06 -35.88 32.42
C VAL F 128 -6.72 -36.55 33.74
N PHE F 129 -7.73 -36.87 34.56
CA PHE F 129 -7.51 -37.33 35.92
C PHE F 129 -8.04 -38.75 36.10
N TYR F 130 -7.44 -39.46 37.05
CA TYR F 130 -8.06 -40.67 37.58
C TYR F 130 -9.13 -40.26 38.58
N GLN F 131 -10.28 -40.93 38.52
CA GLN F 131 -11.35 -40.64 39.45
C GLN F 131 -10.88 -40.76 40.89
N LEU F 132 -11.25 -39.79 41.71
CA LEU F 132 -10.76 -39.69 43.08
C LEU F 132 -11.92 -39.59 44.07
N ARG F 133 -11.76 -40.22 45.22
CA ARG F 133 -12.76 -40.18 46.30
C ARG F 133 -12.02 -39.96 47.61
N CYS F 134 -12.16 -38.77 48.18
CA CYS F 134 -11.39 -38.37 49.35
C CYS F 134 -12.27 -37.62 50.33
N HIS F 135 -11.82 -37.57 51.58
CA HIS F 135 -12.42 -36.67 52.56
C HIS F 135 -12.28 -35.24 52.05
N LEU F 136 -13.39 -34.50 52.06
CA LEU F 136 -13.42 -33.23 51.36
C LEU F 136 -14.41 -32.27 51.99
N SER F 137 -14.26 -31.01 51.64
CA SER F 137 -15.25 -29.97 51.86
C SER F 137 -15.44 -29.23 50.55
N TYR F 138 -16.63 -28.66 50.34
CA TYR F 138 -16.90 -27.99 49.08
C TYR F 138 -17.80 -26.79 49.31
N VAL F 139 -17.58 -25.76 48.51
CA VAL F 139 -18.46 -24.60 48.43
C VAL F 139 -19.14 -24.62 47.07
N ALA F 140 -20.47 -24.57 47.07
CA ALA F 140 -21.23 -24.63 45.83
C ALA F 140 -22.18 -23.44 45.74
N LEU F 141 -22.46 -23.01 44.51
CA LEU F 141 -23.36 -21.91 44.26
C LEU F 141 -23.79 -21.94 42.80
N SER F 142 -24.90 -21.26 42.52
CA SER F 142 -25.44 -21.23 41.16
C SER F 142 -26.12 -19.90 40.92
N ILE F 143 -26.08 -19.46 39.67
CA ILE F 143 -26.71 -18.21 39.24
C ILE F 143 -27.31 -18.41 37.86
N ASN F 144 -28.09 -17.43 37.42
CA ASN F 144 -28.79 -17.49 36.14
C ASN F 144 -29.73 -18.69 36.09
N GLY F 145 -30.47 -18.91 37.18
CA GLY F 145 -31.43 -19.99 37.25
C GLY F 145 -30.78 -21.36 37.09
N ASP F 146 -29.70 -21.60 37.83
CA ASP F 146 -28.99 -22.88 37.82
C ASP F 146 -28.40 -23.21 36.45
N LYS F 147 -28.27 -22.23 35.57
CA LYS F 147 -27.64 -22.45 34.27
C LYS F 147 -26.15 -22.14 34.30
N PHE F 148 -25.65 -21.53 35.37
CA PHE F 148 -24.22 -21.37 35.61
C PHE F 148 -23.93 -21.83 37.03
N GLN F 149 -23.04 -22.81 37.17
CA GLN F 149 -22.78 -23.45 38.45
C GLN F 149 -21.30 -23.41 38.76
N TYR F 150 -20.96 -23.42 40.06
CA TYR F 150 -19.59 -23.48 40.52
C TYR F 150 -19.51 -24.31 41.79
N THR F 151 -18.42 -25.08 41.92
CA THR F 151 -18.20 -25.91 43.09
C THR F 151 -16.72 -25.88 43.45
N GLY F 152 -16.41 -25.41 44.65
CA GLY F 152 -15.05 -25.43 45.16
C GLY F 152 -14.73 -26.63 46.03
N ALA F 153 -14.64 -27.81 45.43
CA ALA F 153 -14.27 -29.00 46.19
C ALA F 153 -12.79 -28.95 46.56
N MET F 154 -12.49 -29.28 47.82
CA MET F 154 -11.15 -29.10 48.35
C MET F 154 -10.83 -30.16 49.39
N THR F 155 -9.54 -30.39 49.59
CA THR F 155 -9.01 -31.23 50.67
C THR F 155 -8.07 -30.39 51.53
N SER F 156 -7.36 -31.05 52.42
CA SER F 156 -6.30 -30.41 53.17
C SER F 156 -5.03 -30.22 52.35
N LYS F 157 -5.01 -30.68 51.10
CA LYS F 157 -3.82 -30.65 50.27
C LYS F 157 -3.98 -29.84 48.99
N PHE F 158 -5.15 -29.85 48.38
CA PHE F 158 -5.35 -29.15 47.11
C PHE F 158 -6.81 -28.74 46.96
N LEU F 159 -7.02 -27.67 46.21
CA LEU F 159 -8.34 -27.14 45.91
C LEU F 159 -8.61 -27.26 44.42
N MET F 160 -9.85 -27.59 44.08
CA MET F 160 -10.28 -27.67 42.68
C MET F 160 -11.63 -26.98 42.55
N GLY F 161 -11.62 -25.77 41.99
CA GLY F 161 -12.84 -25.03 41.72
C GLY F 161 -13.24 -25.24 40.27
N THR F 162 -14.48 -25.69 40.07
CA THR F 162 -14.97 -26.09 38.77
C THR F 162 -16.13 -25.21 38.34
N TYR F 163 -15.97 -24.53 37.21
CA TYR F 163 -17.07 -23.79 36.60
C TYR F 163 -17.80 -24.69 35.62
N LYS F 164 -19.11 -24.49 35.54
CA LYS F 164 -19.96 -25.22 34.60
C LYS F 164 -21.03 -24.27 34.10
N ARG F 165 -21.12 -24.12 32.78
CA ARG F 165 -22.13 -23.29 32.16
C ARG F 165 -23.10 -24.19 31.41
N VAL F 166 -24.39 -23.93 31.58
CA VAL F 166 -25.45 -24.60 30.85
C VAL F 166 -26.05 -23.60 29.88
N THR F 167 -26.09 -23.98 28.61
CA THR F 167 -26.49 -23.05 27.56
C THR F 167 -28.01 -23.12 27.38
N GLU F 168 -28.54 -22.14 26.65
CA GLU F 168 -29.94 -22.19 26.29
C GLU F 168 -30.24 -23.40 25.40
N LYS F 169 -29.20 -24.06 24.92
CA LYS F 169 -29.27 -25.39 24.35
C LYS F 169 -28.76 -26.40 25.38
N GLY F 170 -28.56 -27.66 24.96
CA GLY F 170 -28.11 -28.69 25.88
C GLY F 170 -26.64 -28.64 26.23
N ASP F 171 -25.81 -27.94 25.45
CA ASP F 171 -24.37 -27.98 25.63
C ASP F 171 -23.97 -27.52 27.03
N GLU F 172 -22.89 -28.11 27.55
CA GLU F 172 -22.34 -27.77 28.87
C GLU F 172 -20.86 -27.47 28.72
N HIS F 173 -20.46 -26.26 29.08
CA HIS F 173 -19.07 -25.83 29.03
C HIS F 173 -18.47 -25.94 30.43
N VAL F 174 -17.27 -26.52 30.53
CA VAL F 174 -16.64 -26.81 31.80
C VAL F 174 -15.23 -26.25 31.81
N LEU F 175 -14.85 -25.67 32.95
CA LEU F 175 -13.50 -25.14 33.17
C LEU F 175 -13.18 -25.31 34.64
N SER F 176 -12.05 -25.97 34.93
CA SER F 176 -11.66 -26.28 36.30
C SER F 176 -10.29 -25.69 36.61
N LEU F 177 -10.17 -25.09 37.78
CA LEU F 177 -8.92 -24.53 38.28
C LEU F 177 -8.48 -25.33 39.50
N VAL F 178 -7.22 -25.76 39.51
CA VAL F 178 -6.67 -26.57 40.59
C VAL F 178 -5.54 -25.80 41.25
N PHE F 179 -5.54 -25.76 42.58
CA PHE F 179 -4.53 -25.06 43.36
C PHE F 179 -4.07 -25.95 44.51
N GLY F 180 -2.78 -25.90 44.80
CA GLY F 180 -2.22 -26.66 45.89
C GLY F 180 -0.74 -26.87 45.69
N LYS F 181 -0.16 -27.68 46.57
CA LYS F 181 1.24 -28.06 46.43
C LYS F 181 1.42 -28.95 45.21
N THR F 182 2.49 -28.70 44.45
CA THR F 182 2.72 -29.43 43.21
C THR F 182 2.72 -30.93 43.46
N LYS F 183 3.53 -31.40 44.42
CA LYS F 183 3.63 -32.84 44.66
C LYS F 183 2.30 -33.42 45.12
N ASP F 184 1.49 -32.64 45.83
CA ASP F 184 0.24 -33.12 46.39
C ASP F 184 -0.92 -33.03 45.41
N LEU F 185 -0.69 -32.55 44.19
CA LEU F 185 -1.75 -32.44 43.21
C LEU F 185 -2.31 -33.84 42.92
N PRO F 186 -3.54 -33.92 42.40
CA PRO F 186 -4.13 -35.21 42.11
C PRO F 186 -3.32 -35.97 41.06
N ASP F 187 -3.71 -37.21 40.83
CA ASP F 187 -2.99 -38.12 39.94
C ASP F 187 -3.53 -37.96 38.52
N LEU F 188 -2.63 -37.66 37.58
CA LEU F 188 -3.01 -37.51 36.18
C LEU F 188 -3.09 -38.88 35.51
N ARG F 189 -3.84 -38.93 34.40
CA ARG F 189 -4.24 -40.20 33.82
C ARG F 189 -3.31 -40.67 32.71
N GLY F 190 -3.22 -39.91 31.62
CA GLY F 190 -2.61 -40.40 30.41
C GLY F 190 -1.27 -39.74 30.13
N PRO F 191 -1.07 -39.23 28.92
CA PRO F 191 0.22 -38.57 28.61
C PRO F 191 0.42 -37.27 29.35
N PHE F 192 -0.60 -36.79 30.06
CA PHE F 192 -0.57 -35.44 30.59
C PHE F 192 0.49 -35.29 31.67
N SER F 193 1.09 -34.10 31.71
CA SER F 193 1.97 -33.68 32.78
C SER F 193 1.58 -32.27 33.18
N TYR F 194 1.72 -31.97 34.48
CA TYR F 194 1.24 -30.69 34.98
C TYR F 194 1.94 -29.49 34.35
N PRO F 195 3.24 -29.52 34.08
CA PRO F 195 3.88 -28.33 33.47
C PRO F 195 3.14 -27.79 32.25
N SER F 196 2.62 -28.68 31.40
CA SER F 196 1.84 -28.23 30.26
C SER F 196 0.49 -27.64 30.67
N LEU F 197 0.04 -27.91 31.90
CA LEU F 197 -1.23 -27.42 32.39
C LEU F 197 -1.08 -26.35 33.46
N THR F 198 0.14 -26.00 33.85
CA THR F 198 0.35 -25.01 34.90
C THR F 198 0.24 -23.61 34.32
N SER F 199 -0.51 -22.74 35.02
CA SER F 199 -0.64 -21.34 34.65
C SER F 199 0.15 -20.40 35.54
N ALA F 200 0.58 -20.86 36.71
CA ALA F 200 1.38 -20.04 37.61
C ALA F 200 2.03 -20.96 38.64
N GLN F 201 3.33 -20.79 38.85
CA GLN F 201 4.08 -21.67 39.74
C GLN F 201 5.06 -20.85 40.57
N SER F 202 5.25 -21.27 41.81
CA SER F 202 6.20 -20.61 42.72
C SER F 202 6.51 -21.57 43.86
N GLY F 203 7.77 -21.97 43.97
CA GLY F 203 8.15 -22.89 45.03
C GLY F 203 7.36 -24.18 44.95
N ASP F 204 6.73 -24.55 46.06
CA ASP F 204 6.01 -25.81 46.15
C ASP F 204 4.59 -25.72 45.60
N TYR F 205 4.06 -24.53 45.36
CA TYR F 205 2.68 -24.35 44.94
C TYR F 205 2.60 -24.05 43.45
N SER F 206 1.44 -24.37 42.87
CA SER F 206 1.19 -24.14 41.45
C SER F 206 -0.31 -23.99 41.24
N LEU F 207 -0.68 -23.31 40.16
CA LEU F 207 -2.07 -23.13 39.75
C LEU F 207 -2.25 -23.80 38.39
N VAL F 208 -3.05 -24.85 38.35
CA VAL F 208 -3.27 -25.65 37.15
C VAL F 208 -4.66 -25.36 36.61
N ILE F 209 -4.78 -25.32 35.28
CA ILE F 209 -6.05 -25.17 34.60
C ILE F 209 -6.30 -26.41 33.77
N VAL F 210 -7.55 -26.88 33.76
CA VAL F 210 -7.94 -28.08 33.03
C VAL F 210 -9.23 -27.77 32.29
N THR F 211 -9.17 -27.73 30.96
CA THR F 211 -10.34 -27.48 30.14
C THR F 211 -10.00 -27.83 28.70
N THR F 212 -11.05 -27.95 27.89
CA THR F 212 -10.87 -28.23 26.47
C THR F 212 -10.58 -26.95 25.71
N PHE F 213 -9.81 -27.09 24.62
CA PHE F 213 -9.54 -25.94 23.76
C PHE F 213 -10.84 -25.24 23.37
N VAL F 214 -11.88 -26.01 23.05
CA VAL F 214 -13.17 -25.43 22.68
C VAL F 214 -13.75 -24.66 23.86
N HIS F 215 -13.84 -25.30 25.02
CA HIS F 215 -14.44 -24.66 26.19
C HIS F 215 -13.65 -23.43 26.61
N TYR F 216 -12.31 -23.49 26.52
CA TYR F 216 -11.51 -22.33 26.85
C TYR F 216 -11.88 -21.15 25.96
N ALA F 217 -12.21 -21.42 24.69
CA ALA F 217 -12.64 -20.35 23.79
C ALA F 217 -14.00 -19.81 24.22
N ASN F 218 -14.90 -20.68 24.65
CA ASN F 218 -16.23 -20.24 25.07
C ASN F 218 -16.14 -19.33 26.30
N PHE F 219 -15.37 -19.75 27.31
CA PHE F 219 -15.25 -18.96 28.53
C PHE F 219 -14.57 -17.62 28.26
N HIS F 220 -13.65 -17.58 27.29
CA HIS F 220 -12.91 -16.35 27.00
C HIS F 220 -13.82 -15.23 26.51
N ASN F 221 -15.05 -15.53 26.11
CA ASN F 221 -15.98 -14.50 25.69
C ASN F 221 -16.49 -13.66 26.84
N TYR F 222 -16.45 -14.18 28.08
CA TYR F 222 -16.94 -13.43 29.23
C TYR F 222 -16.09 -13.62 30.47
N PHE F 223 -14.96 -14.33 30.40
CA PHE F 223 -14.21 -14.70 31.60
C PHE F 223 -12.72 -14.69 31.24
N VAL F 224 -12.03 -13.61 31.60
CA VAL F 224 -10.61 -13.47 31.34
C VAL F 224 -9.87 -13.36 32.68
N PRO F 225 -9.64 -14.48 33.37
CA PRO F 225 -9.05 -14.40 34.70
C PRO F 225 -7.57 -14.03 34.65
N ASN F 226 -7.12 -13.38 35.73
CA ASN F 226 -5.70 -13.04 35.90
C ASN F 226 -5.03 -14.09 36.78
N LEU F 227 -4.80 -15.26 36.17
CA LEU F 227 -4.32 -16.41 36.93
C LEU F 227 -3.03 -16.11 37.69
N LYS F 228 -2.18 -15.22 37.18
CA LYS F 228 -0.98 -14.83 37.93
C LYS F 228 -1.36 -14.18 39.26
N ASP F 229 -2.21 -13.16 39.22
CA ASP F 229 -2.54 -12.43 40.44
C ASP F 229 -3.25 -13.34 41.44
N MET F 230 -4.21 -14.13 40.98
CA MET F 230 -4.91 -15.06 41.87
C MET F 230 -3.92 -15.96 42.60
N PHE F 231 -2.87 -16.39 41.91
CA PHE F 231 -1.89 -17.29 42.53
C PHE F 231 -1.08 -16.56 43.59
N SER F 232 -0.58 -15.36 43.28
CA SER F 232 0.21 -14.61 44.25
C SER F 232 -0.61 -14.30 45.50
N ARG F 233 -1.84 -13.83 45.32
CA ARG F 233 -2.69 -13.53 46.47
C ARG F 233 -3.02 -14.78 47.27
N ALA F 234 -3.18 -15.92 46.60
CA ALA F 234 -3.50 -17.15 47.30
C ALA F 234 -2.30 -17.73 48.05
N VAL F 235 -1.09 -17.26 47.76
CA VAL F 235 0.12 -17.75 48.39
C VAL F 235 0.68 -16.74 49.39
N THR F 236 0.81 -15.48 48.98
CA THR F 236 1.49 -14.49 49.81
C THR F 236 0.65 -14.06 51.00
N MET F 237 -0.65 -14.27 50.98
CA MET F 237 -1.52 -13.86 52.07
C MET F 237 -1.69 -14.96 53.10
N THR F 238 -2.03 -14.56 54.31
CA THR F 238 -2.36 -15.51 55.36
C THR F 238 -3.84 -15.87 55.29
N ALA F 239 -4.18 -17.00 55.92
CA ALA F 239 -5.54 -17.51 55.85
C ALA F 239 -6.56 -16.45 56.29
N ALA F 240 -6.29 -15.79 57.42
CA ALA F 240 -7.23 -14.80 57.93
C ALA F 240 -7.29 -13.58 57.03
N SER F 241 -6.13 -13.04 56.63
CA SER F 241 -6.12 -11.83 55.83
C SER F 241 -6.73 -12.08 54.45
N TYR F 242 -6.47 -13.25 53.86
CA TYR F 242 -7.05 -13.57 52.56
C TYR F 242 -8.57 -13.74 52.66
N ALA F 243 -9.05 -14.38 53.73
CA ALA F 243 -10.48 -14.59 53.87
C ALA F 243 -11.21 -13.26 53.99
N ARG F 244 -10.63 -12.30 54.70
CA ARG F 244 -11.26 -10.99 54.81
C ARG F 244 -11.24 -10.26 53.47
N TYR F 245 -10.14 -10.39 52.72
CA TYR F 245 -10.08 -9.78 51.40
C TYR F 245 -11.28 -10.17 50.55
N VAL F 246 -11.58 -11.47 50.48
CA VAL F 246 -12.76 -11.91 49.74
C VAL F 246 -14.02 -11.39 50.43
N LEU F 247 -14.01 -11.33 51.76
CA LEU F 247 -15.18 -10.85 52.49
C LEU F 247 -15.48 -9.39 52.16
N GLN F 248 -14.45 -8.55 52.13
CA GLN F 248 -14.66 -7.15 51.80
C GLN F 248 -15.28 -6.99 50.42
N LYS F 249 -14.72 -7.69 49.43
CA LYS F 249 -15.24 -7.59 48.06
C LYS F 249 -16.75 -7.79 48.03
N LEU F 250 -17.24 -8.87 48.65
CA LEU F 250 -18.66 -9.17 48.59
C LEU F 250 -19.48 -8.09 49.28
N VAL F 251 -19.03 -7.61 50.43
CA VAL F 251 -19.75 -6.53 51.11
C VAL F 251 -19.79 -5.29 50.24
N LEU F 252 -18.63 -4.85 49.76
CA LEU F 252 -18.54 -3.70 48.87
C LEU F 252 -19.13 -3.98 47.50
N LEU F 253 -19.44 -5.24 47.18
CA LEU F 253 -20.10 -5.59 45.93
C LEU F 253 -21.62 -5.53 46.04
N GLU F 254 -22.16 -5.42 47.26
CA GLU F 254 -23.60 -5.36 47.43
C GLU F 254 -24.18 -4.04 46.94
N MET F 255 -23.39 -2.97 46.94
CA MET F 255 -23.89 -1.68 46.47
C MET F 255 -24.49 -1.80 45.08
N LYS F 256 -23.91 -2.66 44.23
CA LYS F 256 -24.43 -2.93 42.92
C LYS F 256 -25.56 -3.97 42.99
N GLY F 257 -26.27 -4.11 41.88
CA GLY F 257 -27.24 -5.19 41.75
C GLY F 257 -26.50 -6.47 41.45
N GLY F 258 -25.49 -6.78 42.27
CA GLY F 258 -24.63 -7.91 42.01
C GLY F 258 -25.19 -9.21 42.54
N CYS F 259 -25.90 -9.15 43.67
CA CYS F 259 -26.49 -10.34 44.25
C CYS F 259 -28.01 -10.33 44.14
N ARG F 260 -28.58 -9.32 43.50
CA ARG F 260 -29.96 -9.38 43.03
C ARG F 260 -30.05 -10.01 41.64
N GLU F 261 -29.09 -9.68 40.77
CA GLU F 261 -29.01 -10.25 39.43
C GLU F 261 -27.54 -10.45 39.07
N PRO F 262 -26.91 -11.49 39.62
CA PRO F 262 -25.48 -11.69 39.35
C PRO F 262 -25.22 -11.85 37.86
N GLU F 263 -24.04 -11.38 37.43
CA GLU F 263 -23.67 -11.39 36.03
C GLU F 263 -22.49 -12.35 35.79
N LEU F 264 -22.42 -12.88 34.57
CA LEU F 264 -21.33 -13.76 34.17
C LEU F 264 -20.21 -12.92 33.55
N ASP F 265 -19.55 -12.15 34.40
CA ASP F 265 -18.41 -11.34 34.01
C ASP F 265 -17.16 -11.83 34.74
N THR F 266 -16.00 -11.35 34.27
CA THR F 266 -14.74 -11.83 34.81
C THR F 266 -14.65 -11.58 36.32
N GLU F 267 -15.13 -10.42 36.77
CA GLU F 267 -15.03 -10.08 38.18
C GLU F 267 -15.82 -11.07 39.03
N THR F 268 -17.07 -11.34 38.64
CA THR F 268 -17.91 -12.24 39.42
C THR F 268 -17.31 -13.64 39.45
N LEU F 269 -16.94 -14.17 38.27
CA LEU F 269 -16.41 -15.53 38.22
C LEU F 269 -15.09 -15.65 38.97
N THR F 270 -14.26 -14.59 38.95
CA THR F 270 -13.02 -14.61 39.71
C THR F 270 -13.29 -14.77 41.20
N THR F 271 -14.21 -13.97 41.74
CA THR F 271 -14.49 -14.02 43.16
C THR F 271 -15.01 -15.39 43.59
N MET F 272 -15.82 -16.02 42.73
CA MET F 272 -16.30 -17.37 43.03
C MET F 272 -15.15 -18.29 43.40
N PHE F 273 -14.04 -18.22 42.66
CA PHE F 273 -12.89 -19.05 42.97
C PHE F 273 -12.20 -18.58 44.25
N GLU F 274 -12.04 -17.26 44.40
CA GLU F 274 -11.39 -16.75 45.60
C GLU F 274 -12.13 -17.15 46.87
N VAL F 275 -13.46 -17.25 46.82
CA VAL F 275 -14.22 -17.72 47.98
C VAL F 275 -13.75 -19.12 48.37
N SER F 276 -13.67 -20.03 47.41
CA SER F 276 -13.20 -21.38 47.69
C SER F 276 -11.79 -21.36 48.27
N VAL F 277 -10.92 -20.51 47.71
CA VAL F 277 -9.56 -20.41 48.23
C VAL F 277 -9.57 -19.99 49.69
N ALA F 278 -10.51 -19.12 50.07
CA ALA F 278 -10.58 -18.65 51.45
C ALA F 278 -10.74 -19.82 52.42
N PHE F 279 -11.67 -20.73 52.11
CA PHE F 279 -11.86 -21.90 52.96
C PHE F 279 -10.67 -22.84 52.88
N PHE F 280 -10.15 -23.08 51.68
CA PHE F 280 -9.06 -24.03 51.52
C PHE F 280 -7.83 -23.63 52.33
N LYS F 281 -7.48 -22.34 52.31
CA LYS F 281 -6.28 -21.89 53.01
C LYS F 281 -6.33 -22.23 54.50
N VAL F 282 -7.52 -22.21 55.10
CA VAL F 282 -7.65 -22.54 56.51
C VAL F 282 -7.43 -24.04 56.73
N GLY F 283 -8.24 -24.86 56.07
CA GLY F 283 -8.07 -26.30 56.18
C GLY F 283 -6.69 -26.76 55.76
N HIS F 284 -6.10 -26.08 54.78
CA HIS F 284 -4.75 -26.42 54.33
C HIS F 284 -3.73 -26.18 55.43
N ALA F 285 -3.82 -25.03 56.10
CA ALA F 285 -2.85 -24.70 57.15
C ALA F 285 -2.93 -25.70 58.29
N VAL F 286 -4.13 -26.16 58.65
CA VAL F 286 -4.28 -27.13 59.72
C VAL F 286 -3.67 -28.47 59.31
N GLY F 287 -3.87 -28.88 58.06
CA GLY F 287 -3.32 -30.14 57.60
C GLY F 287 -1.81 -30.12 57.51
N GLU F 288 -1.22 -28.96 57.19
CA GLU F 288 0.22 -28.84 57.03
C GLU F 288 0.96 -28.78 58.35
N THR F 289 0.26 -28.83 59.49
CA THR F 289 0.92 -28.77 60.78
C THR F 289 1.57 -30.10 61.18
N GLY F 290 1.21 -31.20 60.51
CA GLY F 290 1.91 -32.45 60.72
C GLY F 290 1.64 -33.10 62.05
N ASN F 291 0.36 -33.24 62.42
CA ASN F 291 -0.02 -33.83 63.70
C ASN F 291 0.54 -33.01 64.85
N GLY F 292 0.34 -31.70 64.78
CA GLY F 292 0.80 -30.78 65.81
C GLY F 292 -0.36 -30.07 66.49
N CYS F 293 -0.10 -28.87 67.02
CA CYS F 293 -1.12 -28.10 67.72
C CYS F 293 -1.23 -26.72 67.08
N VAL F 294 -2.45 -26.18 67.10
CA VAL F 294 -2.75 -24.87 66.51
C VAL F 294 -3.22 -23.95 67.62
N ASP F 295 -2.49 -22.87 67.85
CA ASP F 295 -2.85 -21.91 68.89
C ASP F 295 -4.32 -21.53 68.74
N LEU F 296 -5.02 -21.45 69.89
CA LEU F 296 -6.46 -21.22 69.85
C LEU F 296 -6.79 -19.82 69.34
N ARG F 297 -5.98 -18.82 69.69
CA ARG F 297 -6.22 -17.48 69.19
C ARG F 297 -6.21 -17.44 67.67
N TRP F 298 -5.33 -18.23 67.05
CA TRP F 298 -5.29 -18.31 65.60
C TRP F 298 -6.57 -18.93 65.06
N LEU F 299 -7.01 -20.04 65.65
CA LEU F 299 -8.24 -20.69 65.20
C LEU F 299 -9.43 -19.74 65.30
N ALA F 300 -9.54 -19.02 66.41
CA ALA F 300 -10.65 -18.10 66.58
C ALA F 300 -10.69 -17.06 65.48
N LYS F 301 -9.53 -16.49 65.15
CA LYS F 301 -9.48 -15.45 64.13
C LYS F 301 -9.82 -15.99 62.74
N SER F 302 -9.27 -17.15 62.39
CA SER F 302 -9.46 -17.68 61.04
C SER F 302 -10.90 -18.15 60.83
N PHE F 303 -11.48 -18.84 61.81
CA PHE F 303 -12.83 -19.37 61.64
C PHE F 303 -13.90 -18.30 61.88
N PHE F 304 -13.54 -17.18 62.52
CA PHE F 304 -14.47 -16.05 62.56
C PHE F 304 -14.70 -15.51 61.15
N GLU F 305 -13.62 -15.34 60.39
CA GLU F 305 -13.76 -14.85 59.02
C GLU F 305 -14.60 -15.79 58.17
N LEU F 306 -14.31 -17.09 58.24
CA LEU F 306 -15.08 -18.05 57.46
C LEU F 306 -16.55 -18.05 57.88
N THR F 307 -16.82 -17.89 59.17
CA THR F 307 -18.21 -17.80 59.63
C THR F 307 -18.91 -16.61 58.99
N VAL F 308 -18.27 -15.44 59.03
CA VAL F 308 -18.84 -14.26 58.37
C VAL F 308 -18.86 -14.47 56.87
N LEU F 309 -17.74 -14.92 56.30
CA LEU F 309 -17.69 -15.16 54.87
C LEU F 309 -18.70 -16.21 54.45
N LYS F 310 -18.98 -17.19 55.30
CA LYS F 310 -19.99 -18.19 55.00
C LYS F 310 -21.38 -17.59 54.99
N ASP F 311 -21.61 -16.56 55.81
CA ASP F 311 -22.93 -15.94 55.89
C ASP F 311 -23.19 -15.01 54.72
N ILE F 312 -22.18 -14.23 54.30
CA ILE F 312 -22.39 -13.29 53.21
C ILE F 312 -22.68 -14.02 51.91
N ILE F 313 -22.02 -15.14 51.65
CA ILE F 313 -22.21 -15.85 50.39
C ILE F 313 -23.55 -16.57 50.35
N GLY F 314 -24.19 -16.79 51.49
CA GLY F 314 -25.51 -17.39 51.51
C GLY F 314 -26.57 -16.37 51.15
N ILE F 315 -26.40 -15.15 51.66
CA ILE F 315 -27.35 -14.08 51.38
C ILE F 315 -27.11 -13.51 49.99
N CYS F 316 -25.88 -13.55 49.49
CA CYS F 316 -25.56 -12.97 48.19
C CYS F 316 -25.87 -13.92 47.04
N TYR F 317 -25.20 -15.07 47.00
CA TYR F 317 -25.37 -16.04 45.92
C TYR F 317 -26.12 -17.29 46.36
N GLY F 318 -26.66 -17.33 47.57
CA GLY F 318 -27.29 -18.55 48.04
C GLY F 318 -26.31 -19.69 48.13
N ALA F 319 -25.07 -19.39 48.49
CA ALA F 319 -23.98 -20.35 48.47
C ALA F 319 -24.11 -21.33 49.63
N THR F 320 -23.48 -22.48 49.47
CA THR F 320 -23.52 -23.54 50.47
C THR F 320 -22.11 -23.96 50.84
N VAL F 321 -21.92 -24.29 52.11
CA VAL F 321 -20.67 -24.83 52.63
C VAL F 321 -21.00 -26.12 53.34
N LYS F 322 -20.12 -27.12 53.21
CA LYS F 322 -20.39 -28.45 53.76
C LYS F 322 -19.40 -28.85 54.85
N GLY F 323 -18.11 -28.67 54.62
CA GLY F 323 -17.12 -28.94 55.65
C GLY F 323 -16.67 -27.69 56.37
N MET F 324 -15.43 -27.71 56.84
CA MET F 324 -14.78 -26.56 57.45
C MET F 324 -15.51 -26.07 58.69
N GLN F 325 -16.11 -26.98 59.45
CA GLN F 325 -16.71 -26.64 60.75
C GLN F 325 -16.39 -27.76 61.72
N SER F 326 -15.64 -27.44 62.77
CA SER F 326 -15.27 -28.40 63.81
C SER F 326 -16.19 -28.18 65.01
N TYR F 327 -17.14 -29.09 65.22
CA TYR F 327 -18.02 -28.97 66.37
C TYR F 327 -17.22 -28.93 67.66
N GLY F 328 -16.09 -29.64 67.70
CA GLY F 328 -15.22 -29.57 68.87
C GLY F 328 -14.77 -28.15 69.15
N LEU F 329 -14.49 -27.39 68.10
CA LEU F 329 -14.16 -25.98 68.28
C LEU F 329 -15.39 -25.17 68.67
N GLU F 330 -16.54 -25.44 68.03
CA GLU F 330 -17.76 -24.72 68.38
C GLU F 330 -18.10 -24.92 69.84
N ARG F 331 -18.01 -26.16 70.33
CA ARG F 331 -18.22 -26.42 71.75
C ARG F 331 -17.20 -25.67 72.59
N LEU F 332 -15.91 -25.94 72.36
CA LEU F 332 -14.87 -25.33 73.16
C LEU F 332 -15.04 -23.82 73.25
N ALA F 333 -15.45 -23.18 72.14
CA ALA F 333 -15.71 -21.75 72.18
C ALA F 333 -16.95 -21.43 73.00
N ALA F 334 -18.03 -22.19 72.80
CA ALA F 334 -19.26 -21.92 73.54
C ALA F 334 -19.07 -22.11 75.04
N MET F 335 -18.37 -23.18 75.44
CA MET F 335 -18.13 -23.41 76.86
C MET F 335 -17.31 -22.28 77.48
N LEU F 336 -16.40 -21.69 76.71
CA LEU F 336 -15.56 -20.62 77.22
C LEU F 336 -16.33 -19.31 77.37
N MET F 337 -17.47 -19.16 76.68
CA MET F 337 -18.28 -17.96 76.82
C MET F 337 -18.99 -17.88 78.17
N ALA F 338 -19.17 -19.01 78.85
CA ALA F 338 -19.72 -18.98 80.21
C ALA F 338 -18.73 -18.46 81.23
N THR F 339 -17.50 -18.15 80.83
CA THR F 339 -16.48 -17.63 81.73
C THR F 339 -16.48 -16.12 81.81
N VAL F 340 -16.90 -15.43 80.76
CA VAL F 340 -16.74 -13.98 80.64
C VAL F 340 -18.02 -13.29 81.06
N LYS F 341 -17.87 -12.12 81.70
CA LYS F 341 -19.00 -11.30 82.10
C LYS F 341 -19.40 -10.42 80.92
N MET F 342 -20.52 -10.76 80.28
CA MET F 342 -20.93 -10.04 79.08
C MET F 342 -21.21 -8.57 79.37
N GLU F 343 -21.69 -8.26 80.58
CA GLU F 343 -22.06 -6.89 80.90
C GLU F 343 -20.86 -5.96 80.94
N GLU F 344 -19.68 -6.47 81.33
CA GLU F 344 -18.48 -5.66 81.45
C GLU F 344 -17.36 -6.19 80.56
N LEU F 345 -17.72 -6.80 79.43
CA LEU F 345 -16.70 -7.33 78.52
C LEU F 345 -15.78 -6.22 78.02
N GLY F 346 -16.34 -5.04 77.77
CA GLY F 346 -15.55 -3.92 77.26
C GLY F 346 -14.43 -3.50 78.17
N HIS F 347 -14.46 -3.90 79.45
CA HIS F 347 -13.41 -3.56 80.39
C HIS F 347 -12.15 -4.41 80.19
N LEU F 348 -12.18 -5.39 79.29
CA LEU F 348 -11.01 -6.21 79.02
C LEU F 348 -10.09 -5.51 78.02
N THR F 349 -8.96 -6.15 77.75
CA THR F 349 -8.03 -5.63 76.76
C THR F 349 -8.65 -5.68 75.37
N THR F 350 -8.32 -4.66 74.55
CA THR F 350 -8.81 -4.64 73.17
C THR F 350 -8.47 -5.95 72.47
N GLU F 351 -7.30 -6.51 72.75
CA GLU F 351 -6.93 -7.80 72.19
C GLU F 351 -7.88 -8.89 72.67
N LYS F 352 -8.10 -8.97 73.99
CA LYS F 352 -8.97 -9.99 74.54
C LYS F 352 -10.43 -9.76 74.20
N GLN F 353 -10.82 -8.50 73.94
CA GLN F 353 -12.17 -8.22 73.48
C GLN F 353 -12.41 -8.88 72.12
N GLU F 354 -11.53 -8.61 71.16
CA GLU F 354 -11.66 -9.22 69.84
C GLU F 354 -11.55 -10.74 69.93
N TYR F 355 -10.65 -11.23 70.78
CA TYR F 355 -10.51 -12.68 70.95
C TYR F 355 -11.82 -13.30 71.45
N ALA F 356 -12.48 -12.64 72.40
CA ALA F 356 -13.73 -13.16 72.94
C ALA F 356 -14.85 -13.05 71.90
N LEU F 357 -14.97 -11.89 71.26
CA LEU F 357 -16.03 -11.69 70.26
C LEU F 357 -15.93 -12.69 69.12
N ARG F 358 -14.70 -13.07 68.74
CA ARG F 358 -14.54 -14.09 67.71
C ARG F 358 -15.10 -15.42 68.18
N LEU F 359 -14.65 -15.88 69.36
CA LEU F 359 -15.18 -17.12 69.92
C LEU F 359 -16.70 -17.06 70.05
N ALA F 360 -17.24 -15.87 70.32
CA ALA F 360 -18.69 -15.72 70.46
C ALA F 360 -19.40 -16.19 69.20
N THR F 361 -18.99 -15.65 68.05
CA THR F 361 -19.65 -16.02 66.79
C THR F 361 -19.32 -17.46 66.41
N VAL F 362 -18.06 -17.87 66.59
CA VAL F 362 -17.67 -19.24 66.25
C VAL F 362 -18.38 -20.23 67.17
N GLY F 363 -18.48 -19.91 68.47
CA GLY F 363 -19.19 -20.78 69.38
C GLY F 363 -20.67 -20.82 69.10
N TYR F 364 -21.26 -19.66 68.81
CA TYR F 364 -22.68 -19.52 68.48
C TYR F 364 -22.72 -19.02 67.04
N PRO F 365 -22.69 -19.94 66.06
CA PRO F 365 -22.57 -19.53 64.65
C PRO F 365 -23.85 -19.01 64.00
N LYS F 366 -25.00 -19.43 64.49
CA LYS F 366 -26.27 -19.06 63.87
C LYS F 366 -27.21 -18.47 64.91
N ALA F 367 -27.77 -17.31 64.61
CA ALA F 367 -28.63 -16.59 65.54
C ALA F 367 -29.77 -17.48 66.01
N GLY F 368 -30.32 -17.14 67.17
CA GLY F 368 -31.45 -17.85 67.74
C GLY F 368 -31.15 -18.81 68.87
N VAL F 369 -29.94 -18.77 69.45
CA VAL F 369 -29.62 -19.69 70.54
C VAL F 369 -29.29 -18.94 71.82
N TYR F 370 -28.27 -18.09 71.77
CA TYR F 370 -27.84 -17.31 72.93
C TYR F 370 -27.92 -15.83 72.60
N SER F 371 -29.03 -15.20 72.97
CA SER F 371 -29.23 -13.78 72.71
C SER F 371 -28.44 -12.87 73.65
N GLY F 372 -27.74 -13.43 74.64
CA GLY F 372 -26.92 -12.60 75.51
C GLY F 372 -25.66 -12.06 74.86
N LEU F 373 -25.32 -12.52 73.65
CA LEU F 373 -24.11 -12.06 72.99
C LEU F 373 -24.15 -10.56 72.71
N ILE F 374 -25.35 -9.99 72.58
CA ILE F 374 -25.45 -8.58 72.24
C ILE F 374 -24.90 -7.73 73.39
N GLY F 375 -25.14 -8.15 74.63
CA GLY F 375 -24.58 -7.45 75.77
C GLY F 375 -23.07 -7.34 75.68
N GLY F 376 -22.41 -8.38 75.18
CA GLY F 376 -20.98 -8.32 74.98
C GLY F 376 -20.60 -7.33 73.89
N ALA F 377 -21.32 -7.36 72.76
CA ALA F 377 -21.07 -6.40 71.70
C ALA F 377 -21.40 -4.98 72.15
N THR F 378 -22.49 -4.82 72.91
CA THR F 378 -22.86 -3.50 73.39
C THR F 378 -21.86 -2.98 74.41
N SER F 379 -21.34 -3.85 75.27
CA SER F 379 -20.36 -3.44 76.26
C SER F 379 -19.08 -2.93 75.58
N VAL F 380 -18.70 -3.55 74.47
CA VAL F 380 -17.51 -3.11 73.75
C VAL F 380 -17.77 -1.76 73.08
N LEU F 381 -18.92 -1.61 72.44
CA LEU F 381 -19.25 -0.35 71.79
C LEU F 381 -19.37 0.78 72.82
N LEU F 382 -19.91 0.47 73.99
CA LEU F 382 -20.06 1.50 75.03
C LEU F 382 -18.71 1.89 75.61
N SER F 383 -17.92 0.90 76.03
CA SER F 383 -16.58 1.18 76.53
C SER F 383 -15.76 1.96 75.50
N ALA F 384 -15.98 1.70 74.21
CA ALA F 384 -15.27 2.42 73.17
C ALA F 384 -15.82 3.81 72.94
N TYR F 385 -17.11 4.01 73.14
CA TYR F 385 -17.71 5.32 72.92
C TYR F 385 -17.30 6.32 74.00
N ASN F 386 -16.98 5.84 75.20
CA ASN F 386 -16.60 6.73 76.30
C ASN F 386 -15.18 7.26 76.13
N ARG F 387 -14.32 6.50 75.46
CA ARG F 387 -12.92 6.90 75.27
C ARG F 387 -12.66 7.53 73.91
N HIS F 388 -13.63 7.51 73.00
CA HIS F 388 -13.42 8.03 71.67
C HIS F 388 -13.74 9.52 71.64
N PRO F 389 -12.84 10.37 71.12
CA PRO F 389 -13.18 11.80 71.02
C PRO F 389 -14.40 12.01 70.14
N LEU F 390 -15.35 12.77 70.65
CA LEU F 390 -16.61 12.95 69.94
C LEU F 390 -16.38 13.56 68.57
N PHE F 391 -17.20 13.13 67.61
CA PHE F 391 -17.29 13.69 66.26
C PHE F 391 -16.08 13.36 65.40
N GLN F 392 -15.17 12.52 65.87
CA GLN F 392 -13.95 12.23 65.12
C GLN F 392 -14.11 10.94 64.31
N PRO F 393 -13.29 10.76 63.27
CA PRO F 393 -13.35 9.51 62.51
C PRO F 393 -12.72 8.37 63.30
N LEU F 394 -13.39 7.22 63.30
CA LEU F 394 -12.91 6.08 64.06
C LEU F 394 -11.51 5.69 63.60
N HIS F 395 -10.69 5.26 64.56
CA HIS F 395 -9.35 4.80 64.26
C HIS F 395 -9.40 3.39 63.66
N THR F 396 -8.32 3.02 62.96
CA THR F 396 -8.26 1.71 62.33
C THR F 396 -8.44 0.61 63.37
N VAL F 397 -7.88 0.80 64.57
CA VAL F 397 -7.93 -0.24 65.58
C VAL F 397 -9.34 -0.36 66.16
N MET F 398 -9.96 0.77 66.50
CA MET F 398 -11.31 0.74 67.04
C MET F 398 -12.30 0.22 66.01
N ARG F 399 -12.19 0.70 64.76
CA ARG F 399 -13.08 0.23 63.71
C ARG F 399 -12.99 -1.29 63.56
N GLU F 400 -11.77 -1.82 63.63
CA GLU F 400 -11.59 -3.27 63.54
C GLU F 400 -12.36 -3.99 64.64
N THR F 401 -12.20 -3.53 65.88
CA THR F 401 -12.88 -4.17 67.01
C THR F 401 -14.38 -4.13 66.84
N LEU F 402 -14.94 -2.95 66.55
CA LEU F 402 -16.39 -2.83 66.41
C LEU F 402 -16.91 -3.70 65.29
N PHE F 403 -16.17 -3.80 64.19
CA PHE F 403 -16.60 -4.67 63.09
C PHE F 403 -16.74 -6.10 63.56
N ILE F 404 -15.77 -6.60 64.32
CA ILE F 404 -15.84 -7.98 64.82
C ILE F 404 -17.08 -8.16 65.67
N GLY F 405 -17.30 -7.26 66.63
CA GLY F 405 -18.45 -7.36 67.50
C GLY F 405 -19.77 -7.05 66.81
N SER F 406 -19.73 -6.42 65.64
CA SER F 406 -20.95 -6.00 64.96
C SER F 406 -21.66 -7.15 64.26
N HIS F 407 -20.97 -8.26 63.99
CA HIS F 407 -21.61 -9.36 63.28
C HIS F 407 -22.75 -9.95 64.09
N VAL F 408 -22.57 -10.08 65.41
CA VAL F 408 -23.63 -10.63 66.25
C VAL F 408 -24.87 -9.75 66.17
N VAL F 409 -24.69 -8.43 66.28
CA VAL F 409 -25.82 -7.52 66.20
C VAL F 409 -26.52 -7.64 64.86
N LEU F 410 -25.74 -7.76 63.78
CA LEU F 410 -26.32 -7.80 62.45
C LEU F 410 -27.24 -9.01 62.27
N ARG F 411 -26.87 -10.16 62.85
CA ARG F 411 -27.67 -11.36 62.69
C ARG F 411 -29.02 -11.22 63.38
N GLU F 412 -29.04 -10.59 64.56
CA GLU F 412 -30.28 -10.45 65.31
C GLU F 412 -31.30 -9.61 64.54
N LEU F 413 -30.84 -8.57 63.86
CA LEU F 413 -31.75 -7.73 63.08
C LEU F 413 -32.40 -8.51 61.96
N ARG F 414 -31.72 -9.54 61.45
CA ARG F 414 -32.34 -10.41 60.45
C ARG F 414 -33.63 -11.02 60.98
N LEU F 415 -33.61 -11.47 62.23
CA LEU F 415 -34.77 -12.13 62.82
C LEU F 415 -35.89 -11.12 63.05
N ASN F 416 -37.12 -11.57 62.83
CA ASN F 416 -38.28 -10.70 63.07
C ASN F 416 -38.56 -10.55 64.56
N VAL F 417 -38.15 -11.52 65.38
CA VAL F 417 -38.37 -11.43 66.82
C VAL F 417 -37.42 -10.40 67.43
N THR F 418 -37.78 -9.91 68.61
CA THR F 418 -37.06 -8.82 69.25
C THR F 418 -35.62 -9.21 69.59
N THR F 419 -35.45 -10.39 70.20
CA THR F 419 -34.13 -10.84 70.65
C THR F 419 -33.55 -9.90 71.71
N GLN F 420 -34.26 -9.79 72.83
CA GLN F 420 -33.81 -9.00 73.97
C GLN F 420 -33.56 -7.54 73.56
N GLY F 421 -34.67 -6.88 73.22
CA GLY F 421 -34.67 -5.53 72.74
C GLY F 421 -33.73 -4.56 73.44
N PRO F 422 -33.83 -4.42 74.79
CA PRO F 422 -33.15 -3.30 75.46
C PRO F 422 -31.70 -3.07 75.04
N ASN F 423 -30.85 -4.07 75.21
CA ASN F 423 -29.45 -3.91 74.83
C ASN F 423 -29.29 -3.65 73.34
N LEU F 424 -30.16 -4.23 72.52
CA LEU F 424 -30.07 -4.02 71.09
C LEU F 424 -30.32 -2.56 70.73
N ALA F 425 -31.32 -1.93 71.36
CA ALA F 425 -31.60 -0.52 71.08
C ALA F 425 -30.47 0.37 71.57
N LEU F 426 -29.78 -0.03 72.65
CA LEU F 426 -28.64 0.75 73.12
C LEU F 426 -27.48 0.72 72.14
N TYR F 427 -27.20 -0.46 71.57
CA TYR F 427 -26.12 -0.58 70.60
C TYR F 427 -26.35 0.35 69.42
N GLN F 428 -27.56 0.34 68.85
CA GLN F 428 -27.86 1.19 67.71
C GLN F 428 -27.82 2.67 68.09
N LEU F 429 -28.20 3.01 69.31
CA LEU F 429 -28.17 4.41 69.73
C LEU F 429 -26.74 4.92 69.81
N LEU F 430 -25.84 4.14 70.41
CA LEU F 430 -24.44 4.52 70.43
C LEU F 430 -23.89 4.67 69.02
N SER F 431 -24.25 3.75 68.13
CA SER F 431 -23.84 3.88 66.73
C SER F 431 -24.39 5.17 66.12
N THR F 432 -25.64 5.51 66.44
CA THR F 432 -26.21 6.75 65.93
C THR F 432 -25.46 7.97 66.46
N ALA F 433 -24.96 7.89 67.69
CA ALA F 433 -24.18 8.99 68.25
C ALA F 433 -22.83 9.12 67.56
N LEU F 434 -22.30 8.02 67.01
CA LEU F 434 -20.99 8.04 66.38
C LEU F 434 -21.04 8.50 64.93
N CYS F 435 -22.20 8.45 64.28
CA CYS F 435 -22.30 8.81 62.87
C CYS F 435 -22.40 10.32 62.76
N SER F 436 -21.24 10.97 62.67
CA SER F 436 -21.16 12.41 62.47
C SER F 436 -20.80 12.71 61.02
N ALA F 437 -20.67 14.00 60.71
CA ALA F 437 -20.34 14.39 59.35
C ALA F 437 -18.94 13.93 58.95
N LEU F 438 -18.04 13.76 59.92
CA LEU F 438 -16.68 13.33 59.61
C LEU F 438 -16.60 11.82 59.42
N GLU F 439 -17.34 11.06 60.23
CA GLU F 439 -17.38 9.62 60.04
C GLU F 439 -17.83 9.28 58.62
N ILE F 440 -18.97 9.85 58.19
CA ILE F 440 -19.46 9.62 56.83
C ILE F 440 -18.38 10.00 55.83
N GLY F 441 -17.70 11.12 56.05
CA GLY F 441 -16.63 11.52 55.16
C GLY F 441 -15.50 10.51 55.09
N GLU F 442 -15.24 9.81 56.19
CA GLU F 442 -14.18 8.80 56.21
C GLU F 442 -14.64 7.51 55.56
N VAL F 443 -15.91 7.14 55.75
CA VAL F 443 -16.43 5.93 55.12
C VAL F 443 -16.41 6.07 53.61
N LEU F 444 -16.93 7.20 53.10
CA LEU F 444 -16.95 7.41 51.66
C LEU F 444 -15.54 7.39 51.08
N ARG F 445 -14.58 7.99 51.79
CA ARG F 445 -13.19 7.94 51.33
C ARG F 445 -12.69 6.51 51.28
N GLY F 446 -13.19 5.64 52.16
CA GLY F 446 -12.80 4.24 52.12
C GLY F 446 -13.53 3.44 51.06
N LEU F 447 -14.75 3.85 50.70
CA LEU F 447 -15.48 3.19 49.63
C LEU F 447 -14.93 3.56 48.27
N ALA F 448 -14.56 4.83 48.07
CA ALA F 448 -14.01 5.26 46.79
C ALA F 448 -12.65 4.63 46.52
N LEU F 449 -11.94 4.18 47.55
CA LEU F 449 -10.66 3.54 47.39
C LEU F 449 -10.69 2.05 47.72
N GLY F 450 -11.87 1.50 48.03
CA GLY F 450 -11.98 0.09 48.34
C GLY F 450 -11.19 -0.35 49.56
N THR F 451 -10.77 0.58 50.40
CA THR F 451 -9.95 0.26 51.56
C THR F 451 -10.84 -0.27 52.69
N GLU F 452 -10.26 -0.43 53.88
CA GLU F 452 -10.94 -1.04 55.00
C GLU F 452 -11.93 -0.11 55.70
N SER F 453 -11.78 1.20 55.52
CA SER F 453 -12.68 2.14 56.20
C SER F 453 -14.12 2.02 55.73
N GLY F 454 -14.36 1.40 54.58
CA GLY F 454 -15.71 1.26 54.06
C GLY F 454 -16.36 -0.05 54.41
N LEU F 455 -15.56 -1.05 54.79
CA LEU F 455 -16.11 -2.36 55.14
C LEU F 455 -17.18 -2.24 56.22
N PHE F 456 -16.90 -1.44 57.25
CA PHE F 456 -17.83 -1.30 58.35
C PHE F 456 -17.76 0.12 58.91
N SER F 457 -18.91 0.63 59.34
CA SER F 457 -19.00 1.90 60.03
C SER F 457 -20.19 1.78 60.96
N PRO F 458 -20.10 2.28 62.20
CA PRO F 458 -21.26 2.20 63.10
C PRO F 458 -22.50 2.82 62.49
N CYS F 459 -22.36 3.74 61.54
CA CYS F 459 -23.53 4.35 60.92
C CYS F 459 -24.39 3.32 60.22
N TYR F 460 -23.79 2.23 59.75
CA TYR F 460 -24.54 1.20 59.05
C TYR F 460 -25.66 0.64 59.92
N LEU F 461 -25.37 0.43 61.21
CA LEU F 461 -26.36 -0.09 62.16
C LEU F 461 -26.98 1.01 63.01
N SER F 462 -26.94 2.26 62.55
CA SER F 462 -27.46 3.37 63.33
C SER F 462 -28.96 3.54 63.08
N LEU F 463 -29.59 4.32 63.96
CA LEU F 463 -31.01 4.64 63.87
C LEU F 463 -31.24 6.01 63.22
N ARG F 464 -30.40 6.37 62.24
CA ARG F 464 -30.50 7.65 61.55
C ARG F 464 -30.98 7.38 60.14
N PHE F 465 -32.17 7.90 59.81
CA PHE F 465 -32.82 7.61 58.53
C PHE F 465 -32.98 8.86 57.67
N ASP F 466 -32.22 9.92 57.95
CA ASP F 466 -32.31 11.17 57.21
C ASP F 466 -31.27 11.31 56.12
N LEU F 467 -30.45 10.28 55.88
CA LEU F 467 -29.36 10.38 54.92
C LEU F 467 -29.87 10.07 53.52
N THR F 468 -30.11 11.12 52.74
CA THR F 468 -30.50 11.00 51.35
C THR F 468 -29.28 11.18 50.46
N ARG F 469 -29.47 10.95 49.16
CA ARG F 469 -28.35 11.05 48.22
C ARG F 469 -27.75 12.45 48.24
N ASP F 470 -28.56 13.47 47.98
CA ASP F 470 -28.05 14.84 47.99
C ASP F 470 -27.50 15.24 49.34
N LYS F 471 -27.93 14.57 50.42
CA LYS F 471 -27.41 14.88 51.74
C LYS F 471 -26.02 14.28 51.96
N LEU F 472 -25.78 13.08 51.40
CA LEU F 472 -24.45 12.50 51.48
C LEU F 472 -23.48 13.20 50.54
N LEU F 473 -23.96 13.60 49.35
CA LEU F 473 -23.12 14.33 48.41
C LEU F 473 -22.51 15.56 49.05
N SER F 474 -23.21 16.16 50.01
CA SER F 474 -22.70 17.36 50.68
C SER F 474 -21.53 17.04 51.60
N MET F 475 -21.50 15.86 52.20
CA MET F 475 -20.45 15.48 53.14
C MET F 475 -19.34 14.67 52.48
N ALA F 476 -19.42 14.41 51.18
CA ALA F 476 -18.43 13.57 50.52
C ALA F 476 -17.12 14.35 50.35
N PRO F 477 -15.99 13.64 50.24
CA PRO F 477 -14.73 14.33 49.97
C PRO F 477 -14.78 15.03 48.61
N GLN F 478 -14.41 16.32 48.62
CA GLN F 478 -14.46 17.15 47.43
C GLN F 478 -13.10 17.26 46.74
N GLU F 479 -12.16 16.38 47.08
CA GLU F 479 -10.83 16.42 46.46
C GLU F 479 -10.94 16.09 44.98
N ALA F 480 -10.28 16.90 44.14
CA ALA F 480 -10.31 16.68 42.70
C ALA F 480 -9.47 15.49 42.28
N THR F 481 -8.49 15.08 43.09
CA THR F 481 -7.65 13.94 42.72
C THR F 481 -8.44 12.62 42.74
N LEU F 482 -9.41 12.50 43.64
CA LEU F 482 -10.21 11.28 43.71
C LEU F 482 -11.16 11.21 42.53
N ASP F 483 -11.38 9.99 42.03
CA ASP F 483 -12.25 9.80 40.88
C ASP F 483 -13.66 10.28 41.21
N GLN F 484 -14.16 11.22 40.40
CA GLN F 484 -15.49 11.76 40.62
C GLN F 484 -16.53 10.65 40.69
N ALA F 485 -16.33 9.59 39.89
CA ALA F 485 -17.29 8.50 39.85
C ALA F 485 -17.19 7.63 41.10
N ALA F 486 -15.96 7.33 41.53
CA ALA F 486 -15.78 6.54 42.74
C ALA F 486 -16.50 7.17 43.92
N VAL F 487 -16.50 8.49 44.00
CA VAL F 487 -17.26 9.19 45.04
C VAL F 487 -18.75 9.06 44.77
N SER F 488 -19.17 9.31 43.54
CA SER F 488 -20.58 9.15 43.19
C SER F 488 -21.04 7.71 43.39
N ASN F 489 -20.15 6.74 43.17
CA ASN F 489 -20.49 5.35 43.43
C ASN F 489 -20.51 5.06 44.93
N ALA F 490 -19.60 5.68 45.67
CA ALA F 490 -19.60 5.52 47.13
C ALA F 490 -20.94 5.95 47.72
N VAL F 491 -21.44 7.12 47.30
CA VAL F 491 -22.75 7.57 47.77
C VAL F 491 -23.82 6.55 47.40
N ASP F 492 -23.86 6.13 46.13
CA ASP F 492 -24.79 5.10 45.72
C ASP F 492 -24.63 3.86 46.57
N GLY F 493 -23.38 3.50 46.88
CA GLY F 493 -23.15 2.37 47.75
C GLY F 493 -23.49 2.67 49.20
N PHE F 494 -22.91 3.73 49.74
CA PHE F 494 -23.26 4.16 51.10
C PHE F 494 -24.77 4.25 51.27
N LEU F 495 -25.41 5.08 50.44
CA LEU F 495 -26.87 5.16 50.48
C LEU F 495 -27.48 3.77 50.25
N GLY F 496 -26.93 3.01 49.31
CA GLY F 496 -27.37 1.64 49.13
C GLY F 496 -27.13 0.79 50.36
N ARG F 497 -26.08 1.11 51.11
CA ARG F 497 -25.83 0.42 52.37
C ARG F 497 -26.91 0.82 53.37
N LEU F 498 -27.25 2.10 53.41
CA LEU F 498 -28.37 2.60 54.19
C LEU F 498 -29.61 2.60 53.31
N SER F 499 -29.82 1.47 52.65
CA SER F 499 -31.01 1.25 51.86
C SER F 499 -32.22 1.79 52.60
N LEU F 500 -33.17 2.32 51.84
CA LEU F 500 -34.41 2.76 52.46
C LEU F 500 -34.87 1.55 53.25
N GLU F 501 -35.90 1.68 54.08
CA GLU F 501 -36.15 0.67 55.10
C GLU F 501 -36.28 -0.75 54.54
N ARG F 502 -36.02 -0.94 53.23
CA ARG F 502 -36.15 -2.20 52.51
C ARG F 502 -34.98 -3.19 52.72
N GLU F 503 -34.13 -3.03 53.73
CA GLU F 503 -33.14 -4.06 54.06
C GLU F 503 -33.47 -4.64 55.43
N ASP F 504 -33.35 -5.97 55.53
CA ASP F 504 -33.71 -6.69 56.74
C ASP F 504 -32.93 -6.25 57.98
N ARG F 505 -31.91 -5.41 57.85
CA ARG F 505 -31.14 -4.98 59.01
C ARG F 505 -31.38 -3.52 59.37
N ASP F 506 -32.34 -2.87 58.69
CA ASP F 506 -32.82 -1.53 59.04
C ASP F 506 -34.34 -1.69 59.04
N ALA F 507 -34.91 -2.14 60.16
CA ALA F 507 -36.29 -2.60 60.14
C ALA F 507 -36.93 -2.31 61.50
N TRP F 508 -38.10 -2.91 61.72
CA TRP F 508 -39.00 -2.57 62.82
C TRP F 508 -38.82 -3.57 63.96
N HIS F 509 -37.80 -3.33 64.79
CA HIS F 509 -37.52 -4.18 65.94
C HIS F 509 -37.81 -3.55 67.30
N LEU F 510 -37.90 -2.21 67.39
CA LEU F 510 -38.17 -1.58 68.67
C LEU F 510 -39.67 -1.62 69.00
N PRO F 511 -40.03 -1.56 70.30
CA PRO F 511 -41.46 -1.63 70.67
C PRO F 511 -42.18 -0.28 70.66
N ALA F 512 -41.44 0.82 70.65
CA ALA F 512 -42.03 2.14 70.45
C ALA F 512 -42.10 2.48 68.97
N TYR F 513 -41.88 1.49 68.13
CA TYR F 513 -41.69 1.64 66.69
C TYR F 513 -42.97 1.43 65.91
N LYS F 514 -43.83 0.51 66.37
CA LYS F 514 -45.13 0.29 65.74
C LYS F 514 -46.08 1.47 65.91
N CYS F 515 -45.71 2.48 66.70
CA CYS F 515 -46.57 3.64 66.95
C CYS F 515 -46.50 4.69 65.84
N VAL F 516 -45.92 4.37 64.69
CA VAL F 516 -45.75 5.33 63.61
C VAL F 516 -46.75 5.03 62.49
N ASP F 517 -47.17 6.09 61.81
CA ASP F 517 -48.16 5.98 60.75
C ASP F 517 -47.51 5.75 59.38
N ARG F 518 -46.62 6.65 58.97
CA ARG F 518 -45.95 6.57 57.67
C ARG F 518 -44.50 6.15 57.88
N LEU F 519 -44.08 5.13 57.15
CA LEU F 519 -42.76 4.53 57.33
C LEU F 519 -41.66 5.39 56.75
N ASP F 520 -41.90 5.98 55.57
CA ASP F 520 -40.86 6.70 54.84
C ASP F 520 -40.53 8.08 55.42
N LYS F 521 -41.32 8.60 56.34
CA LYS F 521 -41.11 9.94 56.87
C LYS F 521 -40.30 9.98 58.16
N VAL F 522 -39.91 8.83 58.70
CA VAL F 522 -39.13 8.81 59.93
C VAL F 522 -37.72 9.32 59.64
N LEU F 523 -37.21 10.16 60.54
CA LEU F 523 -35.88 10.75 60.40
C LEU F 523 -34.85 10.14 61.33
N MET F 524 -35.18 9.97 62.61
CA MET F 524 -34.22 9.48 63.59
C MET F 524 -34.98 9.02 64.84
N ILE F 525 -34.40 8.04 65.53
CA ILE F 525 -34.97 7.50 66.75
C ILE F 525 -33.88 7.42 67.80
N ILE F 526 -34.19 7.87 69.01
CA ILE F 526 -33.28 7.81 70.14
C ILE F 526 -33.93 7.00 71.25
N PRO F 527 -33.66 5.69 71.35
CA PRO F 527 -34.23 4.90 72.44
C PRO F 527 -33.47 5.12 73.75
N LEU F 528 -34.08 5.87 74.65
CA LEU F 528 -33.51 6.14 75.96
C LEU F 528 -34.07 5.16 76.98
N ILE F 529 -33.79 5.41 78.25
CA ILE F 529 -34.27 4.56 79.34
C ILE F 529 -35.68 5.02 79.70
N ASN F 530 -36.63 4.09 79.67
CA ASN F 530 -38.04 4.34 79.96
C ASN F 530 -38.71 5.23 78.92
N VAL F 531 -38.03 5.55 77.82
CA VAL F 531 -38.62 6.40 76.80
C VAL F 531 -37.80 6.33 75.52
N THR F 532 -38.47 6.45 74.38
CA THR F 532 -37.83 6.52 73.07
C THR F 532 -38.49 7.63 72.28
N PHE F 533 -37.68 8.48 71.65
CA PHE F 533 -38.19 9.60 70.87
C PHE F 533 -38.25 9.24 69.39
N ILE F 534 -39.33 9.62 68.74
CA ILE F 534 -39.55 9.38 67.32
C ILE F 534 -39.45 10.72 66.62
N ILE F 535 -38.28 11.04 66.08
CA ILE F 535 -38.09 12.26 65.30
C ILE F 535 -38.48 11.97 63.85
N SER F 536 -39.44 12.72 63.33
CA SER F 536 -39.95 12.49 61.99
C SER F 536 -40.63 13.75 61.50
N SER F 537 -40.95 13.75 60.20
CA SER F 537 -41.79 14.79 59.60
C SER F 537 -43.25 14.37 59.55
N ASP F 538 -43.63 13.35 60.30
CA ASP F 538 -45.00 12.83 60.30
C ASP F 538 -45.75 13.41 61.49
N ARG F 539 -46.84 14.12 61.21
CA ARG F 539 -47.65 14.69 62.28
C ARG F 539 -48.43 13.61 63.03
N GLU F 540 -48.93 12.62 62.30
CA GLU F 540 -49.80 11.59 62.89
C GLU F 540 -48.91 10.46 63.44
N VAL F 541 -48.33 10.72 64.61
CA VAL F 541 -47.54 9.74 65.34
C VAL F 541 -48.25 9.50 66.67
N ARG F 542 -48.57 8.23 66.95
CA ARG F 542 -49.33 7.86 68.13
C ARG F 542 -48.39 7.78 69.34
N GLY F 543 -47.99 8.97 69.81
CA GLY F 543 -47.13 9.09 70.97
C GLY F 543 -47.85 9.75 72.15
N SER F 544 -47.05 10.07 73.16
CA SER F 544 -47.57 10.70 74.37
C SER F 544 -47.67 12.22 74.24
N ALA F 545 -46.76 12.83 73.48
CA ALA F 545 -46.79 14.27 73.26
C ALA F 545 -46.33 14.53 71.82
N LEU F 546 -46.19 15.80 71.47
CA LEU F 546 -45.73 16.17 70.14
C LEU F 546 -45.08 17.55 70.22
N TYR F 547 -43.76 17.59 70.16
CA TYR F 547 -43.02 18.84 70.09
C TYR F 547 -42.72 19.17 68.64
N GLU F 548 -42.74 20.45 68.30
CA GLU F 548 -42.35 20.91 66.98
C GLU F 548 -41.35 22.03 67.13
N ALA F 549 -40.10 21.74 66.80
CA ALA F 549 -39.11 22.79 66.69
C ALA F 549 -39.44 23.65 65.47
N SER F 550 -38.88 24.86 65.45
CA SER F 550 -39.13 25.70 64.28
C SER F 550 -38.63 24.84 63.12
N THR F 551 -39.56 24.37 62.30
CA THR F 551 -39.32 23.21 61.47
C THR F 551 -38.11 23.38 60.57
N THR F 552 -38.20 24.27 59.59
CA THR F 552 -37.19 24.30 58.54
C THR F 552 -37.36 25.58 57.74
N TYR F 553 -36.64 25.66 56.64
CA TYR F 553 -36.95 26.60 55.56
C TYR F 553 -37.41 25.79 54.34
N LEU F 554 -38.72 25.63 54.19
CA LEU F 554 -39.40 24.97 53.07
C LEU F 554 -39.44 23.43 53.15
N SER F 555 -38.74 22.80 54.09
CA SER F 555 -38.70 21.34 54.15
C SER F 555 -39.96 20.80 54.84
N SER F 556 -40.05 19.47 54.91
CA SER F 556 -41.30 18.78 55.25
C SER F 556 -41.84 19.12 56.63
N SER F 557 -41.14 18.69 57.69
CA SER F 557 -41.59 18.87 59.06
C SER F 557 -40.54 18.26 59.99
N LEU F 558 -40.58 18.69 61.26
CA LEU F 558 -39.71 18.11 62.30
C LEU F 558 -40.54 18.00 63.57
N PHE F 559 -40.96 16.77 63.90
CA PHE F 559 -41.70 16.48 65.12
C PHE F 559 -40.87 15.59 66.03
N LEU F 560 -41.07 15.74 67.33
CA LEU F 560 -40.46 14.88 68.34
C LEU F 560 -41.58 14.31 69.20
N SER F 561 -41.89 13.03 68.98
CA SER F 561 -43.01 12.37 69.66
C SER F 561 -42.47 11.36 70.68
N PRO F 562 -42.34 11.73 71.96
CA PRO F 562 -41.85 10.76 72.94
C PRO F 562 -42.86 9.65 73.17
N VAL F 563 -42.36 8.42 73.16
CA VAL F 563 -43.16 7.23 73.44
C VAL F 563 -42.74 6.73 74.81
N ILE F 564 -43.62 6.91 75.80
CA ILE F 564 -43.30 6.55 77.17
C ILE F 564 -43.44 5.03 77.33
N MET F 565 -42.40 4.40 77.85
CA MET F 565 -42.40 2.98 78.16
C MET F 565 -42.67 2.11 76.93
N ASN F 566 -42.45 2.67 75.73
CA ASN F 566 -42.60 1.90 74.49
C ASN F 566 -44.01 1.33 74.35
N LYS F 567 -45.01 2.13 74.73
CA LYS F 567 -46.42 1.77 74.57
C LYS F 567 -47.12 2.88 73.82
N CYS F 568 -47.71 2.54 72.68
CA CYS F 568 -48.36 3.54 71.84
C CYS F 568 -49.56 4.15 72.55
N SER F 569 -50.15 5.15 71.90
CA SER F 569 -51.38 5.78 72.34
C SER F 569 -52.51 5.40 71.39
N GLN F 570 -53.75 5.60 71.86
CA GLN F 570 -54.91 5.26 71.04
C GLN F 570 -54.90 6.05 69.74
N GLY F 571 -54.48 7.32 69.79
CA GLY F 571 -54.39 8.14 68.60
C GLY F 571 -53.36 9.23 68.78
N ALA F 572 -53.07 9.92 67.68
CA ALA F 572 -52.12 11.02 67.72
C ALA F 572 -52.70 12.18 68.50
N VAL F 573 -51.84 12.84 69.28
CA VAL F 573 -52.25 13.99 70.09
C VAL F 573 -52.91 15.02 69.18
N ALA F 574 -53.91 15.72 69.71
CA ALA F 574 -54.64 16.74 68.97
C ALA F 574 -54.20 18.13 69.40
N GLY F 575 -54.52 19.11 68.56
CA GLY F 575 -54.18 20.49 68.84
C GLY F 575 -52.81 20.88 68.32
N GLU F 576 -52.53 22.17 68.41
CA GLU F 576 -51.25 22.70 67.95
C GLU F 576 -50.11 22.05 68.75
N PRO F 577 -49.04 21.61 68.10
CA PRO F 577 -47.96 20.96 68.85
C PRO F 577 -47.33 21.90 69.87
N ARG F 578 -46.71 21.29 70.88
CA ARG F 578 -46.10 22.04 71.95
C ARG F 578 -44.87 22.81 71.44
N GLN F 579 -44.46 23.80 72.22
CA GLN F 579 -43.26 24.59 71.94
C GLN F 579 -42.13 24.10 72.83
N ILE F 580 -40.93 24.05 72.26
CA ILE F 580 -39.75 23.59 73.01
C ILE F 580 -39.29 24.72 73.93
N PRO F 581 -39.38 24.57 75.26
CA PRO F 581 -38.88 25.62 76.14
C PRO F 581 -37.37 25.79 76.00
N LYS F 582 -36.94 27.05 75.96
CA LYS F 582 -35.52 27.36 75.87
C LYS F 582 -34.90 27.44 77.26
N ILE F 583 -33.58 27.37 77.30
CA ILE F 583 -32.83 27.37 78.56
C ILE F 583 -31.64 28.30 78.41
N GLN F 584 -31.53 29.30 79.28
CA GLN F 584 -30.34 30.13 79.39
C GLN F 584 -29.66 30.03 80.74
N ASN F 585 -30.41 29.80 81.82
CA ASN F 585 -29.84 29.67 83.16
C ASN F 585 -29.20 28.29 83.30
N PHE F 586 -28.03 28.15 82.66
CA PHE F 586 -27.30 26.89 82.68
C PHE F 586 -25.84 27.20 82.40
N THR F 587 -24.96 26.82 83.31
CA THR F 587 -23.54 27.16 83.23
C THR F 587 -22.78 26.10 82.43
N ARG F 588 -21.65 26.52 81.85
CA ARG F 588 -20.83 25.63 81.06
C ARG F 588 -20.04 24.65 81.92
N THR F 589 -19.79 24.98 83.19
CA THR F 589 -19.01 24.12 84.08
C THR F 589 -19.94 23.24 84.90
N GLN F 590 -19.71 21.94 84.84
CA GLN F 590 -20.48 20.96 85.60
C GLN F 590 -19.55 19.90 86.14
N LYS F 591 -19.72 19.56 87.43
CA LYS F 591 -18.84 18.64 88.12
C LYS F 591 -19.48 17.27 88.37
N SER F 592 -20.65 17.02 87.80
CA SER F 592 -21.33 15.74 87.94
C SER F 592 -22.06 15.46 86.64
N CYS F 593 -22.70 14.29 86.56
CA CYS F 593 -23.11 13.83 85.24
C CYS F 593 -24.24 14.62 84.62
N ILE F 594 -24.77 15.64 85.31
CA ILE F 594 -26.10 16.17 85.02
C ILE F 594 -26.35 15.99 83.54
N PHE F 595 -27.48 15.33 83.22
CA PHE F 595 -27.89 14.95 81.86
C PHE F 595 -27.38 13.57 81.42
N CYS F 596 -26.88 12.74 82.34
CA CYS F 596 -26.70 11.33 82.03
C CYS F 596 -28.02 10.71 81.56
N GLY F 597 -27.94 9.85 80.54
CA GLY F 597 -29.12 9.18 80.03
C GLY F 597 -29.89 9.97 79.01
N PHE F 598 -29.57 11.24 78.82
CA PHE F 598 -30.26 12.10 77.86
C PHE F 598 -29.53 12.08 76.53
N ALA F 599 -30.17 12.65 75.52
CA ALA F 599 -29.60 12.79 74.19
C ALA F 599 -29.58 14.25 73.79
N LEU F 600 -28.50 14.66 73.13
CA LEU F 600 -28.30 16.05 72.73
C LEU F 600 -28.21 16.10 71.20
N LEU F 601 -29.27 16.61 70.57
CA LEU F 601 -29.35 16.69 69.12
C LEU F 601 -29.00 18.10 68.65
N SER F 602 -28.30 18.18 67.51
CA SER F 602 -27.96 19.45 66.89
C SER F 602 -28.41 19.39 65.43
N TYR F 603 -29.43 20.18 65.11
CA TYR F 603 -29.99 20.22 63.76
C TYR F 603 -29.87 21.64 63.20
N ASP F 604 -29.85 21.72 61.87
CA ASP F 604 -29.90 22.98 61.15
C ASP F 604 -31.29 23.16 60.56
N GLU F 605 -31.79 24.40 60.60
CA GLU F 605 -33.14 24.66 60.10
C GLU F 605 -33.31 24.18 58.66
N LYS F 606 -32.32 24.44 57.80
CA LYS F 606 -32.43 24.06 56.40
C LYS F 606 -31.90 22.66 56.13
N GLU F 607 -30.72 22.34 56.68
CA GLU F 607 -30.06 21.09 56.34
C GLU F 607 -30.62 19.89 57.10
N GLY F 608 -31.33 20.12 58.20
CA GLY F 608 -31.87 19.02 58.98
C GLY F 608 -30.93 18.58 60.08
N LEU F 609 -31.05 17.32 60.50
CA LEU F 609 -30.24 16.81 61.58
C LEU F 609 -28.78 16.76 61.17
N GLU F 610 -27.90 17.19 62.07
CA GLU F 610 -26.47 17.26 61.78
C GLU F 610 -25.64 16.37 62.69
N THR F 611 -25.84 16.43 64.00
CA THR F 611 -25.05 15.65 64.94
C THR F 611 -25.96 15.11 66.04
N THR F 612 -25.56 13.96 66.59
CA THR F 612 -26.29 13.33 67.69
C THR F 612 -25.28 12.84 68.71
N THR F 613 -25.58 13.07 69.99
CA THR F 613 -24.72 12.64 71.08
C THR F 613 -25.58 12.04 72.18
N TYR F 614 -25.13 10.91 72.72
CA TYR F 614 -25.79 10.23 73.82
C TYR F 614 -24.91 10.37 75.06
N ILE F 615 -25.38 11.16 76.02
CA ILE F 615 -24.60 11.43 77.23
C ILE F 615 -24.63 10.17 78.09
N THR F 616 -23.56 9.37 78.01
CA THR F 616 -23.52 8.07 78.68
C THR F 616 -22.67 8.07 79.95
N SER F 617 -21.78 9.05 80.12
CA SER F 617 -20.90 9.09 81.28
C SER F 617 -20.42 10.52 81.47
N GLN F 618 -19.62 10.73 82.51
CA GLN F 618 -19.09 12.06 82.81
C GLN F 618 -18.15 12.54 81.71
N GLU F 619 -17.39 11.61 81.11
CA GLU F 619 -16.40 12.01 80.11
C GLU F 619 -17.08 12.55 78.86
N VAL F 620 -18.20 11.96 78.46
CA VAL F 620 -18.90 12.42 77.26
C VAL F 620 -19.41 13.84 77.48
N GLN F 621 -20.05 14.08 78.62
CA GLN F 621 -20.59 15.42 78.92
C GLN F 621 -19.48 16.46 78.90
N ASN F 622 -18.38 16.20 79.61
CA ASN F 622 -17.30 17.17 79.71
C ASN F 622 -16.77 17.54 78.33
N SER F 623 -16.79 16.60 77.38
CA SER F 623 -16.36 16.91 76.02
C SER F 623 -17.34 17.86 75.34
N ILE F 624 -18.64 17.72 75.63
CA ILE F 624 -19.64 18.61 75.05
C ILE F 624 -19.44 20.03 75.55
N LEU F 625 -19.44 20.21 76.87
CA LEU F 625 -19.40 21.55 77.45
C LEU F 625 -18.07 22.23 77.15
N SER F 626 -16.96 21.60 77.57
CA SER F 626 -15.65 22.24 77.44
C SER F 626 -15.33 22.57 75.98
N SER F 627 -15.65 21.67 75.06
CA SER F 627 -15.32 21.87 73.66
C SER F 627 -16.17 22.99 73.08
N ASN F 628 -15.94 23.27 71.79
CA ASN F 628 -16.66 24.32 71.07
C ASN F 628 -17.94 23.78 70.42
N TYR F 629 -18.51 22.72 70.96
CA TYR F 629 -19.73 22.14 70.38
C TYR F 629 -20.86 23.15 70.33
N PHE F 630 -21.08 23.86 71.44
CA PHE F 630 -22.13 24.87 71.51
C PHE F 630 -21.67 26.12 70.78
N ASP F 631 -22.15 26.31 69.55
CA ASP F 631 -21.84 27.49 68.73
C ASP F 631 -23.17 28.13 68.34
N PHE F 632 -23.56 29.18 69.07
CA PHE F 632 -24.81 29.88 68.81
C PHE F 632 -24.67 30.97 67.76
N ASP F 633 -23.47 31.18 67.21
CA ASP F 633 -23.30 32.20 66.18
C ASP F 633 -24.24 31.98 65.01
N ASN F 634 -24.45 30.72 64.63
CA ASN F 634 -25.35 30.38 63.53
C ASN F 634 -26.78 30.33 64.06
N LEU F 635 -27.63 31.23 63.58
CA LEU F 635 -29.01 31.28 64.04
C LEU F 635 -29.81 30.07 63.57
N HIS F 636 -29.49 29.54 62.40
CA HIS F 636 -30.24 28.41 61.84
C HIS F 636 -29.87 27.08 62.47
N VAL F 637 -29.03 27.06 63.49
CA VAL F 637 -28.66 25.84 64.21
C VAL F 637 -29.21 25.92 65.63
N HIS F 638 -29.74 24.81 66.11
CA HIS F 638 -30.29 24.73 67.46
C HIS F 638 -29.80 23.45 68.10
N TYR F 639 -29.97 23.36 69.42
CA TYR F 639 -29.50 22.22 70.21
C TYR F 639 -30.66 21.73 71.08
N LEU F 640 -31.22 20.58 70.72
CA LEU F 640 -32.33 20.00 71.46
C LEU F 640 -31.82 18.97 72.46
N LEU F 641 -32.39 19.00 73.66
CA LEU F 641 -32.02 18.10 74.74
C LEU F 641 -33.20 17.19 75.04
N LEU F 642 -33.00 15.88 74.86
CA LEU F 642 -34.04 14.90 75.05
C LEU F 642 -33.85 14.22 76.41
N THR F 643 -34.84 14.37 77.29
CA THR F 643 -34.75 13.85 78.65
C THR F 643 -35.43 12.49 78.74
N THR F 644 -34.98 11.68 79.71
CA THR F 644 -35.62 10.40 79.98
C THR F 644 -37.05 10.57 80.48
N ASN F 645 -37.38 11.73 81.05
CA ASN F 645 -38.73 12.00 81.51
C ASN F 645 -39.71 12.13 80.36
N GLY F 646 -39.23 12.27 79.13
CA GLY F 646 -40.07 12.47 77.97
C GLY F 646 -40.16 13.90 77.48
N THR F 647 -39.38 14.81 78.05
CA THR F 647 -39.43 16.22 77.71
C THR F 647 -38.34 16.57 76.71
N VAL F 648 -38.59 17.60 75.91
CA VAL F 648 -37.62 18.13 74.95
C VAL F 648 -37.33 19.57 75.34
N MET F 649 -36.05 19.95 75.31
CA MET F 649 -35.62 21.26 75.73
C MET F 649 -34.54 21.77 74.76
N GLU F 650 -34.54 23.08 74.54
CA GLU F 650 -33.58 23.73 73.65
C GLU F 650 -32.58 24.51 74.49
N ILE F 651 -31.29 24.31 74.22
CA ILE F 651 -30.23 25.08 74.85
C ILE F 651 -29.98 26.30 73.96
N ALA F 652 -30.29 27.48 74.49
CA ALA F 652 -30.15 28.72 73.74
C ALA F 652 -28.97 29.57 74.16
N GLY F 653 -28.35 29.27 75.30
CA GLY F 653 -27.21 30.05 75.76
C GLY F 653 -26.78 29.58 77.13
N LEU F 654 -25.55 29.97 77.48
CA LEU F 654 -24.93 29.56 78.73
C LEU F 654 -24.46 30.81 79.48
N TYR F 655 -24.14 30.62 80.76
CA TYR F 655 -23.59 31.68 81.59
C TYR F 655 -22.25 32.16 81.05
N ALA G 2 17.40 -52.97 20.04
CA ALA G 2 16.14 -53.30 19.41
C ALA G 2 15.21 -54.01 20.38
N TYR G 3 13.98 -54.29 19.94
CA TYR G 3 13.02 -55.02 20.75
C TYR G 3 11.77 -55.30 19.92
N PRO G 4 11.06 -56.42 20.14
CA PRO G 4 9.76 -56.61 19.49
C PRO G 4 8.74 -55.58 19.97
N CYS G 5 8.96 -54.33 19.58
CA CYS G 5 8.03 -53.24 19.89
C CYS G 5 6.73 -53.41 19.13
N CYS G 6 5.69 -53.80 19.86
CA CYS G 6 4.42 -54.23 19.32
C CYS G 6 3.70 -53.07 18.66
N HIS G 7 2.48 -53.37 18.20
CA HIS G 7 1.53 -52.36 17.77
C HIS G 7 0.28 -52.53 18.64
N VAL G 8 -0.13 -51.45 19.30
CA VAL G 8 -1.25 -51.53 20.24
C VAL G 8 -2.55 -51.53 19.46
N THR G 9 -3.42 -52.50 19.76
CA THR G 9 -4.69 -52.63 19.06
C THR G 9 -5.72 -53.27 19.98
N GLN G 10 -6.94 -52.74 19.93
CA GLN G 10 -8.06 -53.28 20.70
C GLN G 10 -9.31 -52.44 20.46
N LEU G 17 -9.73 -60.61 29.61
CA LEU G 17 -8.61 -59.68 29.75
C LEU G 17 -8.86 -58.72 30.91
N ALA G 18 -8.06 -58.86 31.96
CA ALA G 18 -8.18 -58.02 33.14
C ALA G 18 -6.87 -58.06 33.90
N LEU G 19 -6.81 -57.31 35.00
CA LEU G 19 -5.60 -57.25 35.80
C LEU G 19 -5.45 -58.44 36.74
N GLU G 20 -6.50 -59.27 36.87
CA GLU G 20 -6.43 -60.41 37.76
C GLU G 20 -5.50 -61.48 37.20
N ASN G 21 -5.60 -61.75 35.90
CA ASN G 21 -4.85 -62.83 35.27
C ASN G 21 -3.53 -62.37 34.66
N ILE G 22 -3.02 -61.21 35.07
CA ILE G 22 -1.72 -60.71 34.62
C ILE G 22 -0.70 -61.05 35.69
N SER G 23 0.44 -61.60 35.26
CA SER G 23 1.52 -61.98 36.15
C SER G 23 2.77 -61.14 35.96
N ASP G 24 3.21 -60.94 34.72
CA ASP G 24 4.42 -60.20 34.42
C ASP G 24 4.11 -59.10 33.41
N ILE G 25 4.86 -58.01 33.48
CA ILE G 25 4.66 -56.87 32.60
C ILE G 25 6.01 -56.19 32.38
N TYR G 26 6.38 -55.99 31.12
CA TYR G 26 7.65 -55.39 30.74
C TYR G 26 7.43 -53.99 30.21
N LEU G 27 8.30 -53.06 30.64
CA LEU G 27 8.24 -51.67 30.20
C LEU G 27 9.54 -51.32 29.49
N VAL G 28 9.43 -50.65 28.35
CA VAL G 28 10.59 -50.25 27.57
C VAL G 28 11.02 -48.85 28.00
N SER G 29 12.26 -48.50 27.65
CA SER G 29 12.76 -47.15 27.86
C SER G 29 12.43 -46.27 26.64
N ASN G 30 12.89 -45.03 26.67
CA ASN G 30 12.63 -44.08 25.58
C ASN G 30 13.61 -44.24 24.42
N GLN G 31 14.72 -44.94 24.61
CA GLN G 31 15.68 -45.17 23.54
C GLN G 31 15.47 -46.47 22.78
N THR G 32 14.70 -47.40 23.35
CA THR G 32 14.58 -48.72 22.73
C THR G 32 13.88 -48.64 21.37
N CYS G 33 12.82 -47.84 21.27
CA CYS G 33 12.02 -47.74 20.05
C CYS G 33 11.73 -46.28 19.71
N ASP G 34 12.79 -45.46 19.76
CA ASP G 34 12.77 -44.10 19.24
C ASP G 34 11.81 -43.18 19.99
N GLY G 35 11.45 -43.51 21.22
CA GLY G 35 10.65 -42.64 22.07
C GLY G 35 9.30 -43.16 22.47
N PHE G 36 8.78 -44.19 21.80
CA PHE G 36 7.47 -44.72 22.15
C PHE G 36 7.53 -45.39 23.52
N SER G 37 6.46 -45.22 24.30
CA SER G 37 6.34 -45.84 25.61
C SER G 37 5.35 -46.99 25.46
N LEU G 38 5.86 -48.22 25.44
CA LEU G 38 5.06 -49.40 25.23
C LEU G 38 5.26 -50.39 26.37
N ALA G 39 4.25 -51.23 26.59
CA ALA G 39 4.27 -52.23 27.64
C ALA G 39 3.76 -53.55 27.08
N SER G 40 4.13 -54.65 27.73
CA SER G 40 3.76 -55.98 27.30
C SER G 40 3.09 -56.70 28.46
N LEU G 41 1.79 -56.98 28.32
CA LEU G 41 1.05 -57.75 29.29
C LEU G 41 1.03 -59.21 28.87
N ASN G 42 1.26 -60.12 29.82
CA ASN G 42 1.27 -61.54 29.52
C ASN G 42 0.84 -62.33 30.74
N SER G 43 0.11 -63.41 30.49
CA SER G 43 -0.37 -64.32 31.52
C SER G 43 0.31 -65.68 31.39
N PRO G 44 0.38 -66.47 32.46
CA PRO G 44 1.02 -67.79 32.38
C PRO G 44 0.18 -68.81 31.63
N ILE G 53 0.47 -66.33 24.76
CA ILE G 53 0.07 -65.10 24.09
C ILE G 53 0.23 -63.92 25.05
N SER G 54 0.99 -62.92 24.62
CA SER G 54 1.26 -61.72 25.38
C SER G 54 0.56 -60.54 24.71
N ARG G 55 -0.22 -59.79 25.50
CA ARG G 55 -0.96 -58.66 24.98
C ARG G 55 -0.21 -57.38 25.29
N CYS G 56 -0.12 -56.51 24.30
CA CYS G 56 0.64 -55.27 24.41
C CYS G 56 -0.25 -54.10 24.78
N ALA G 57 0.28 -53.21 25.62
CA ALA G 57 -0.48 -52.10 26.19
C ALA G 57 0.30 -50.79 26.00
N ASN G 58 -0.40 -49.68 26.23
CA ASN G 58 0.18 -48.35 26.11
C ASN G 58 1.03 -48.07 27.34
N GLY G 59 2.31 -47.75 27.11
CA GLY G 59 3.24 -47.53 28.19
C GLY G 59 2.82 -46.44 29.15
N LEU G 60 2.60 -45.23 28.63
CA LEU G 60 2.29 -44.10 29.50
C LEU G 60 1.06 -44.38 30.35
N ASN G 61 0.02 -44.95 29.76
CA ASN G 61 -1.19 -45.26 30.53
C ASN G 61 -0.91 -46.29 31.61
N VAL G 62 -0.13 -47.32 31.29
CA VAL G 62 0.20 -48.35 32.27
C VAL G 62 1.02 -47.74 33.41
N VAL G 63 2.09 -47.02 33.06
CA VAL G 63 2.96 -46.44 34.08
C VAL G 63 2.16 -45.50 34.98
N SER G 64 1.35 -44.64 34.37
CA SER G 64 0.52 -43.72 35.15
C SER G 64 -0.36 -44.48 36.13
N PHE G 65 -0.99 -45.56 35.67
CA PHE G 65 -1.81 -46.38 36.57
C PHE G 65 -1.01 -46.81 37.80
N PHE G 66 0.14 -47.44 37.59
CA PHE G 66 0.93 -47.93 38.71
C PHE G 66 1.43 -46.80 39.59
N ILE G 67 1.83 -45.67 38.99
CA ILE G 67 2.24 -44.52 39.78
C ILE G 67 1.11 -44.11 40.71
N SER G 68 -0.13 -44.12 40.21
CA SER G 68 -1.26 -43.74 41.05
C SER G 68 -1.52 -44.79 42.13
N ILE G 69 -1.33 -46.07 41.81
CA ILE G 69 -1.53 -47.12 42.80
C ILE G 69 -0.59 -46.93 43.98
N LEU G 70 0.70 -46.71 43.71
CA LEU G 70 1.65 -46.55 44.80
C LEU G 70 1.38 -45.26 45.57
N LYS G 71 1.07 -44.18 44.86
CA LYS G 71 0.75 -42.92 45.54
C LYS G 71 -0.48 -43.06 46.41
N ARG G 72 -1.53 -43.70 45.89
CA ARG G 72 -2.76 -43.89 46.66
C ARG G 72 -2.50 -44.71 47.91
N SER G 73 -1.52 -45.61 47.88
CA SER G 73 -1.20 -46.44 49.04
C SER G 73 0.15 -46.05 49.63
N SER G 74 0.38 -44.76 49.81
CA SER G 74 1.68 -44.29 50.29
C SER G 74 1.96 -44.67 51.74
N SER G 75 0.98 -45.21 52.47
CA SER G 75 1.22 -45.66 53.83
C SER G 75 1.52 -47.14 53.94
N ALA G 76 1.74 -47.83 52.82
CA ALA G 76 2.20 -49.22 52.86
C ALA G 76 3.42 -49.45 51.98
N LEU G 77 4.19 -48.40 51.68
CA LEU G 77 5.26 -48.48 50.69
C LEU G 77 6.55 -48.93 51.37
N THR G 78 6.82 -50.23 51.31
CA THR G 78 8.13 -50.74 51.69
C THR G 78 9.20 -50.09 50.82
N GLY G 79 10.41 -49.98 51.38
CA GLY G 79 11.51 -49.41 50.63
C GLY G 79 11.66 -49.98 49.23
N HIS G 80 11.20 -51.21 49.02
CA HIS G 80 11.23 -51.79 47.68
C HIS G 80 10.25 -51.09 46.76
N LEU G 81 9.00 -50.95 47.20
CA LEU G 81 7.99 -50.26 46.39
C LEU G 81 8.20 -48.75 46.40
N ARG G 82 8.75 -48.20 47.47
CA ARG G 82 9.05 -46.78 47.50
C ARG G 82 10.13 -46.43 46.48
N GLU G 83 10.99 -47.38 46.14
CA GLU G 83 11.97 -47.18 45.08
C GLU G 83 11.32 -47.32 43.70
N LEU G 84 10.38 -48.26 43.57
CA LEU G 84 9.68 -48.43 42.30
C LEU G 84 8.94 -47.16 41.90
N LEU G 85 8.32 -46.49 42.87
CA LEU G 85 7.59 -45.26 42.59
C LEU G 85 8.51 -44.22 41.94
N THR G 86 9.66 -43.95 42.55
CA THR G 86 10.59 -42.97 41.98
C THR G 86 11.05 -43.41 40.60
N THR G 87 11.30 -44.70 40.41
CA THR G 87 11.76 -45.17 39.10
C THR G 87 10.69 -45.01 38.05
N LEU G 88 9.42 -45.25 38.41
CA LEU G 88 8.33 -45.11 37.45
C LEU G 88 8.11 -43.65 37.06
N GLU G 89 8.36 -42.71 37.97
CA GLU G 89 8.18 -41.30 37.64
C GLU G 89 9.29 -40.80 36.75
N THR G 90 10.53 -41.26 36.98
CA THR G 90 11.62 -40.90 36.09
C THR G 90 11.43 -41.51 34.70
N LEU G 91 11.06 -42.79 34.65
CA LEU G 91 10.76 -43.42 33.37
C LEU G 91 9.65 -42.66 32.65
N TYR G 92 8.56 -42.38 33.35
CA TYR G 92 7.44 -41.66 32.74
C TYR G 92 7.88 -40.31 32.19
N GLY G 93 8.72 -39.60 32.95
CA GLY G 93 9.17 -38.28 32.53
C GLY G 93 10.18 -38.30 31.39
N SER G 94 10.81 -39.46 31.15
CA SER G 94 11.77 -39.55 30.05
C SER G 94 11.06 -39.53 28.70
N PHE G 95 9.81 -39.98 28.64
CA PHE G 95 9.04 -39.97 27.41
C PHE G 95 8.42 -38.59 27.19
N SER G 96 8.56 -38.07 25.98
CA SER G 96 7.96 -36.79 25.59
C SER G 96 6.79 -37.07 24.66
N VAL G 97 5.58 -36.74 25.12
CA VAL G 97 4.39 -36.92 24.28
C VAL G 97 4.38 -35.96 23.10
N GLU G 98 5.14 -34.87 23.17
CA GLU G 98 5.15 -33.90 22.09
C GLU G 98 6.04 -34.31 20.92
N ASP G 99 6.97 -35.23 21.13
CA ASP G 99 7.77 -35.74 20.03
C ASP G 99 6.96 -36.61 19.07
N LEU G 100 5.71 -36.92 19.38
CA LEU G 100 4.84 -37.62 18.42
C LEU G 100 4.16 -36.57 17.53
N PHE G 101 5.00 -35.91 16.73
CA PHE G 101 4.53 -34.95 15.73
C PHE G 101 4.15 -35.68 14.44
N GLY G 102 3.13 -36.52 14.54
CA GLY G 102 2.67 -37.25 13.39
C GLY G 102 3.69 -38.22 12.81
N ALA G 103 4.76 -38.50 13.55
CA ALA G 103 5.77 -39.44 13.10
C ALA G 103 5.15 -40.82 12.90
N ASN G 104 5.94 -41.75 12.36
CA ASN G 104 5.41 -43.05 11.99
C ASN G 104 5.05 -43.81 13.27
N LEU G 105 3.75 -43.93 13.53
CA LEU G 105 3.23 -44.63 14.70
C LEU G 105 2.95 -46.10 14.47
N ASN G 106 3.29 -46.65 13.29
CA ASN G 106 2.89 -48.00 12.92
C ASN G 106 4.06 -48.96 13.01
N ARG G 107 3.80 -50.13 13.59
CA ARG G 107 4.81 -51.17 13.79
C ARG G 107 6.13 -50.60 14.30
N GLU H 1 -10.45 -13.26 6.14
CA GLU H 1 -10.67 -11.82 6.48
C GLU H 1 -11.98 -11.65 7.24
N VAL H 2 -11.88 -11.41 8.55
CA VAL H 2 -13.06 -11.23 9.37
C VAL H 2 -13.76 -9.94 8.95
N LYS H 3 -15.05 -10.05 8.65
CA LYS H 3 -15.85 -8.90 8.24
C LYS H 3 -17.13 -8.82 9.04
N LEU H 4 -17.49 -7.61 9.44
CA LEU H 4 -18.78 -7.30 10.07
C LEU H 4 -19.37 -6.15 9.25
N GLN H 5 -20.10 -6.49 8.19
CA GLN H 5 -20.69 -5.45 7.35
C GLN H 5 -22.01 -4.99 7.95
N GLN H 6 -22.20 -3.67 7.97
CA GLN H 6 -23.43 -3.11 8.50
C GLN H 6 -24.04 -2.20 7.45
N SER H 7 -25.37 -2.18 7.39
CA SER H 7 -26.06 -1.27 6.49
C SER H 7 -25.57 0.15 6.69
N GLY H 8 -25.51 0.92 5.60
CA GLY H 8 -24.94 2.25 5.68
C GLY H 8 -25.72 3.19 6.57
N ALA H 9 -27.05 3.25 6.37
CA ALA H 9 -27.88 4.19 7.09
C ALA H 9 -29.24 3.57 7.37
N GLU H 10 -29.95 4.18 8.32
CA GLU H 10 -31.32 3.79 8.61
C GLU H 10 -32.08 5.04 9.05
N LEU H 11 -33.15 5.37 8.33
CA LEU H 11 -33.99 6.52 8.65
C LEU H 11 -35.36 6.02 9.06
N VAL H 12 -35.78 6.37 10.27
CA VAL H 12 -37.04 5.90 10.83
C VAL H 12 -37.74 7.06 11.53
N MET H 13 -39.07 7.03 11.51
CA MET H 13 -39.87 8.08 12.10
C MET H 13 -39.87 7.97 13.62
N PRO H 14 -39.98 9.09 14.33
CA PRO H 14 -40.02 9.02 15.80
C PRO H 14 -41.14 8.12 16.31
N GLY H 15 -40.86 7.42 17.41
CA GLY H 15 -41.82 6.54 18.02
C GLY H 15 -41.84 5.13 17.49
N ALA H 16 -41.27 4.89 16.32
CA ALA H 16 -41.30 3.57 15.71
C ALA H 16 -40.12 2.74 16.24
N SER H 17 -39.85 1.60 15.60
CA SER H 17 -38.75 0.73 15.99
C SER H 17 -37.96 0.35 14.74
N VAL H 18 -36.68 0.04 14.92
CA VAL H 18 -35.80 -0.25 13.81
C VAL H 18 -34.97 -1.49 14.10
N LYS H 19 -34.63 -2.23 13.04
CA LYS H 19 -33.84 -3.45 13.13
C LYS H 19 -32.51 -3.21 12.40
N MET H 20 -31.41 -3.20 13.15
CA MET H 20 -30.08 -2.98 12.58
C MET H 20 -29.36 -4.32 12.41
N SER H 21 -28.93 -4.61 11.19
CA SER H 21 -28.25 -5.86 10.88
C SER H 21 -26.73 -5.76 11.07
N CYS H 22 -26.10 -6.94 11.19
CA CYS H 22 -24.64 -7.08 11.25
C CYS H 22 -24.30 -8.46 10.70
N LYS H 23 -23.96 -8.54 9.43
CA LYS H 23 -23.65 -9.82 8.80
C LYS H 23 -22.15 -10.09 8.90
N ALA H 24 -21.80 -11.26 9.42
CA ALA H 24 -20.42 -11.62 9.69
C ALA H 24 -19.94 -12.68 8.72
N SER H 25 -18.67 -12.55 8.29
CA SER H 25 -18.04 -13.51 7.40
C SER H 25 -16.58 -13.64 7.79
N GLY H 26 -15.93 -14.67 7.25
CA GLY H 26 -14.51 -14.88 7.45
C GLY H 26 -14.15 -15.71 8.66
N TYR H 27 -15.13 -16.10 9.48
CA TYR H 27 -14.87 -16.91 10.66
C TYR H 27 -16.11 -17.69 11.01
N THR H 28 -15.98 -18.57 12.01
CA THR H 28 -17.11 -19.35 12.50
C THR H 28 -17.99 -18.42 13.35
N PHE H 29 -19.09 -17.97 12.76
CA PHE H 29 -19.95 -16.98 13.41
C PHE H 29 -20.38 -17.42 14.80
N THR H 30 -20.52 -18.72 15.04
CA THR H 30 -21.09 -19.21 16.28
C THR H 30 -20.10 -19.26 17.43
N ASP H 31 -18.80 -19.06 17.16
CA ASP H 31 -17.78 -19.23 18.18
C ASP H 31 -17.40 -17.93 18.88
N TYR H 32 -18.09 -16.83 18.60
CA TYR H 32 -17.76 -15.54 19.20
C TYR H 32 -19.03 -14.76 19.47
N TRP H 33 -19.07 -14.11 20.63
CA TRP H 33 -20.19 -13.24 20.95
C TRP H 33 -20.18 -12.01 20.02
N MET H 34 -21.27 -11.25 20.07
CA MET H 34 -21.41 -10.03 19.28
C MET H 34 -21.84 -8.91 20.22
N HIS H 35 -21.05 -7.84 20.25
CA HIS H 35 -21.32 -6.69 21.10
C HIS H 35 -21.74 -5.50 20.25
N TRP H 36 -22.53 -4.61 20.86
CA TRP H 36 -23.04 -3.43 20.19
C TRP H 36 -22.66 -2.17 20.96
N VAL H 37 -22.24 -1.14 20.24
CA VAL H 37 -21.71 0.08 20.83
C VAL H 37 -22.38 1.28 20.16
N LYS H 38 -22.70 2.29 20.95
CA LYS H 38 -23.37 3.50 20.48
C LYS H 38 -22.42 4.69 20.64
N GLN H 39 -22.28 5.49 19.57
CA GLN H 39 -21.41 6.66 19.60
C GLN H 39 -22.09 7.81 18.89
N ARG H 40 -22.20 8.96 19.59
CA ARG H 40 -22.62 10.20 18.97
C ARG H 40 -21.38 10.98 18.49
N PRO H 41 -21.51 11.82 17.47
CA PRO H 41 -20.32 12.45 16.88
C PRO H 41 -19.58 13.31 17.88
N GLY H 42 -18.34 12.91 18.18
CA GLY H 42 -17.48 13.61 19.12
C GLY H 42 -17.57 13.13 20.55
N GLN H 43 -18.66 12.50 20.95
CA GLN H 43 -18.80 11.99 22.31
C GLN H 43 -18.17 10.60 22.40
N GLY H 44 -18.37 9.92 23.53
CA GLY H 44 -17.74 8.65 23.78
C GLY H 44 -18.52 7.47 23.21
N LEU H 45 -18.12 6.29 23.64
CA LEU H 45 -18.70 5.02 23.20
C LEU H 45 -19.48 4.41 24.34
N GLU H 46 -20.75 4.07 24.09
CA GLU H 46 -21.60 3.41 25.08
C GLU H 46 -21.78 1.94 24.70
N TRP H 47 -21.57 1.07 25.67
CA TRP H 47 -21.69 -0.37 25.45
C TRP H 47 -23.15 -0.75 25.67
N ILE H 48 -23.83 -1.18 24.60
CA ILE H 48 -25.24 -1.53 24.69
C ILE H 48 -25.40 -2.89 25.36
N GLY H 49 -24.85 -3.92 24.74
CA GLY H 49 -25.00 -5.26 25.28
C GLY H 49 -24.18 -6.25 24.51
N ALA H 50 -24.49 -7.53 24.72
CA ALA H 50 -23.79 -8.62 24.07
C ALA H 50 -24.73 -9.81 23.96
N ILE H 51 -24.48 -10.65 22.96
CA ILE H 51 -25.31 -11.83 22.72
C ILE H 51 -24.42 -12.99 22.31
N ASP H 52 -24.70 -14.16 22.86
CA ASP H 52 -24.00 -15.39 22.47
C ASP H 52 -24.57 -15.86 21.15
N THR H 53 -23.70 -16.00 20.14
CA THR H 53 -24.14 -16.36 18.80
C THR H 53 -24.63 -17.79 18.67
N SER H 54 -24.54 -18.62 19.72
CA SER H 54 -25.02 -19.99 19.66
C SER H 54 -26.16 -20.27 20.64
N ASP H 55 -26.37 -19.42 21.63
CA ASP H 55 -27.47 -19.54 22.57
C ASP H 55 -28.43 -18.37 22.53
N SER H 56 -28.07 -17.28 21.86
CA SER H 56 -28.82 -16.03 21.95
C SER H 56 -28.93 -15.54 23.38
N TYR H 57 -28.01 -15.99 24.24
CA TYR H 57 -27.94 -15.52 25.62
C TYR H 57 -27.68 -14.02 25.62
N THR H 58 -28.68 -13.25 26.03
CA THR H 58 -28.63 -11.80 25.97
C THR H 58 -28.14 -11.22 27.29
N SER H 59 -27.33 -10.16 27.21
CA SER H 59 -26.80 -9.48 28.40
C SER H 59 -26.84 -7.97 28.20
N TYR H 60 -27.96 -7.36 28.58
CA TYR H 60 -28.08 -5.90 28.69
C TYR H 60 -27.85 -5.52 30.16
N ASN H 61 -26.82 -4.69 30.41
CA ASN H 61 -26.39 -4.39 31.77
C ASN H 61 -26.36 -2.89 32.05
N GLN H 62 -27.13 -2.10 31.32
CA GLN H 62 -26.91 -0.66 31.30
C GLN H 62 -28.24 0.06 31.09
N LYS H 63 -28.17 1.33 30.69
CA LYS H 63 -29.31 2.22 30.53
C LYS H 63 -30.17 1.92 29.31
N PHE H 64 -29.87 0.85 28.57
CA PHE H 64 -30.65 0.43 27.41
C PHE H 64 -31.66 -0.64 27.79
N LYS H 65 -32.21 -0.55 29.00
CA LYS H 65 -33.11 -1.57 29.53
C LYS H 65 -34.22 -1.90 28.53
N GLY H 66 -35.01 -0.89 28.17
CA GLY H 66 -36.12 -1.05 27.25
C GLY H 66 -35.86 -0.69 25.81
N LYS H 67 -34.65 -0.24 25.48
CA LYS H 67 -34.36 0.20 24.11
C LYS H 67 -33.84 -0.94 23.23
N ALA H 68 -32.83 -1.67 23.69
CA ALA H 68 -32.14 -2.63 22.85
C ALA H 68 -32.71 -4.03 23.02
N THR H 69 -32.68 -4.79 21.93
CA THR H 69 -33.13 -6.18 21.94
C THR H 69 -32.30 -6.93 20.90
N LEU H 70 -31.31 -7.70 21.37
CA LEU H 70 -30.39 -8.39 20.48
C LEU H 70 -30.96 -9.73 20.07
N THR H 71 -30.87 -10.04 18.79
CA THR H 71 -31.28 -11.33 18.25
C THR H 71 -30.22 -11.81 17.28
N VAL H 72 -30.33 -13.08 16.86
CA VAL H 72 -29.32 -13.70 16.03
C VAL H 72 -29.99 -14.71 15.11
N ASP H 73 -29.43 -14.85 13.90
CA ASP H 73 -29.82 -15.90 12.96
C ASP H 73 -28.56 -16.67 12.60
N GLU H 74 -28.49 -17.94 13.01
CA GLU H 74 -27.29 -18.73 12.82
C GLU H 74 -27.05 -19.04 11.35
N SER H 75 -28.11 -19.25 10.57
CA SER H 75 -27.95 -19.66 9.18
C SER H 75 -27.18 -18.63 8.38
N SER H 76 -27.66 -17.38 8.35
CA SER H 76 -27.02 -16.32 7.60
C SER H 76 -25.84 -15.68 8.33
N SER H 77 -25.49 -16.16 9.52
CA SER H 77 -24.38 -15.61 10.29
C SER H 77 -24.57 -14.11 10.50
N THR H 78 -25.78 -13.72 10.87
CA THR H 78 -26.15 -12.32 11.06
C THR H 78 -26.53 -12.07 12.51
N ALA H 79 -26.26 -10.87 12.99
CA ALA H 79 -26.63 -10.44 14.33
C ALA H 79 -27.43 -9.15 14.24
N TYR H 80 -28.56 -9.10 14.92
CA TYR H 80 -29.48 -7.99 14.84
C TYR H 80 -29.60 -7.29 16.19
N MET H 81 -30.13 -6.07 16.15
CA MET H 81 -30.42 -5.29 17.35
C MET H 81 -31.60 -4.38 17.06
N GLN H 82 -32.63 -4.45 17.89
CA GLN H 82 -33.86 -3.71 17.69
C GLN H 82 -33.96 -2.57 18.69
N LEU H 83 -34.10 -1.34 18.19
CA LEU H 83 -34.44 -0.21 19.02
C LEU H 83 -35.95 -0.01 18.95
N SER H 84 -36.55 0.32 20.09
CA SER H 84 -37.99 0.50 20.19
C SER H 84 -38.31 1.92 20.64
N SER H 85 -39.38 2.48 20.10
CA SER H 85 -39.84 3.82 20.44
C SER H 85 -38.70 4.84 20.32
N LEU H 86 -38.19 4.97 19.09
CA LEU H 86 -37.05 5.82 18.85
C LEU H 86 -37.37 7.28 19.12
N THR H 87 -36.37 8.00 19.62
CA THR H 87 -36.43 9.43 19.87
C THR H 87 -35.18 10.07 19.27
N SER H 88 -35.21 11.40 19.14
CA SER H 88 -34.07 12.12 18.59
C SER H 88 -32.78 11.79 19.33
N GLU H 89 -32.87 11.50 20.64
CA GLU H 89 -31.68 11.18 21.42
C GLU H 89 -31.05 9.86 21.00
N ASP H 90 -31.79 9.01 20.29
CA ASP H 90 -31.26 7.74 19.83
C ASP H 90 -30.48 7.86 18.53
N SER H 91 -30.47 9.03 17.90
CA SER H 91 -29.77 9.22 16.63
C SER H 91 -28.27 9.20 16.87
N ALA H 92 -27.59 8.18 16.33
CA ALA H 92 -26.16 8.04 16.50
C ALA H 92 -25.70 6.86 15.64
N VAL H 93 -24.40 6.61 15.65
CA VAL H 93 -23.79 5.49 14.95
C VAL H 93 -23.74 4.30 15.89
N TYR H 94 -24.12 3.13 15.38
CA TYR H 94 -24.17 1.90 16.18
C TYR H 94 -23.22 0.87 15.58
N TYR H 95 -22.18 0.53 16.32
CA TYR H 95 -21.18 -0.44 15.87
C TYR H 95 -21.48 -1.82 16.43
N CYS H 96 -21.25 -2.85 15.61
CA CYS H 96 -21.21 -4.23 16.07
C CYS H 96 -19.76 -4.70 16.06
N ALA H 97 -19.34 -5.35 17.15
CA ALA H 97 -17.95 -5.73 17.36
C ALA H 97 -17.86 -7.19 17.77
N ARG H 98 -16.92 -7.92 17.17
CA ARG H 98 -16.73 -9.32 17.52
C ARG H 98 -16.22 -9.43 18.95
N GLY H 99 -16.75 -10.41 19.68
CA GLY H 99 -16.56 -10.50 21.11
C GLY H 99 -15.70 -11.60 21.68
N LEU H 100 -14.51 -11.83 21.13
CA LEU H 100 -13.49 -12.61 21.85
C LEU H 100 -12.74 -11.64 22.76
N LEU H 101 -13.27 -11.46 23.96
CA LEU H 101 -12.84 -10.42 24.90
C LEU H 101 -11.35 -10.16 24.88
N PRO H 102 -10.89 -8.97 24.44
CA PRO H 102 -11.69 -7.78 24.09
C PRO H 102 -12.26 -7.79 22.67
N PHE H 103 -12.76 -6.65 22.20
CA PHE H 103 -13.44 -6.57 20.91
C PHE H 103 -12.41 -6.68 19.79
N ASP H 104 -12.34 -7.87 19.18
CA ASP H 104 -11.34 -8.13 18.15
C ASP H 104 -11.53 -7.22 16.95
N TYR H 105 -12.66 -7.35 16.25
CA TYR H 105 -12.96 -6.59 15.06
C TYR H 105 -14.23 -5.78 15.26
N TRP H 106 -14.34 -4.70 14.50
CA TRP H 106 -15.50 -3.82 14.55
C TRP H 106 -16.11 -3.71 13.17
N GLY H 107 -17.44 -3.73 13.12
CA GLY H 107 -18.12 -3.43 11.88
C GLY H 107 -18.10 -1.95 11.58
N GLN H 108 -18.37 -1.62 10.32
CA GLN H 108 -18.42 -0.22 9.96
C GLN H 108 -19.62 0.44 10.63
N GLY H 109 -19.59 1.76 10.69
CA GLY H 109 -20.67 2.48 11.34
C GLY H 109 -21.93 2.48 10.52
N THR H 110 -23.07 2.33 11.20
CA THR H 110 -24.39 2.48 10.59
C THR H 110 -25.04 3.67 11.28
N THR H 111 -25.18 4.77 10.55
CA THR H 111 -25.75 5.99 11.11
C THR H 111 -27.25 5.86 11.24
N LEU H 112 -27.75 6.10 12.45
CA LEU H 112 -29.17 6.09 12.74
C LEU H 112 -29.62 7.52 12.96
N THR H 113 -30.63 7.95 12.20
CA THR H 113 -31.19 9.29 12.33
C THR H 113 -32.69 9.22 12.54
N VAL H 114 -33.18 10.01 13.49
CA VAL H 114 -34.58 10.03 13.86
C VAL H 114 -35.13 11.39 13.45
N SER H 115 -36.06 11.40 12.49
CA SER H 115 -36.60 12.64 11.97
C SER H 115 -37.78 12.32 11.07
N SER H 116 -38.67 13.30 10.92
CA SER H 116 -39.86 13.12 10.11
C SER H 116 -39.57 13.23 8.62
N ALA H 117 -38.43 13.78 8.25
CA ALA H 117 -38.09 13.98 6.85
C ALA H 117 -38.00 12.63 6.13
N LYS H 118 -38.02 12.71 4.80
CA LYS H 118 -37.90 11.54 3.93
C LYS H 118 -36.51 11.48 3.33
N THR H 119 -36.19 10.32 2.75
CA THR H 119 -34.88 10.11 2.15
C THR H 119 -34.83 10.83 0.80
N THR H 120 -33.93 11.81 0.68
CA THR H 120 -33.74 12.53 -0.57
C THR H 120 -32.35 12.23 -1.10
N PRO H 121 -32.18 11.62 -2.27
CA PRO H 121 -30.84 11.31 -2.76
C PRO H 121 -30.07 12.59 -3.04
N PRO H 122 -28.75 12.49 -3.22
CA PRO H 122 -27.95 13.70 -3.46
C PRO H 122 -27.92 14.11 -4.93
N SER H 123 -27.82 15.42 -5.13
CA SER H 123 -27.64 16.01 -6.45
C SER H 123 -26.17 16.41 -6.58
N VAL H 124 -25.44 15.70 -7.43
CA VAL H 124 -24.01 15.92 -7.58
C VAL H 124 -23.77 16.93 -8.69
N TYR H 125 -22.93 17.91 -8.42
CA TYR H 125 -22.62 18.97 -9.37
C TYR H 125 -21.11 19.15 -9.48
N PRO H 126 -20.57 19.29 -10.69
CA PRO H 126 -19.12 19.34 -10.84
C PRO H 126 -18.55 20.72 -10.55
N LEU H 127 -17.37 20.74 -9.94
CA LEU H 127 -16.62 21.96 -9.65
C LEU H 127 -15.37 21.94 -10.53
N ALA H 128 -15.37 22.78 -11.56
CA ALA H 128 -14.25 22.87 -12.49
C ALA H 128 -13.60 24.25 -12.40
N PRO H 129 -12.33 24.38 -12.75
CA PRO H 129 -11.66 25.67 -12.59
C PRO H 129 -12.27 26.73 -13.50
N GLY H 130 -12.20 27.98 -13.03
CA GLY H 130 -12.77 29.09 -13.77
C GLY H 130 -12.27 29.21 -15.19
N SER H 131 -10.96 29.29 -15.37
CA SER H 131 -10.37 29.43 -16.70
C SER H 131 -8.92 28.97 -16.65
N ALA H 132 -8.58 27.97 -17.46
CA ALA H 132 -7.22 27.45 -17.51
C ALA H 132 -6.60 27.71 -18.88
N THR H 135 -1.40 29.23 -13.92
CA THR H 135 -1.27 27.83 -14.25
C THR H 135 -0.04 27.22 -13.59
N ASN H 136 -0.20 26.77 -12.35
CA ASN H 136 0.87 26.16 -11.57
C ASN H 136 1.02 24.70 -11.96
N SER H 137 1.86 23.97 -11.21
CA SER H 137 2.14 22.57 -11.52
C SER H 137 0.98 21.64 -11.16
N MET H 138 0.08 22.04 -10.28
CA MET H 138 -1.01 21.19 -9.84
C MET H 138 -2.35 21.92 -9.97
N VAL H 139 -3.37 21.18 -10.36
CA VAL H 139 -4.73 21.70 -10.50
C VAL H 139 -5.60 21.05 -9.45
N THR H 140 -6.57 21.82 -8.93
CA THR H 140 -7.49 21.35 -7.91
C THR H 140 -8.90 21.34 -8.49
N LEU H 141 -9.54 20.18 -8.49
CA LEU H 141 -10.91 20.00 -8.92
C LEU H 141 -11.79 19.77 -7.70
N GLY H 142 -13.09 19.64 -7.94
CA GLY H 142 -14.01 19.45 -6.82
C GLY H 142 -15.30 18.80 -7.24
N CYS H 143 -16.11 18.48 -6.23
CA CYS H 143 -17.41 17.84 -6.43
C CYS H 143 -18.36 18.36 -5.36
N LEU H 144 -19.52 18.86 -5.79
CA LEU H 144 -20.49 19.44 -4.89
C LEU H 144 -21.64 18.48 -4.66
N VAL H 145 -21.80 18.03 -3.43
CA VAL H 145 -22.88 17.13 -3.03
C VAL H 145 -23.86 17.95 -2.21
N LYS H 146 -24.98 18.34 -2.82
CA LYS H 146 -25.91 19.29 -2.22
C LYS H 146 -27.30 18.68 -2.10
N GLY H 147 -27.99 19.02 -1.02
CA GLY H 147 -29.38 18.67 -0.84
C GLY H 147 -29.63 17.17 -0.74
N TYR H 148 -29.12 16.53 0.31
CA TYR H 148 -29.36 15.12 0.54
C TYR H 148 -29.71 14.90 2.00
N PHE H 149 -30.34 13.75 2.26
CA PHE H 149 -30.78 13.36 3.59
C PHE H 149 -31.11 11.87 3.54
N PRO H 150 -30.68 11.07 4.51
CA PRO H 150 -29.91 11.32 5.74
C PRO H 150 -28.43 11.59 5.48
N GLU H 151 -27.60 11.49 6.54
CA GLU H 151 -26.25 12.06 6.56
C GLU H 151 -25.18 11.33 5.75
N PRO H 152 -25.07 10.00 5.79
CA PRO H 152 -23.83 9.38 5.32
C PRO H 152 -23.74 9.36 3.79
N VAL H 153 -22.63 9.88 3.28
CA VAL H 153 -22.25 9.77 1.88
C VAL H 153 -20.82 9.27 1.81
N THR H 154 -20.48 8.63 0.69
CA THR H 154 -19.13 8.11 0.45
C THR H 154 -18.65 8.68 -0.87
N VAL H 155 -17.85 9.73 -0.80
CA VAL H 155 -17.30 10.38 -1.99
C VAL H 155 -15.92 9.78 -2.28
N THR H 156 -15.76 9.22 -3.47
CA THR H 156 -14.48 8.72 -3.95
C THR H 156 -14.18 9.37 -5.29
N TRP H 157 -12.98 9.13 -5.79
CA TRP H 157 -12.51 9.71 -7.04
C TRP H 157 -11.88 8.63 -7.90
N ASN H 158 -12.32 8.54 -9.16
CA ASN H 158 -11.84 7.53 -10.09
C ASN H 158 -11.93 6.14 -9.47
N SER H 159 -13.01 5.90 -8.73
CA SER H 159 -13.28 4.60 -8.12
C SER H 159 -12.17 4.22 -7.14
N GLY H 160 -11.82 5.17 -6.28
CA GLY H 160 -10.83 4.94 -5.24
C GLY H 160 -9.39 4.96 -5.69
N SER H 161 -9.13 4.81 -7.00
CA SER H 161 -7.76 4.82 -7.50
C SER H 161 -7.12 6.20 -7.48
N LEU H 162 -7.87 7.23 -7.07
CA LEU H 162 -7.34 8.58 -6.91
C LEU H 162 -7.58 8.95 -5.46
N SER H 163 -6.63 8.58 -4.59
CA SER H 163 -6.78 8.71 -3.14
C SER H 163 -5.98 9.85 -2.55
N SER H 164 -4.78 10.12 -3.07
CA SER H 164 -3.94 11.16 -2.51
C SER H 164 -4.39 12.54 -2.98
N GLY H 165 -4.22 13.52 -2.10
CA GLY H 165 -4.63 14.89 -2.40
C GLY H 165 -6.13 15.09 -2.45
N VAL H 166 -6.87 14.39 -1.59
CA VAL H 166 -8.33 14.41 -1.61
C VAL H 166 -8.83 14.89 -0.26
N HIS H 167 -9.70 15.90 -0.27
CA HIS H 167 -10.38 16.39 0.92
C HIS H 167 -11.88 16.29 0.71
N THR H 168 -12.58 15.75 1.70
CA THR H 168 -14.05 15.73 1.72
C THR H 168 -14.50 16.46 2.96
N PHE H 169 -15.10 17.63 2.76
CA PHE H 169 -15.45 18.50 3.88
C PHE H 169 -16.71 17.97 4.57
N PRO H 170 -16.79 18.05 5.90
CA PRO H 170 -18.00 17.59 6.59
C PRO H 170 -19.24 18.33 6.09
N ALA H 171 -20.35 17.61 6.08
CA ALA H 171 -21.59 18.18 5.59
C ALA H 171 -22.10 19.24 6.57
N VAL H 172 -22.92 20.15 6.04
CA VAL H 172 -23.57 21.19 6.83
C VAL H 172 -25.06 21.02 6.65
N LEU H 173 -25.80 20.98 7.76
CA LEU H 173 -27.24 20.80 7.73
C LEU H 173 -27.93 22.15 7.62
N GLN H 174 -28.84 22.27 6.66
CA GLN H 174 -29.61 23.49 6.47
C GLN H 174 -30.92 23.14 5.77
N SER H 175 -32.01 23.71 6.27
CA SER H 175 -33.33 23.46 5.71
C SER H 175 -33.63 21.96 5.67
N ASP H 176 -33.20 21.26 6.72
CA ASP H 176 -33.44 19.83 6.88
C ASP H 176 -32.77 18.99 5.80
N LEU H 177 -31.77 19.55 5.10
CA LEU H 177 -31.00 18.80 4.11
C LEU H 177 -29.52 19.10 4.30
N TYR H 178 -28.69 18.12 3.95
CA TYR H 178 -27.24 18.21 4.09
C TYR H 178 -26.60 18.59 2.77
N THR H 179 -25.54 19.40 2.85
CA THR H 179 -24.75 19.80 1.70
C THR H 179 -23.28 19.55 2.01
N LEU H 180 -22.53 19.14 0.99
CA LEU H 180 -21.15 18.73 1.18
C LEU H 180 -20.39 18.93 -0.12
N SER H 181 -19.08 19.13 0.00
CA SER H 181 -18.21 19.31 -1.15
C SER H 181 -16.92 18.55 -0.91
N SER H 182 -16.31 18.09 -2.01
CA SER H 182 -15.06 17.34 -1.97
C SER H 182 -14.10 17.90 -3.01
N SER H 183 -12.82 17.91 -2.67
CA SER H 183 -11.77 18.44 -3.55
C SER H 183 -10.77 17.35 -3.87
N VAL H 184 -10.11 17.50 -5.02
CA VAL H 184 -9.03 16.62 -5.42
C VAL H 184 -7.97 17.47 -6.10
N THR H 185 -6.71 17.14 -5.85
CA THR H 185 -5.58 17.89 -6.39
C THR H 185 -4.71 16.93 -7.20
N VAL H 186 -4.60 17.19 -8.50
CA VAL H 186 -3.86 16.31 -9.39
C VAL H 186 -2.89 17.17 -10.20
N PRO H 187 -1.86 16.56 -10.79
CA PRO H 187 -0.95 17.33 -11.63
C PRO H 187 -1.66 17.91 -12.85
N SER H 188 -1.35 19.18 -13.15
CA SER H 188 -2.03 19.86 -14.25
C SER H 188 -1.77 19.19 -15.59
N SER H 189 -0.62 18.52 -15.73
CA SER H 189 -0.35 17.82 -16.98
C SER H 189 -1.29 16.63 -17.17
N THR H 190 -1.74 16.02 -16.08
CA THR H 190 -2.63 14.87 -16.17
C THR H 190 -4.02 15.29 -16.63
N TRP H 191 -4.53 16.40 -16.09
CA TRP H 191 -5.90 16.83 -16.39
C TRP H 191 -5.88 17.95 -17.42
N PRO H 192 -6.78 17.95 -18.41
CA PRO H 192 -7.83 16.96 -18.67
C PRO H 192 -7.37 15.75 -19.48
N SER H 193 -6.06 15.61 -19.68
CA SER H 193 -5.55 14.49 -20.48
C SER H 193 -6.09 13.15 -19.99
N GLU H 194 -6.20 12.98 -18.68
CA GLU H 194 -6.73 11.77 -18.07
C GLU H 194 -7.97 12.12 -17.28
N THR H 195 -9.05 11.37 -17.52
CA THR H 195 -10.36 11.73 -16.96
C THR H 195 -10.36 11.61 -15.45
N VAL H 196 -10.98 12.60 -14.80
CA VAL H 196 -11.15 12.62 -13.35
C VAL H 196 -12.64 12.61 -13.07
N THR H 197 -13.11 11.56 -12.41
CA THR H 197 -14.52 11.38 -12.11
C THR H 197 -14.74 11.33 -10.60
N CYS H 198 -15.91 11.80 -10.18
CA CYS H 198 -16.28 11.87 -8.78
C CYS H 198 -17.43 10.91 -8.52
N ASN H 199 -17.23 9.98 -7.59
CA ASN H 199 -18.20 8.92 -7.29
C ASN H 199 -18.80 9.17 -5.92
N VAL H 200 -20.12 9.42 -5.88
CA VAL H 200 -20.84 9.69 -4.65
C VAL H 200 -21.82 8.55 -4.41
N ALA H 201 -21.75 7.95 -3.22
CA ALA H 201 -22.62 6.86 -2.83
C ALA H 201 -23.46 7.29 -1.64
N HIS H 202 -24.77 7.11 -1.74
CA HIS H 202 -25.70 7.46 -0.67
C HIS H 202 -26.40 6.19 -0.20
N PRO H 203 -25.94 5.57 0.89
CA PRO H 203 -26.52 4.26 1.28
C PRO H 203 -28.01 4.29 1.51
N ALA H 204 -28.54 5.37 2.07
CA ALA H 204 -29.95 5.40 2.46
C ALA H 204 -30.86 5.22 1.26
N SER H 205 -30.70 6.07 0.24
CA SER H 205 -31.51 5.95 -0.97
C SER H 205 -30.96 4.94 -1.96
N SER H 206 -29.88 4.23 -1.60
CA SER H 206 -29.29 3.21 -2.46
C SER H 206 -28.98 3.77 -3.85
N THR H 207 -28.06 4.73 -3.87
CA THR H 207 -27.65 5.37 -5.11
C THR H 207 -26.13 5.39 -5.21
N LYS H 208 -25.63 5.33 -6.44
CA LYS H 208 -24.19 5.38 -6.71
C LYS H 208 -24.03 6.14 -8.03
N VAL H 209 -23.61 7.41 -7.92
CA VAL H 209 -23.59 8.32 -9.05
C VAL H 209 -22.15 8.72 -9.35
N ASP H 210 -21.88 8.99 -10.64
CA ASP H 210 -20.59 9.49 -11.06
C ASP H 210 -20.76 10.80 -11.82
N LYS H 211 -19.76 11.67 -11.69
CA LYS H 211 -19.75 12.96 -12.37
C LYS H 211 -18.35 13.19 -12.93
N LYS H 212 -18.24 13.23 -14.26
CA LYS H 212 -16.97 13.43 -14.95
C LYS H 212 -16.70 14.93 -15.12
N ILE H 213 -15.88 15.49 -14.23
CA ILE H 213 -15.49 16.89 -14.35
C ILE H 213 -14.90 17.15 -15.73
N VAL H 214 -15.34 18.24 -16.36
CA VAL H 214 -14.86 18.62 -17.69
C VAL H 214 -14.47 20.09 -17.68
N PRO H 215 -13.50 20.52 -18.49
CA PRO H 215 -13.20 21.94 -18.60
C PRO H 215 -14.40 22.76 -19.07
N ARG H 216 -14.35 24.06 -18.80
CA ARG H 216 -15.44 24.97 -19.16
C ARG H 216 -15.17 25.59 -20.52
N ASP I 1 -21.72 1.88 38.39
CA ASP I 1 -20.93 1.36 37.25
C ASP I 1 -19.50 1.91 37.30
N ILE I 2 -18.58 1.21 36.67
CA ILE I 2 -17.19 1.67 36.59
C ILE I 2 -17.10 2.76 35.53
N VAL I 3 -16.35 3.82 35.85
CA VAL I 3 -16.12 4.92 34.93
C VAL I 3 -14.64 4.92 34.58
N MET I 4 -14.34 4.98 33.29
CA MET I 4 -12.96 5.11 32.80
C MET I 4 -12.73 6.59 32.49
N THR I 5 -11.89 7.23 33.29
CA THR I 5 -11.65 8.68 33.21
C THR I 5 -10.41 8.92 32.36
N GLN I 6 -10.62 9.46 31.16
CA GLN I 6 -9.53 9.92 30.31
C GLN I 6 -9.41 11.43 30.51
N SER I 7 -8.43 11.82 31.34
CA SER I 7 -8.33 13.22 31.75
C SER I 7 -7.93 14.13 30.59
N GLN I 8 -6.97 13.70 29.77
CA GLN I 8 -6.50 14.51 28.66
C GLN I 8 -7.44 14.35 27.48
N LYS I 9 -8.23 15.39 27.21
CA LYS I 9 -9.17 15.36 26.09
C LYS I 9 -8.50 15.78 24.79
N PHE I 10 -7.46 16.60 24.87
CA PHE I 10 -6.65 16.98 23.73
C PHE I 10 -5.18 16.85 24.10
N MET I 11 -4.38 16.37 23.16
CA MET I 11 -2.93 16.25 23.36
C MET I 11 -2.24 16.59 22.06
N SER I 12 -1.34 17.58 22.10
CA SER I 12 -0.62 18.04 20.92
C SER I 12 0.86 17.75 21.12
N THR I 13 1.49 17.18 20.10
CA THR I 13 2.92 16.90 20.14
C THR I 13 3.48 17.01 18.72
N SER I 14 4.80 17.12 18.64
CA SER I 14 5.46 17.20 17.35
C SER I 14 5.38 15.85 16.65
N VAL I 15 6.00 15.78 15.47
CA VAL I 15 5.86 14.58 14.67
C VAL I 15 6.77 13.47 15.18
N GLY I 16 7.95 13.80 15.70
CA GLY I 16 8.89 12.81 16.17
C GLY I 16 8.86 12.52 17.65
N ASP I 17 7.98 13.16 18.41
CA ASP I 17 7.99 13.07 19.86
C ASP I 17 7.24 11.82 20.33
N ARG I 18 7.02 11.72 21.63
CA ARG I 18 6.27 10.64 22.25
C ARG I 18 5.10 11.22 23.04
N VAL I 19 4.08 10.39 23.24
CA VAL I 19 2.88 10.78 23.98
C VAL I 19 2.50 9.66 24.95
N SER I 20 1.83 10.04 26.02
CA SER I 20 1.33 9.09 27.02
C SER I 20 -0.09 9.50 27.39
N VAL I 21 -1.07 8.73 26.93
CA VAL I 21 -2.47 8.98 27.26
C VAL I 21 -2.80 8.23 28.54
N THR I 22 -3.51 8.90 29.46
CA THR I 22 -3.80 8.37 30.78
C THR I 22 -5.25 7.93 30.86
N CYS I 23 -5.47 6.78 31.48
CA CYS I 23 -6.81 6.22 31.71
C CYS I 23 -6.90 5.84 33.18
N LYS I 24 -7.88 6.42 33.89
CA LYS I 24 -8.03 6.23 35.32
C LYS I 24 -9.34 5.49 35.58
N ALA I 25 -9.26 4.34 36.23
CA ALA I 25 -10.42 3.51 36.50
C ALA I 25 -11.04 3.87 37.84
N SER I 26 -12.38 3.90 37.86
CA SER I 26 -13.09 4.24 39.09
C SER I 26 -12.98 3.17 40.17
N GLN I 27 -12.47 1.98 39.82
CA GLN I 27 -12.25 0.93 40.81
C GLN I 27 -11.15 0.03 40.26
N ASN I 28 -10.87 -1.06 40.98
CA ASN I 28 -9.86 -2.02 40.54
C ASN I 28 -10.39 -2.85 39.38
N VAL I 29 -9.67 -2.82 38.27
CA VAL I 29 -10.10 -3.52 37.05
C VAL I 29 -9.15 -4.64 36.64
N GLY I 30 -8.03 -4.81 37.34
CA GLY I 30 -7.08 -5.81 36.90
C GLY I 30 -6.39 -5.35 35.62
N THR I 31 -5.87 -6.33 34.87
CA THR I 31 -5.22 -6.05 33.60
C THR I 31 -6.17 -6.15 32.41
N ASN I 32 -7.49 -6.17 32.65
CA ASN I 32 -8.46 -6.33 31.57
C ASN I 32 -8.86 -4.95 31.07
N VAL I 33 -7.96 -4.35 30.29
CA VAL I 33 -8.20 -3.05 29.67
C VAL I 33 -7.75 -3.11 28.23
N ALA I 34 -8.51 -2.47 27.35
CA ALA I 34 -8.22 -2.43 25.92
C ALA I 34 -8.11 -0.98 25.46
N TRP I 35 -7.37 -0.77 24.38
CA TRP I 35 -7.21 0.54 23.77
C TRP I 35 -7.63 0.47 22.31
N TYR I 36 -8.46 1.43 21.89
CA TYR I 36 -8.97 1.48 20.53
C TYR I 36 -8.60 2.81 19.89
N GLN I 37 -8.28 2.77 18.59
CA GLN I 37 -7.95 3.96 17.82
C GLN I 37 -9.08 4.20 16.82
N GLN I 38 -9.63 5.41 16.83
CA GLN I 38 -10.73 5.79 15.95
C GLN I 38 -10.32 7.01 15.14
N LYS I 39 -9.70 6.76 13.99
CA LYS I 39 -9.34 7.83 13.07
C LYS I 39 -10.59 8.53 12.57
N PRO I 40 -10.48 9.80 12.17
CA PRO I 40 -11.69 10.54 11.77
C PRO I 40 -12.46 9.82 10.67
N GLY I 41 -13.78 9.74 10.85
CA GLY I 41 -14.64 9.11 9.86
C GLY I 41 -14.39 7.64 9.69
N GLN I 42 -14.00 6.93 10.75
CA GLN I 42 -13.72 5.51 10.68
C GLN I 42 -14.22 4.82 11.94
N SER I 43 -14.34 3.50 11.86
CA SER I 43 -14.68 2.71 13.01
C SER I 43 -13.44 2.46 13.87
N PRO I 44 -13.60 2.27 15.19
CA PRO I 44 -12.45 1.98 16.04
C PRO I 44 -11.70 0.74 15.57
N LYS I 45 -10.40 0.70 15.87
CA LYS I 45 -9.53 -0.42 15.59
C LYS I 45 -8.82 -0.84 16.86
N ALA I 46 -8.77 -2.15 17.10
CA ALA I 46 -8.20 -2.67 18.34
C ALA I 46 -6.69 -2.43 18.36
N LEU I 47 -6.22 -1.76 19.40
CA LEU I 47 -4.80 -1.44 19.55
C LEU I 47 -4.10 -2.36 20.54
N ILE I 48 -4.60 -2.41 21.78
CA ILE I 48 -3.96 -3.16 22.86
C ILE I 48 -5.03 -3.96 23.59
N TYR I 49 -4.66 -5.15 24.04
CA TYR I 49 -5.52 -5.97 24.90
C TYR I 49 -4.73 -6.35 26.14
N SER I 50 -5.47 -6.73 27.19
CA SER I 50 -4.86 -7.09 28.47
C SER I 50 -3.97 -5.97 29.02
N ALA I 51 -4.21 -4.74 28.57
CA ALA I 51 -3.59 -3.53 29.12
C ALA I 51 -2.12 -3.38 28.77
N SER I 52 -1.49 -4.43 28.23
CA SER I 52 -0.11 -4.32 27.78
C SER I 52 0.19 -5.07 26.48
N TYR I 53 -0.67 -5.98 26.04
CA TYR I 53 -0.37 -6.83 24.90
C TYR I 53 -0.85 -6.18 23.61
N ARG I 54 0.00 -6.18 22.59
CA ARG I 54 -0.29 -5.51 21.35
C ARG I 54 -0.91 -6.47 20.35
N TYR I 55 -1.92 -5.99 19.62
CA TYR I 55 -2.57 -6.82 18.62
C TYR I 55 -1.64 -7.07 17.43
N SER I 56 -1.98 -8.09 16.65
CA SER I 56 -1.20 -8.43 15.47
C SER I 56 -1.36 -7.38 14.39
N GLY I 57 -0.26 -7.01 13.75
CA GLY I 57 -0.27 -6.02 12.71
C GLY I 57 -0.10 -4.60 13.17
N VAL I 58 -0.20 -4.34 14.48
CA VAL I 58 -0.04 -3.00 15.03
C VAL I 58 1.45 -2.71 15.17
N PRO I 59 1.92 -1.51 14.84
CA PRO I 59 3.36 -1.24 14.93
C PRO I 59 3.85 -1.30 16.37
N ASP I 60 5.16 -1.54 16.50
CA ASP I 60 5.79 -1.57 17.82
C ASP I 60 5.81 -0.21 18.51
N ARG I 61 5.34 0.85 17.85
CA ARG I 61 5.35 2.18 18.46
C ARG I 61 4.33 2.31 19.59
N PHE I 62 3.31 1.46 19.61
CA PHE I 62 2.30 1.49 20.66
C PHE I 62 2.62 0.45 21.72
N THR I 63 2.50 0.84 22.98
CA THR I 63 2.75 -0.06 24.10
C THR I 63 1.82 0.30 25.23
N GLY I 64 1.37 -0.72 25.97
CA GLY I 64 0.46 -0.53 27.08
C GLY I 64 1.14 -0.88 28.39
N SER I 65 0.66 -0.27 29.46
CA SER I 65 1.24 -0.50 30.78
C SER I 65 0.23 -0.07 31.83
N GLY I 66 0.25 -0.77 32.97
CA GLY I 66 -0.65 -0.47 34.06
C GLY I 66 -1.40 -1.70 34.55
N SER I 67 -1.96 -1.62 35.74
CA SER I 67 -2.75 -2.71 36.29
C SER I 67 -3.55 -2.20 37.48
N GLY I 68 -4.81 -2.60 37.54
CA GLY I 68 -5.67 -2.21 38.65
C GLY I 68 -6.43 -0.92 38.42
N THR I 69 -5.74 0.21 38.51
CA THR I 69 -6.39 1.52 38.42
C THR I 69 -5.73 2.45 37.41
N ASP I 70 -4.41 2.42 37.28
CA ASP I 70 -3.69 3.39 36.47
C ASP I 70 -3.20 2.70 35.19
N PHE I 71 -3.69 3.16 34.05
CA PHE I 71 -3.29 2.62 32.76
C PHE I 71 -2.89 3.77 31.85
N THR I 72 -1.86 3.56 31.04
CA THR I 72 -1.36 4.60 30.14
C THR I 72 -0.99 3.98 28.81
N LEU I 73 -1.42 4.62 27.72
CA LEU I 73 -1.00 4.25 26.38
C LEU I 73 0.13 5.17 25.95
N THR I 74 1.31 4.60 25.73
CA THR I 74 2.50 5.35 25.36
C THR I 74 2.76 5.13 23.87
N ILE I 75 2.65 6.21 23.09
CA ILE I 75 2.92 6.18 21.67
C ILE I 75 4.31 6.76 21.45
N SER I 76 5.22 5.95 20.90
CA SER I 76 6.60 6.34 20.74
C SER I 76 6.66 7.26 19.52
N ASN I 77 7.84 7.45 18.93
CA ASN I 77 8.01 8.50 17.94
C ASN I 77 6.79 8.56 17.04
N VAL I 78 6.03 9.65 17.19
CA VAL I 78 4.72 9.78 16.57
C VAL I 78 4.88 9.88 15.05
N GLN I 79 3.78 9.68 14.35
CA GLN I 79 3.77 9.83 12.90
C GLN I 79 2.55 10.65 12.50
N SER I 80 2.55 11.12 11.26
CA SER I 80 1.42 11.90 10.77
C SER I 80 0.13 11.09 10.80
N GLU I 81 0.24 9.77 10.66
CA GLU I 81 -0.93 8.90 10.53
C GLU I 81 -1.61 8.58 11.86
N ASP I 82 -1.08 9.06 12.98
CA ASP I 82 -1.60 8.67 14.28
C ASP I 82 -2.65 9.63 14.84
N LEU I 83 -2.94 10.73 14.16
CA LEU I 83 -3.97 11.65 14.66
C LEU I 83 -5.30 10.92 14.72
N ALA I 84 -5.87 10.81 15.92
CA ALA I 84 -7.13 10.11 16.11
C ALA I 84 -7.54 10.23 17.56
N LYS I 85 -8.74 9.73 17.86
CA LYS I 85 -9.20 9.59 19.23
C LYS I 85 -8.80 8.22 19.76
N TYR I 86 -8.27 8.19 20.98
CA TYR I 86 -7.82 6.96 21.61
C TYR I 86 -8.70 6.70 22.82
N PHE I 87 -9.42 5.58 22.78
CA PHE I 87 -10.32 5.19 23.86
C PHE I 87 -9.71 4.05 24.65
N CYS I 88 -9.95 4.05 25.96
CA CYS I 88 -9.65 2.92 26.81
C CYS I 88 -10.96 2.26 27.26
N GLN I 89 -10.96 0.93 27.30
CA GLN I 89 -12.14 0.17 27.65
C GLN I 89 -11.78 -0.82 28.75
N GLN I 90 -12.72 -1.03 29.67
CA GLN I 90 -12.60 -2.04 30.71
C GLN I 90 -13.58 -3.16 30.43
N TYR I 91 -13.08 -4.39 30.40
CA TYR I 91 -13.92 -5.56 30.16
C TYR I 91 -13.74 -6.58 31.28
N ASN I 92 -13.64 -6.09 32.52
CA ASN I 92 -13.51 -6.95 33.69
C ASN I 92 -14.81 -7.15 34.43
N SER I 93 -15.74 -6.21 34.33
CA SER I 93 -17.04 -6.35 34.98
C SER I 93 -18.08 -5.54 34.21
N TYR I 94 -19.26 -6.13 34.01
CA TYR I 94 -20.34 -5.41 33.37
C TYR I 94 -20.72 -4.20 34.23
N PRO I 95 -21.15 -3.09 33.61
CA PRO I 95 -21.20 -2.88 32.15
C PRO I 95 -19.85 -2.48 31.61
N TYR I 96 -19.43 -3.08 30.50
CA TYR I 96 -18.20 -2.68 29.85
C TYR I 96 -18.28 -1.21 29.48
N THR I 97 -17.36 -0.41 30.01
CA THR I 97 -17.37 1.03 29.85
C THR I 97 -16.10 1.50 29.16
N PHE I 98 -16.25 2.52 28.33
CA PHE I 98 -15.14 3.11 27.60
C PHE I 98 -14.71 4.41 28.26
N GLY I 99 -13.53 4.89 27.87
CA GLY I 99 -13.06 6.17 28.33
C GLY I 99 -13.72 7.31 27.56
N GLY I 100 -13.37 8.53 27.97
CA GLY I 100 -13.92 9.71 27.31
C GLY I 100 -13.34 10.01 25.95
N GLY I 101 -12.30 9.29 25.54
CA GLY I 101 -11.64 9.56 24.28
C GLY I 101 -10.59 10.65 24.42
N THR I 102 -9.49 10.52 23.68
CA THR I 102 -8.41 11.50 23.70
C THR I 102 -8.02 11.83 22.28
N LYS I 103 -8.34 13.04 21.84
CA LYS I 103 -7.94 13.50 20.51
C LYS I 103 -6.46 13.84 20.50
N LEU I 104 -5.72 13.26 19.57
CA LEU I 104 -4.30 13.53 19.41
C LEU I 104 -4.12 14.58 18.32
N GLU I 105 -3.62 15.75 18.71
CA GLU I 105 -3.28 16.80 17.77
C GLU I 105 -1.79 16.74 17.44
N ILE I 106 -1.43 17.30 16.30
CA ILE I 106 -0.05 17.31 15.84
C ILE I 106 0.32 18.74 15.47
N LYS I 107 1.54 19.14 15.83
CA LYS I 107 2.04 20.48 15.56
C LYS I 107 3.05 20.47 14.41
N ARG I 108 3.03 21.55 13.63
CA ARG I 108 3.94 21.74 12.52
C ARG I 108 4.10 23.23 12.26
N ALA I 109 4.88 23.56 11.23
CA ALA I 109 5.06 24.94 10.82
C ALA I 109 3.84 25.42 10.04
N ASP I 110 3.60 26.73 10.11
CA ASP I 110 2.46 27.32 9.42
C ASP I 110 2.55 27.06 7.92
N ALA I 111 1.40 27.23 7.25
CA ALA I 111 1.31 27.00 5.82
C ALA I 111 0.26 27.94 5.23
N ALA I 112 0.51 28.38 3.99
CA ALA I 112 -0.40 29.27 3.29
C ALA I 112 -1.49 28.46 2.58
N PRO I 113 -2.75 28.86 2.67
CA PRO I 113 -3.82 28.08 2.02
C PRO I 113 -3.80 28.25 0.51
N THR I 114 -3.87 27.13 -0.20
CA THR I 114 -4.07 27.13 -1.64
C THR I 114 -5.55 27.40 -1.92
N VAL I 115 -5.87 28.58 -2.41
CA VAL I 115 -7.24 28.98 -2.65
C VAL I 115 -7.66 28.57 -4.04
N SER I 116 -8.95 28.26 -4.20
CA SER I 116 -9.49 27.86 -5.48
C SER I 116 -10.98 28.19 -5.50
N ILE I 117 -11.42 28.86 -6.56
CA ILE I 117 -12.83 29.21 -6.75
C ILE I 117 -13.40 28.34 -7.86
N PHE I 118 -14.70 28.05 -7.74
CA PHE I 118 -15.42 27.26 -8.73
C PHE I 118 -16.77 27.90 -9.00
N PRO I 119 -17.08 28.28 -10.24
CA PRO I 119 -18.38 28.89 -10.52
C PRO I 119 -19.50 27.88 -10.44
N PRO I 120 -20.75 28.33 -10.28
CA PRO I 120 -21.86 27.38 -10.29
C PRO I 120 -21.92 26.61 -11.60
N SER I 121 -22.39 25.37 -11.51
CA SER I 121 -22.50 24.52 -12.69
C SER I 121 -23.78 24.82 -13.45
N SER I 122 -23.71 24.66 -14.77
CA SER I 122 -24.90 24.81 -15.60
C SER I 122 -26.00 23.85 -15.17
N GLU I 123 -25.65 22.78 -14.45
CA GLU I 123 -26.64 21.81 -14.00
C GLU I 123 -27.38 22.29 -12.76
N GLN I 124 -26.66 22.88 -11.80
CA GLN I 124 -27.32 23.38 -10.60
C GLN I 124 -28.31 24.49 -10.91
N LEU I 125 -28.01 25.31 -11.92
CA LEU I 125 -28.94 26.37 -12.32
C LEU I 125 -30.27 25.78 -12.76
N THR I 126 -30.24 24.63 -13.45
CA THR I 126 -31.47 23.95 -13.82
C THR I 126 -32.33 23.63 -12.59
N SER I 127 -31.71 23.53 -11.42
CA SER I 127 -32.44 23.27 -10.18
C SER I 127 -32.93 24.56 -9.51
N GLY I 128 -32.71 25.72 -10.14
CA GLY I 128 -33.15 26.98 -9.58
C GLY I 128 -32.22 27.59 -8.55
N GLY I 129 -31.05 26.97 -8.31
CA GLY I 129 -30.12 27.49 -7.35
C GLY I 129 -28.75 27.69 -7.98
N ALA I 130 -27.94 28.52 -7.31
CA ALA I 130 -26.58 28.82 -7.74
C ALA I 130 -25.70 28.91 -6.50
N SER I 131 -24.64 28.11 -6.47
CA SER I 131 -23.73 28.06 -5.32
C SER I 131 -22.31 28.24 -5.80
N VAL I 132 -21.62 29.23 -5.24
CA VAL I 132 -20.21 29.49 -5.54
C VAL I 132 -19.38 28.84 -4.45
N VAL I 133 -18.47 27.95 -4.85
CA VAL I 133 -17.66 27.16 -3.92
C VAL I 133 -16.24 27.69 -3.91
N CYS I 134 -15.64 27.72 -2.73
CA CYS I 134 -14.27 28.20 -2.56
C CYS I 134 -13.53 27.25 -1.63
N PHE I 135 -12.39 26.73 -2.09
CA PHE I 135 -11.59 25.80 -1.31
C PHE I 135 -10.39 26.52 -0.73
N LEU I 136 -10.16 26.33 0.56
CA LEU I 136 -8.95 26.79 1.25
C LEU I 136 -8.23 25.55 1.75
N ASN I 137 -7.20 25.13 1.02
CA ASN I 137 -6.55 23.84 1.23
C ASN I 137 -5.15 24.00 1.79
N ASN I 138 -4.79 23.11 2.71
CA ASN I 138 -3.41 22.92 3.16
C ASN I 138 -2.84 24.18 3.82
N PHE I 139 -3.48 24.58 4.92
CA PHE I 139 -2.97 25.63 5.79
C PHE I 139 -2.92 25.08 7.21
N TYR I 140 -2.00 25.62 8.03
CA TYR I 140 -1.85 25.00 9.34
C TYR I 140 -2.92 25.33 10.38
N PRO I 141 -3.00 26.55 10.92
CA PRO I 141 -3.75 26.71 12.16
C PRO I 141 -5.26 26.65 11.94
N LYS I 142 -5.97 26.28 13.00
CA LYS I 142 -7.42 26.21 12.90
C LYS I 142 -8.03 27.57 12.60
N ASP I 143 -7.36 28.64 13.03
CA ASP I 143 -7.93 29.98 12.88
C ASP I 143 -7.65 30.51 11.48
N ILE I 144 -8.69 30.52 10.64
CA ILE I 144 -8.68 31.24 9.38
C ILE I 144 -9.97 32.02 9.32
N ASN I 145 -9.98 33.04 8.47
CA ASN I 145 -11.19 33.82 8.25
C ASN I 145 -11.32 34.08 6.76
N VAL I 146 -12.49 33.76 6.21
CA VAL I 146 -12.78 33.95 4.79
C VAL I 146 -13.81 35.07 4.70
N LYS I 147 -13.68 35.89 3.65
CA LYS I 147 -14.62 36.98 3.42
C LYS I 147 -14.80 37.13 1.92
N TRP I 148 -16.04 36.97 1.47
CA TRP I 148 -16.35 37.19 0.07
C TRP I 148 -16.37 38.68 -0.21
N LYS I 149 -16.34 39.04 -1.49
CA LYS I 149 -16.53 40.43 -1.89
C LYS I 149 -17.10 40.42 -3.29
N ILE I 150 -18.39 40.72 -3.39
CA ILE I 150 -19.14 40.71 -4.64
C ILE I 150 -19.29 42.16 -5.09
N ASP I 151 -18.62 42.52 -6.18
CA ASP I 151 -18.63 43.88 -6.68
C ASP I 151 -18.10 44.85 -5.61
N GLY I 152 -17.06 44.40 -4.91
CA GLY I 152 -16.47 45.17 -3.83
C GLY I 152 -17.15 44.95 -2.49
N SER I 153 -18.47 44.84 -2.49
CA SER I 153 -19.22 44.61 -1.26
C SER I 153 -19.31 43.11 -0.95
N GLU I 154 -19.31 42.79 0.34
CA GLU I 154 -19.40 41.42 0.81
C GLU I 154 -20.82 41.07 1.24
N ARG I 155 -21.16 39.79 1.10
CA ARG I 155 -22.38 39.24 1.68
C ARG I 155 -21.99 38.46 2.93
N GLN I 156 -22.58 38.82 4.06
CA GLN I 156 -22.22 38.17 5.32
C GLN I 156 -23.06 36.91 5.56
N ASN I 157 -24.36 37.01 5.39
CA ASN I 157 -25.24 35.86 5.64
C ASN I 157 -25.48 35.10 4.33
N GLY I 158 -25.88 33.84 4.49
CA GLY I 158 -26.02 32.92 3.38
C GLY I 158 -24.76 32.17 3.03
N VAL I 159 -23.74 32.22 3.87
CA VAL I 159 -22.46 31.56 3.64
C VAL I 159 -22.29 30.51 4.72
N LEU I 160 -22.20 29.24 4.31
CA LEU I 160 -21.97 28.14 5.23
C LEU I 160 -20.56 27.61 5.05
N ASN I 161 -19.96 27.18 6.16
CA ASN I 161 -18.57 26.72 6.17
C ASN I 161 -18.47 25.36 6.85
N SER I 162 -17.34 24.70 6.64
CA SER I 162 -17.07 23.40 7.23
C SER I 162 -15.56 23.16 7.22
N TRP I 163 -15.08 22.48 8.26
CA TRP I 163 -13.66 22.23 8.44
C TRP I 163 -13.38 20.74 8.38
N THR I 164 -12.20 20.38 7.87
CA THR I 164 -11.71 19.01 7.90
C THR I 164 -10.76 18.82 9.07
N ASP I 165 -10.59 17.57 9.47
CA ASP I 165 -9.61 17.23 10.49
C ASP I 165 -8.21 17.26 9.88
N GLN I 166 -7.21 17.24 10.76
CA GLN I 166 -5.82 17.31 10.31
C GLN I 166 -5.52 16.18 9.34
N ASP I 167 -4.95 16.53 8.19
CA ASP I 167 -4.64 15.55 7.17
C ASP I 167 -3.69 14.49 7.72
N SER I 168 -3.87 13.25 7.27
CA SER I 168 -3.07 12.14 7.75
C SER I 168 -1.64 12.15 7.20
N LYS I 169 -1.33 13.01 6.25
CA LYS I 169 0.00 13.05 5.63
C LYS I 169 0.79 14.30 6.00
N ASP I 170 0.21 15.48 5.84
CA ASP I 170 0.91 16.74 6.12
C ASP I 170 0.39 17.44 7.37
N SER I 171 -0.61 16.88 8.05
CA SER I 171 -1.10 17.41 9.31
C SER I 171 -1.62 18.85 9.17
N THR I 172 -2.07 19.21 7.98
CA THR I 172 -2.64 20.54 7.74
C THR I 172 -4.16 20.48 7.85
N TYR I 173 -4.77 21.65 7.81
CA TYR I 173 -6.22 21.78 7.81
C TYR I 173 -6.71 22.23 6.44
N SER I 174 -8.01 22.05 6.21
CA SER I 174 -8.64 22.49 4.98
C SER I 174 -10.08 22.88 5.29
N MET I 175 -10.58 23.91 4.60
CA MET I 175 -11.92 24.43 4.83
C MET I 175 -12.56 24.77 3.50
N SER I 176 -13.89 24.76 3.48
CA SER I 176 -14.67 25.06 2.29
C SER I 176 -15.75 26.07 2.65
N SER I 177 -15.68 27.25 2.05
CA SER I 177 -16.71 28.28 2.21
C SER I 177 -17.64 28.21 1.00
N THR I 178 -18.87 27.78 1.23
CA THR I 178 -19.85 27.59 0.17
C THR I 178 -20.95 28.64 0.31
N LEU I 179 -21.06 29.50 -0.71
CA LEU I 179 -22.06 30.56 -0.74
C LEU I 179 -23.18 30.16 -1.68
N THR I 180 -24.40 30.06 -1.16
CA THR I 180 -25.56 29.63 -1.94
C THR I 180 -26.58 30.76 -1.99
N LEU I 181 -27.01 31.10 -3.21
CA LEU I 181 -28.07 32.08 -3.41
C LEU I 181 -28.89 31.64 -4.62
N THR I 182 -30.01 32.33 -4.83
CA THR I 182 -30.90 31.95 -5.92
C THR I 182 -30.29 32.29 -7.27
N LYS I 183 -30.79 31.60 -8.30
CA LYS I 183 -30.30 31.80 -9.66
C LYS I 183 -30.39 33.25 -10.09
N ASP I 184 -31.59 33.83 -10.03
CA ASP I 184 -31.79 35.19 -10.50
C ASP I 184 -30.85 36.15 -9.79
N GLU I 185 -30.69 35.99 -8.48
CA GLU I 185 -29.75 36.83 -7.74
C GLU I 185 -28.30 36.58 -8.17
N TYR I 186 -28.01 35.41 -8.73
CA TYR I 186 -26.65 35.14 -9.19
C TYR I 186 -26.34 35.87 -10.49
N GLU I 187 -27.32 35.98 -11.38
CA GLU I 187 -27.11 36.63 -12.67
C GLU I 187 -27.24 38.14 -12.59
N ARG I 188 -27.76 38.68 -11.49
CA ARG I 188 -27.82 40.13 -11.33
C ARG I 188 -26.43 40.73 -11.19
N HIS I 189 -25.64 40.22 -10.25
CA HIS I 189 -24.28 40.69 -10.07
C HIS I 189 -23.36 40.04 -11.09
N ASN I 190 -22.10 40.48 -11.11
CA ASN I 190 -21.17 40.00 -12.13
C ASN I 190 -19.79 39.62 -11.62
N SER I 191 -19.42 39.96 -10.39
CA SER I 191 -18.10 39.63 -9.85
C SER I 191 -18.27 38.90 -8.53
N TYR I 192 -17.57 37.76 -8.40
CA TYR I 192 -17.60 36.97 -7.17
C TYR I 192 -16.17 36.65 -6.77
N THR I 193 -15.82 36.93 -5.53
CA THR I 193 -14.46 36.82 -5.05
C THR I 193 -14.42 36.09 -3.71
N CYS I 194 -13.33 35.38 -3.47
CA CYS I 194 -13.12 34.66 -2.22
C CYS I 194 -11.86 35.21 -1.58
N GLU I 195 -12.02 35.99 -0.52
CA GLU I 195 -10.91 36.61 0.19
C GLU I 195 -10.67 35.85 1.49
N ALA I 196 -9.43 35.42 1.69
CA ALA I 196 -9.07 34.59 2.83
C ALA I 196 -7.91 35.24 3.58
N THR I 197 -8.19 35.81 4.74
CA THR I 197 -7.17 36.36 5.61
C THR I 197 -6.65 35.26 6.52
N HIS I 198 -5.37 35.35 6.86
CA HIS I 198 -4.74 34.30 7.63
C HIS I 198 -3.63 34.87 8.49
N LYS I 199 -3.20 34.07 9.47
CA LYS I 199 -2.09 34.45 10.33
C LYS I 199 -0.74 34.36 9.61
N THR I 200 -0.64 33.54 8.56
CA THR I 200 0.60 33.40 7.82
C THR I 200 0.81 34.57 6.85
N SER I 201 -0.28 35.13 6.32
CA SER I 201 -0.22 36.19 5.33
C SER I 201 -0.85 37.44 5.90
N THR I 202 -0.07 38.53 5.96
CA THR I 202 -0.61 39.81 6.40
C THR I 202 -1.64 40.34 5.41
N SER I 203 -1.45 40.06 4.11
CA SER I 203 -2.38 40.45 3.06
C SER I 203 -3.27 39.28 2.68
N PRO I 204 -4.56 39.50 2.41
CA PRO I 204 -5.45 38.38 2.08
C PRO I 204 -5.11 37.75 0.73
N ILE I 205 -5.20 36.42 0.68
CA ILE I 205 -5.08 35.69 -0.58
C ILE I 205 -6.40 35.80 -1.33
N VAL I 206 -6.32 36.16 -2.62
CA VAL I 206 -7.50 36.50 -3.40
C VAL I 206 -7.54 35.64 -4.66
N LYS I 207 -8.69 35.02 -4.91
CA LYS I 207 -9.02 34.43 -6.19
C LYS I 207 -10.40 34.95 -6.59
N SER I 208 -10.71 34.91 -7.88
CA SER I 208 -11.97 35.46 -8.32
C SER I 208 -12.33 34.94 -9.70
N PHE I 209 -13.64 34.92 -9.97
CA PHE I 209 -14.18 34.64 -11.30
C PHE I 209 -15.34 35.59 -11.55
N ASN I 210 -15.64 35.82 -12.82
CA ASN I 210 -16.73 36.71 -13.22
C ASN I 210 -17.54 36.05 -14.33
N ARG I 211 -18.42 36.83 -14.94
CA ARG I 211 -19.31 36.36 -16.00
C ARG I 211 -18.53 35.67 -17.12
N ASN I 212 -19.22 34.85 -17.90
CA ASN I 212 -18.60 34.14 -19.02
C ASN I 212 -17.82 35.09 -19.91
N GLU J 5 -25.27 2.41 81.49
CA GLU J 5 -24.67 1.10 81.73
C GLU J 5 -25.29 0.04 80.83
N VAL J 6 -24.55 -1.04 80.57
CA VAL J 6 -25.06 -2.11 79.74
C VAL J 6 -26.14 -2.87 80.52
N TRP J 7 -27.30 -3.05 79.89
CA TRP J 7 -28.39 -3.73 80.56
C TRP J 7 -28.02 -5.20 80.78
N PRO J 8 -28.17 -5.74 82.01
CA PRO J 8 -27.78 -7.15 82.25
C PRO J 8 -28.45 -8.12 81.30
N VAL J 9 -27.86 -9.31 81.15
CA VAL J 9 -28.30 -10.28 80.16
C VAL J 9 -28.42 -11.66 80.82
N ASP J 10 -29.10 -12.56 80.11
CA ASP J 10 -29.30 -13.93 80.58
C ASP J 10 -28.03 -14.75 80.38
N PRO J 11 -27.90 -15.86 81.11
CA PRO J 11 -26.71 -16.69 80.95
C PRO J 11 -26.82 -17.59 79.73
N PRO J 12 -25.71 -18.09 79.21
CA PRO J 12 -25.77 -18.95 78.03
C PRO J 12 -26.51 -20.25 78.34
N PRO J 13 -27.13 -20.88 77.34
CA PRO J 13 -27.77 -22.18 77.56
C PRO J 13 -26.75 -23.28 77.77
N PRO J 14 -27.19 -24.52 78.00
CA PRO J 14 -26.24 -25.64 78.11
C PRO J 14 -25.58 -25.94 76.77
N VAL J 15 -24.28 -26.22 76.82
CA VAL J 15 -23.50 -26.40 75.60
C VAL J 15 -23.81 -27.74 74.93
N ASN J 16 -24.09 -28.79 75.70
CA ASN J 16 -24.37 -30.11 75.17
C ASN J 16 -23.18 -30.69 74.38
N PHE J 17 -22.14 -31.02 75.12
CA PHE J 17 -21.00 -31.69 74.52
C PHE J 17 -21.28 -33.19 74.43
N ASN J 18 -20.25 -33.94 73.99
CA ASN J 18 -20.19 -35.40 73.94
C ASN J 18 -21.04 -36.04 72.87
N LYS J 19 -21.87 -35.24 72.18
CA LYS J 19 -23.03 -35.82 71.48
C LYS J 19 -22.64 -37.07 70.72
N THR J 20 -21.89 -36.89 69.64
CA THR J 20 -21.14 -37.95 68.97
C THR J 20 -20.61 -37.33 67.69
N ALA J 21 -19.65 -37.99 67.03
CA ALA J 21 -19.12 -37.40 65.81
C ALA J 21 -20.12 -37.56 64.65
N GLU J 22 -20.78 -38.72 64.59
CA GLU J 22 -21.66 -39.06 63.48
C GLU J 22 -23.01 -38.33 63.49
N GLN J 23 -23.37 -37.63 64.57
CA GLN J 23 -24.63 -36.89 64.60
C GLN J 23 -24.46 -35.38 64.53
N GLU J 24 -23.33 -34.84 64.97
CA GLU J 24 -23.05 -33.42 64.71
C GLU J 24 -23.04 -33.15 63.22
N TYR J 25 -22.32 -33.97 62.45
CA TYR J 25 -22.40 -33.98 61.01
C TYR J 25 -23.35 -35.10 60.56
N GLY J 26 -23.61 -35.16 59.27
CA GLY J 26 -24.61 -36.10 58.79
C GLY J 26 -24.16 -37.12 57.76
N ASP J 27 -24.09 -38.38 58.19
CA ASP J 27 -24.02 -39.54 57.32
C ASP J 27 -22.68 -39.69 56.61
N LYS J 28 -21.84 -38.66 56.67
CA LYS J 28 -20.45 -38.72 56.21
C LYS J 28 -20.33 -38.98 54.71
N GLU J 29 -21.44 -39.28 54.02
CA GLU J 29 -21.42 -39.65 52.61
C GLU J 29 -22.21 -38.59 51.85
N VAL J 30 -21.52 -37.82 51.03
CA VAL J 30 -22.12 -36.69 50.34
C VAL J 30 -22.01 -36.90 48.84
N LYS J 31 -22.91 -36.24 48.11
CA LYS J 31 -22.89 -36.20 46.66
C LYS J 31 -22.84 -34.74 46.25
N LEU J 32 -21.76 -34.34 45.59
CA LEU J 32 -21.60 -32.95 45.25
C LEU J 32 -22.69 -32.53 44.27
N PRO J 33 -23.12 -31.27 44.32
CA PRO J 33 -24.39 -30.91 43.67
C PRO J 33 -24.32 -30.73 42.16
N HIS J 34 -23.14 -30.40 41.63
CA HIS J 34 -23.01 -30.01 40.23
C HIS J 34 -22.15 -30.98 39.43
N TRP J 35 -22.07 -32.23 39.87
CA TRP J 35 -21.39 -33.28 39.12
C TRP J 35 -22.32 -33.89 38.09
#